data_1XKI
# 
_entry.id   1XKI 
# 
_audit_conform.dict_name       mmcif_pdbx.dic 
_audit_conform.dict_version    5.392 
_audit_conform.dict_location   http://mmcif.pdb.org/dictionaries/ascii/mmcif_pdbx.dic 
# 
loop_
_database_2.database_id 
_database_2.database_code 
_database_2.pdbx_database_accession 
_database_2.pdbx_DOI 
PDB   1XKI         pdb_00001xki 10.2210/pdb1xki/pdb 
RCSB  RCSB030458   ?            ?                   
WWPDB D_1000030458 ?            ?                   
# 
loop_
_pdbx_audit_revision_history.ordinal 
_pdbx_audit_revision_history.data_content_type 
_pdbx_audit_revision_history.major_revision 
_pdbx_audit_revision_history.minor_revision 
_pdbx_audit_revision_history.revision_date 
1 'Structure model' 1 0 2004-10-19 
2 'Structure model' 1 1 2008-04-30 
3 'Structure model' 1 2 2011-07-13 
4 'Structure model' 1 3 2021-11-10 
5 'Structure model' 1 4 2024-05-29 
# 
_pdbx_audit_revision_details.ordinal             1 
_pdbx_audit_revision_details.revision_ordinal    1 
_pdbx_audit_revision_details.data_content_type   'Structure model' 
_pdbx_audit_revision_details.provider            repository 
_pdbx_audit_revision_details.type                'Initial release' 
_pdbx_audit_revision_details.description         ? 
_pdbx_audit_revision_details.details             ? 
# 
loop_
_pdbx_audit_revision_group.ordinal 
_pdbx_audit_revision_group.revision_ordinal 
_pdbx_audit_revision_group.data_content_type 
_pdbx_audit_revision_group.group 
1 2 'Structure model' 'Version format compliance' 
2 3 'Structure model' 'Version format compliance' 
3 4 'Structure model' 'Database references'       
4 4 'Structure model' 'Derived calculations'      
5 5 'Structure model' 'Data collection'           
# 
loop_
_pdbx_audit_revision_category.ordinal 
_pdbx_audit_revision_category.revision_ordinal 
_pdbx_audit_revision_category.data_content_type 
_pdbx_audit_revision_category.category 
1 4 'Structure model' database_2             
2 4 'Structure model' pdbx_struct_conn_angle 
3 4 'Structure model' struct_conn            
4 4 'Structure model' struct_ref_seq_dif     
5 4 'Structure model' struct_site            
6 5 'Structure model' chem_comp_atom         
7 5 'Structure model' chem_comp_bond         
# 
loop_
_pdbx_audit_revision_item.ordinal 
_pdbx_audit_revision_item.revision_ordinal 
_pdbx_audit_revision_item.data_content_type 
_pdbx_audit_revision_item.item 
1  4 'Structure model' '_database_2.pdbx_DOI'                        
2  4 'Structure model' '_database_2.pdbx_database_accession'         
3  4 'Structure model' '_pdbx_struct_conn_angle.ptnr1_auth_comp_id'  
4  4 'Structure model' '_pdbx_struct_conn_angle.ptnr1_auth_seq_id'   
5  4 'Structure model' '_pdbx_struct_conn_angle.ptnr1_label_asym_id' 
6  4 'Structure model' '_pdbx_struct_conn_angle.ptnr1_label_atom_id' 
7  4 'Structure model' '_pdbx_struct_conn_angle.ptnr1_label_comp_id' 
8  4 'Structure model' '_pdbx_struct_conn_angle.ptnr1_label_seq_id'  
9  4 'Structure model' '_pdbx_struct_conn_angle.ptnr1_symmetry'      
10 4 'Structure model' '_pdbx_struct_conn_angle.ptnr2_auth_seq_id'   
11 4 'Structure model' '_pdbx_struct_conn_angle.ptnr2_label_asym_id' 
12 4 'Structure model' '_pdbx_struct_conn_angle.ptnr3_auth_comp_id'  
13 4 'Structure model' '_pdbx_struct_conn_angle.ptnr3_auth_seq_id'   
14 4 'Structure model' '_pdbx_struct_conn_angle.ptnr3_label_asym_id' 
15 4 'Structure model' '_pdbx_struct_conn_angle.ptnr3_label_atom_id' 
16 4 'Structure model' '_pdbx_struct_conn_angle.ptnr3_label_comp_id' 
17 4 'Structure model' '_pdbx_struct_conn_angle.ptnr3_label_seq_id'  
18 4 'Structure model' '_pdbx_struct_conn_angle.ptnr3_symmetry'      
19 4 'Structure model' '_pdbx_struct_conn_angle.value'               
20 4 'Structure model' '_struct_conn.pdbx_dist_value'                
21 4 'Structure model' '_struct_conn.ptnr1_auth_comp_id'             
22 4 'Structure model' '_struct_conn.ptnr1_auth_seq_id'              
23 4 'Structure model' '_struct_conn.ptnr1_label_asym_id'            
24 4 'Structure model' '_struct_conn.ptnr1_label_atom_id'            
25 4 'Structure model' '_struct_conn.ptnr1_label_comp_id'            
26 4 'Structure model' '_struct_conn.ptnr1_label_seq_id'             
27 4 'Structure model' '_struct_conn.ptnr1_symmetry'                 
28 4 'Structure model' '_struct_conn.ptnr2_auth_comp_id'             
29 4 'Structure model' '_struct_conn.ptnr2_auth_seq_id'              
30 4 'Structure model' '_struct_conn.ptnr2_label_asym_id'            
31 4 'Structure model' '_struct_conn.ptnr2_label_atom_id'            
32 4 'Structure model' '_struct_conn.ptnr2_label_comp_id'            
33 4 'Structure model' '_struct_conn.ptnr2_label_seq_id'             
34 4 'Structure model' '_struct_conn.ptnr2_symmetry'                 
35 4 'Structure model' '_struct_ref_seq_dif.details'                 
36 4 'Structure model' '_struct_site.pdbx_auth_asym_id'              
37 4 'Structure model' '_struct_site.pdbx_auth_comp_id'              
38 4 'Structure model' '_struct_site.pdbx_auth_seq_id'               
# 
_pdbx_database_status.status_code                     REL 
_pdbx_database_status.entry_id                        1XKI 
_pdbx_database_status.recvd_initial_deposition_date   2004-09-29 
_pdbx_database_status.deposit_site                    RCSB 
_pdbx_database_status.process_site                    PDBJ 
_pdbx_database_status.status_code_sf                  REL 
_pdbx_database_status.status_code_mr                  ? 
_pdbx_database_status.SG_entry                        ? 
_pdbx_database_status.pdb_format_compatible           Y 
_pdbx_database_status.status_code_cs                  ? 
_pdbx_database_status.status_code_nmr_data            ? 
_pdbx_database_status.methods_development_category    ? 
# 
loop_
_audit_author.name 
_audit_author.pdbx_ordinal 
'Breustedt, D.A.'   1 
'Korndoerfer, I.P.' 2 
'Redl, B.'          3 
'Skerra, A.'        4 
# 
_citation.id                        primary 
_citation.title                     
'The 1.8-A crystal structure of human tear lipocalin reveals an extended branched cavity with capacity for multiple ligands' 
_citation.journal_abbrev            J.Biol.Chem. 
_citation.journal_volume            280 
_citation.page_first                484 
_citation.page_last                 493 
_citation.year                      2005 
_citation.journal_id_ASTM           JBCHA3 
_citation.country                   US 
_citation.journal_id_ISSN           0021-9258 
_citation.journal_id_CSD            0071 
_citation.book_publisher            ? 
_citation.pdbx_database_id_PubMed   15489503 
_citation.pdbx_database_id_DOI      10.1074/jbc.M410466200 
# 
loop_
_citation_author.citation_id 
_citation_author.name 
_citation_author.ordinal 
_citation_author.identifier_ORCID 
primary 'Breustedt, D.A.'   1 ? 
primary 'Korndoerfer, I.P.' 2 ? 
primary 'Redl, B.'          3 ? 
primary 'Skerra, A.'        4 ? 
# 
loop_
_entity.id 
_entity.type 
_entity.src_method 
_entity.pdbx_description 
_entity.formula_weight 
_entity.pdbx_number_of_molecules 
_entity.pdbx_ec 
_entity.pdbx_mutation 
_entity.pdbx_fragment 
_entity.details 
1 polymer     man 
;Von Ebner's gland protein
;
17949.180 1   ? 'C101S, D158A' ? ? 
2 non-polymer syn 'ZINC ION'                  65.409    3   ? ?              ? ? 
3 non-polymer syn 'CHLORIDE ION'              35.453    2   ? ?              ? ? 
4 water       nat water                       18.015    146 ? ?              ? ? 
# 
_entity_name_com.entity_id   1 
_entity_name_com.name        'Tear lipocalin, VEG protein, Tear prealbumin, TP, Lipocalin 1' 
# 
_entity_poly.entity_id                      1 
_entity_poly.type                           'polypeptide(L)' 
_entity_poly.nstd_linkage                   no 
_entity_poly.nstd_monomer                   no 
_entity_poly.pdbx_seq_one_letter_code       
;ASDEEIQDVSGTWYLKAMTVDREFPEMNLESVTPMTLTTLEGGNLEAKVTMLISGRCQEVKAVLEKTDEPGKYTADGGKH
VAYIIRSHVKDHYIFYSEGELHGKPVRGVKLVGRDPKNNLEALEDFEKAAGARGLSTESILIPRQSETCSPGSAWSHPQF
EK
;
_entity_poly.pdbx_seq_one_letter_code_can   
;ASDEEIQDVSGTWYLKAMTVDREFPEMNLESVTPMTLTTLEGGNLEAKVTMLISGRCQEVKAVLEKTDEPGKYTADGGKH
VAYIIRSHVKDHYIFYSEGELHGKPVRGVKLVGRDPKNNLEALEDFEKAAGARGLSTESILIPRQSETCSPGSAWSHPQF
EK
;
_entity_poly.pdbx_strand_id                 A 
_entity_poly.pdbx_target_identifier         ? 
# 
loop_
_pdbx_entity_nonpoly.entity_id 
_pdbx_entity_nonpoly.name 
_pdbx_entity_nonpoly.comp_id 
2 'ZINC ION'     ZN  
3 'CHLORIDE ION' CL  
4 water          HOH 
# 
loop_
_entity_poly_seq.entity_id 
_entity_poly_seq.num 
_entity_poly_seq.mon_id 
_entity_poly_seq.hetero 
1 1   ALA n 
1 2   SER n 
1 3   ASP n 
1 4   GLU n 
1 5   GLU n 
1 6   ILE n 
1 7   GLN n 
1 8   ASP n 
1 9   VAL n 
1 10  SER n 
1 11  GLY n 
1 12  THR n 
1 13  TRP n 
1 14  TYR n 
1 15  LEU n 
1 16  LYS n 
1 17  ALA n 
1 18  MET n 
1 19  THR n 
1 20  VAL n 
1 21  ASP n 
1 22  ARG n 
1 23  GLU n 
1 24  PHE n 
1 25  PRO n 
1 26  GLU n 
1 27  MET n 
1 28  ASN n 
1 29  LEU n 
1 30  GLU n 
1 31  SER n 
1 32  VAL n 
1 33  THR n 
1 34  PRO n 
1 35  MET n 
1 36  THR n 
1 37  LEU n 
1 38  THR n 
1 39  THR n 
1 40  LEU n 
1 41  GLU n 
1 42  GLY n 
1 43  GLY n 
1 44  ASN n 
1 45  LEU n 
1 46  GLU n 
1 47  ALA n 
1 48  LYS n 
1 49  VAL n 
1 50  THR n 
1 51  MET n 
1 52  LEU n 
1 53  ILE n 
1 54  SER n 
1 55  GLY n 
1 56  ARG n 
1 57  CYS n 
1 58  GLN n 
1 59  GLU n 
1 60  VAL n 
1 61  LYS n 
1 62  ALA n 
1 63  VAL n 
1 64  LEU n 
1 65  GLU n 
1 66  LYS n 
1 67  THR n 
1 68  ASP n 
1 69  GLU n 
1 70  PRO n 
1 71  GLY n 
1 72  LYS n 
1 73  TYR n 
1 74  THR n 
1 75  ALA n 
1 76  ASP n 
1 77  GLY n 
1 78  GLY n 
1 79  LYS n 
1 80  HIS n 
1 81  VAL n 
1 82  ALA n 
1 83  TYR n 
1 84  ILE n 
1 85  ILE n 
1 86  ARG n 
1 87  SER n 
1 88  HIS n 
1 89  VAL n 
1 90  LYS n 
1 91  ASP n 
1 92  HIS n 
1 93  TYR n 
1 94  ILE n 
1 95  PHE n 
1 96  TYR n 
1 97  SER n 
1 98  GLU n 
1 99  GLY n 
1 100 GLU n 
1 101 LEU n 
1 102 HIS n 
1 103 GLY n 
1 104 LYS n 
1 105 PRO n 
1 106 VAL n 
1 107 ARG n 
1 108 GLY n 
1 109 VAL n 
1 110 LYS n 
1 111 LEU n 
1 112 VAL n 
1 113 GLY n 
1 114 ARG n 
1 115 ASP n 
1 116 PRO n 
1 117 LYS n 
1 118 ASN n 
1 119 ASN n 
1 120 LEU n 
1 121 GLU n 
1 122 ALA n 
1 123 LEU n 
1 124 GLU n 
1 125 ASP n 
1 126 PHE n 
1 127 GLU n 
1 128 LYS n 
1 129 ALA n 
1 130 ALA n 
1 131 GLY n 
1 132 ALA n 
1 133 ARG n 
1 134 GLY n 
1 135 LEU n 
1 136 SER n 
1 137 THR n 
1 138 GLU n 
1 139 SER n 
1 140 ILE n 
1 141 LEU n 
1 142 ILE n 
1 143 PRO n 
1 144 ARG n 
1 145 GLN n 
1 146 SER n 
1 147 GLU n 
1 148 THR n 
1 149 CYS n 
1 150 SER n 
1 151 PRO n 
1 152 GLY n 
1 153 SER n 
1 154 ALA n 
1 155 TRP n 
1 156 SER n 
1 157 HIS n 
1 158 PRO n 
1 159 GLN n 
1 160 PHE n 
1 161 GLU n 
1 162 LYS n 
# 
_entity_src_gen.entity_id                          1 
_entity_src_gen.pdbx_src_id                        1 
_entity_src_gen.pdbx_alt_source_flag               sample 
_entity_src_gen.pdbx_seq_type                      ? 
_entity_src_gen.pdbx_beg_seq_num                   ? 
_entity_src_gen.pdbx_end_seq_num                   ? 
_entity_src_gen.gene_src_common_name               human 
_entity_src_gen.gene_src_genus                     Homo 
_entity_src_gen.pdbx_gene_src_gene                 LCN1 
_entity_src_gen.gene_src_species                   ? 
_entity_src_gen.gene_src_strain                    ? 
_entity_src_gen.gene_src_tissue                    ? 
_entity_src_gen.gene_src_tissue_fraction           ? 
_entity_src_gen.gene_src_details                   ? 
_entity_src_gen.pdbx_gene_src_fragment             ? 
_entity_src_gen.pdbx_gene_src_scientific_name      'Homo sapiens' 
_entity_src_gen.pdbx_gene_src_ncbi_taxonomy_id     9606 
_entity_src_gen.pdbx_gene_src_variant              ? 
_entity_src_gen.pdbx_gene_src_cell_line            ? 
_entity_src_gen.pdbx_gene_src_atcc                 ? 
_entity_src_gen.pdbx_gene_src_organ                ? 
_entity_src_gen.pdbx_gene_src_organelle            ? 
_entity_src_gen.pdbx_gene_src_cell                 ? 
_entity_src_gen.pdbx_gene_src_cellular_location    ? 
_entity_src_gen.host_org_common_name               ? 
_entity_src_gen.pdbx_host_org_scientific_name      'Escherichia coli' 
_entity_src_gen.pdbx_host_org_ncbi_taxonomy_id     562 
_entity_src_gen.host_org_genus                     Escherichia 
_entity_src_gen.pdbx_host_org_gene                 ? 
_entity_src_gen.pdbx_host_org_organ                ? 
_entity_src_gen.host_org_species                   ? 
_entity_src_gen.pdbx_host_org_tissue               ? 
_entity_src_gen.pdbx_host_org_tissue_fraction      ? 
_entity_src_gen.pdbx_host_org_strain               JM83 
_entity_src_gen.pdbx_host_org_variant              ? 
_entity_src_gen.pdbx_host_org_cell_line            ? 
_entity_src_gen.pdbx_host_org_atcc                 ? 
_entity_src_gen.pdbx_host_org_culture_collection   ? 
_entity_src_gen.pdbx_host_org_cell                 ? 
_entity_src_gen.pdbx_host_org_organelle            ? 
_entity_src_gen.pdbx_host_org_cellular_location    ? 
_entity_src_gen.pdbx_host_org_vector_type          Plasmid 
_entity_src_gen.pdbx_host_org_vector               ? 
_entity_src_gen.host_org_details                   ? 
_entity_src_gen.expression_system_id               ? 
_entity_src_gen.plasmid_name                       pTlc3 
_entity_src_gen.plasmid_details                    ? 
_entity_src_gen.pdbx_description                   ? 
# 
loop_
_chem_comp.id 
_chem_comp.type 
_chem_comp.mon_nstd_flag 
_chem_comp.name 
_chem_comp.pdbx_synonyms 
_chem_comp.formula 
_chem_comp.formula_weight 
ALA 'L-peptide linking' y ALANINE         ? 'C3 H7 N O2'     89.093  
ARG 'L-peptide linking' y ARGININE        ? 'C6 H15 N4 O2 1' 175.209 
ASN 'L-peptide linking' y ASPARAGINE      ? 'C4 H8 N2 O3'    132.118 
ASP 'L-peptide linking' y 'ASPARTIC ACID' ? 'C4 H7 N O4'     133.103 
CL  non-polymer         . 'CHLORIDE ION'  ? 'Cl -1'          35.453  
CYS 'L-peptide linking' y CYSTEINE        ? 'C3 H7 N O2 S'   121.158 
GLN 'L-peptide linking' y GLUTAMINE       ? 'C5 H10 N2 O3'   146.144 
GLU 'L-peptide linking' y 'GLUTAMIC ACID' ? 'C5 H9 N O4'     147.129 
GLY 'peptide linking'   y GLYCINE         ? 'C2 H5 N O2'     75.067  
HIS 'L-peptide linking' y HISTIDINE       ? 'C6 H10 N3 O2 1' 156.162 
HOH non-polymer         . WATER           ? 'H2 O'           18.015  
ILE 'L-peptide linking' y ISOLEUCINE      ? 'C6 H13 N O2'    131.173 
LEU 'L-peptide linking' y LEUCINE         ? 'C6 H13 N O2'    131.173 
LYS 'L-peptide linking' y LYSINE          ? 'C6 H15 N2 O2 1' 147.195 
MET 'L-peptide linking' y METHIONINE      ? 'C5 H11 N O2 S'  149.211 
PHE 'L-peptide linking' y PHENYLALANINE   ? 'C9 H11 N O2'    165.189 
PRO 'L-peptide linking' y PROLINE         ? 'C5 H9 N O2'     115.130 
SER 'L-peptide linking' y SERINE          ? 'C3 H7 N O3'     105.093 
THR 'L-peptide linking' y THREONINE       ? 'C4 H9 N O3'     119.119 
TRP 'L-peptide linking' y TRYPTOPHAN      ? 'C11 H12 N2 O2'  204.225 
TYR 'L-peptide linking' y TYROSINE        ? 'C9 H11 N O3'    181.189 
VAL 'L-peptide linking' y VALINE          ? 'C5 H11 N O2'    117.146 
ZN  non-polymer         . 'ZINC ION'      ? 'Zn 2'           65.409  
# 
loop_
_pdbx_poly_seq_scheme.asym_id 
_pdbx_poly_seq_scheme.entity_id 
_pdbx_poly_seq_scheme.seq_id 
_pdbx_poly_seq_scheme.mon_id 
_pdbx_poly_seq_scheme.ndb_seq_num 
_pdbx_poly_seq_scheme.pdb_seq_num 
_pdbx_poly_seq_scheme.auth_seq_num 
_pdbx_poly_seq_scheme.pdb_mon_id 
_pdbx_poly_seq_scheme.auth_mon_id 
_pdbx_poly_seq_scheme.pdb_strand_id 
_pdbx_poly_seq_scheme.pdb_ins_code 
_pdbx_poly_seq_scheme.hetero 
A 1 1   ALA 1   5   ?   ?   ?   A . n 
A 1 2   SER 2   6   ?   ?   ?   A . n 
A 1 3   ASP 3   7   ?   ?   ?   A . n 
A 1 4   GLU 4   8   ?   ?   ?   A . n 
A 1 5   GLU 5   9   ?   ?   ?   A . n 
A 1 6   ILE 6   10  ?   ?   ?   A . n 
A 1 7   GLN 7   11  ?   ?   ?   A . n 
A 1 8   ASP 8   12  12  ASP ASP A . n 
A 1 9   VAL 9   13  13  VAL VAL A . n 
A 1 10  SER 10  14  14  SER SER A . n 
A 1 11  GLY 11  15  15  GLY GLY A . n 
A 1 12  THR 12  16  16  THR THR A . n 
A 1 13  TRP 13  17  17  TRP TRP A . n 
A 1 14  TYR 14  18  18  TYR TYR A . n 
A 1 15  LEU 15  19  19  LEU LEU A . n 
A 1 16  LYS 16  20  20  LYS LYS A . n 
A 1 17  ALA 17  21  21  ALA ALA A . n 
A 1 18  MET 18  22  22  MET MET A . n 
A 1 19  THR 19  23  23  THR THR A . n 
A 1 20  VAL 20  24  24  VAL VAL A . n 
A 1 21  ASP 21  25  ?   ?   ?   A . n 
A 1 22  ARG 22  26  ?   ?   ?   A . n 
A 1 23  GLU 23  27  ?   ?   ?   A . n 
A 1 24  PHE 24  28  ?   ?   ?   A . n 
A 1 25  PRO 25  29  ?   ?   ?   A . n 
A 1 26  GLU 26  30  ?   ?   ?   A . n 
A 1 27  MET 27  31  ?   ?   ?   A . n 
A 1 28  ASN 28  32  32  ASN ASN A . n 
A 1 29  LEU 29  33  33  LEU LEU A . n 
A 1 30  GLU 30  34  34  GLU GLU A . n 
A 1 31  SER 31  35  35  SER SER A . n 
A 1 32  VAL 32  36  36  VAL VAL A . n 
A 1 33  THR 33  37  37  THR THR A . n 
A 1 34  PRO 34  38  38  PRO PRO A . n 
A 1 35  MET 35  39  39  MET MET A . n 
A 1 36  THR 36  40  40  THR THR A . n 
A 1 37  LEU 37  41  41  LEU LEU A . n 
A 1 38  THR 38  42  42  THR THR A . n 
A 1 39  THR 39  43  43  THR THR A . n 
A 1 40  LEU 40  44  44  LEU LEU A . n 
A 1 41  GLU 41  45  45  GLU GLU A . n 
A 1 42  GLY 42  46  46  GLY GLY A . n 
A 1 43  GLY 43  47  47  GLY GLY A . n 
A 1 44  ASN 44  48  48  ASN ASN A . n 
A 1 45  LEU 45  49  49  LEU LEU A . n 
A 1 46  GLU 46  50  50  GLU GLU A . n 
A 1 47  ALA 47  51  51  ALA ALA A . n 
A 1 48  LYS 48  52  52  LYS LYS A . n 
A 1 49  VAL 49  53  53  VAL VAL A . n 
A 1 50  THR 50  54  54  THR THR A . n 
A 1 51  MET 51  55  55  MET MET A . n 
A 1 52  LEU 52  56  ?   ?   ?   A . n 
A 1 53  ILE 53  57  ?   ?   ?   A . n 
A 1 54  SER 54  58  58  SER SER A . n 
A 1 55  GLY 55  59  59  GLY GLY A . n 
A 1 56  ARG 56  60  60  ARG ARG A . n 
A 1 57  CYS 57  61  61  CYS CYS A . n 
A 1 58  GLN 58  62  62  GLN GLN A . n 
A 1 59  GLU 59  63  63  GLU GLU A . n 
A 1 60  VAL 60  64  64  VAL VAL A . n 
A 1 61  LYS 61  65  65  LYS LYS A . n 
A 1 62  ALA 62  66  66  ALA ALA A . n 
A 1 63  VAL 63  67  67  VAL VAL A . n 
A 1 64  LEU 64  68  68  LEU LEU A . n 
A 1 65  GLU 65  69  69  GLU GLU A . n 
A 1 66  LYS 66  70  70  LYS LYS A . n 
A 1 67  THR 67  71  71  THR THR A . n 
A 1 68  ASP 68  72  72  ASP ASP A . n 
A 1 69  GLU 69  73  73  GLU GLU A . n 
A 1 70  PRO 70  74  74  PRO PRO A . n 
A 1 71  GLY 71  75  75  GLY GLY A . n 
A 1 72  LYS 72  76  76  LYS LYS A . n 
A 1 73  TYR 73  77  77  TYR TYR A . n 
A 1 74  THR 74  78  78  THR THR A . n 
A 1 75  ALA 75  79  79  ALA ALA A . n 
A 1 76  ASP 76  80  80  ASP ASP A . n 
A 1 77  GLY 77  81  81  GLY GLY A . n 
A 1 78  GLY 78  82  82  GLY GLY A . n 
A 1 79  LYS 79  83  83  LYS LYS A . n 
A 1 80  HIS 80  84  84  HIS HIS A . n 
A 1 81  VAL 81  85  85  VAL VAL A . n 
A 1 82  ALA 82  86  86  ALA ALA A . n 
A 1 83  TYR 83  87  87  TYR TYR A . n 
A 1 84  ILE 84  88  88  ILE ILE A . n 
A 1 85  ILE 85  89  89  ILE ILE A . n 
A 1 86  ARG 86  90  90  ARG ARG A . n 
A 1 87  SER 87  91  91  SER SER A . n 
A 1 88  HIS 88  92  92  HIS HIS A . n 
A 1 89  VAL 89  93  93  VAL VAL A . n 
A 1 90  LYS 90  94  94  LYS LYS A . n 
A 1 91  ASP 91  95  95  ASP ASP A . n 
A 1 92  HIS 92  96  96  HIS HIS A . n 
A 1 93  TYR 93  97  97  TYR TYR A . n 
A 1 94  ILE 94  98  98  ILE ILE A . n 
A 1 95  PHE 95  99  99  PHE PHE A . n 
A 1 96  TYR 96  100 100 TYR TYR A . n 
A 1 97  SER 97  101 101 SER SER A . n 
A 1 98  GLU 98  102 102 GLU GLU A . n 
A 1 99  GLY 99  103 103 GLY GLY A . n 
A 1 100 GLU 100 104 104 GLU GLU A . n 
A 1 101 LEU 101 105 ?   ?   ?   A . n 
A 1 102 HIS 102 106 ?   ?   ?   A . n 
A 1 103 GLY 103 107 107 GLY GLY A . n 
A 1 104 LYS 104 108 108 LYS LYS A . n 
A 1 105 PRO 105 109 109 PRO PRO A . n 
A 1 106 VAL 106 110 110 VAL VAL A . n 
A 1 107 ARG 107 111 111 ARG ARG A . n 
A 1 108 GLY 108 112 112 GLY GLY A . n 
A 1 109 VAL 109 113 113 VAL VAL A . n 
A 1 110 LYS 110 114 114 LYS LYS A . n 
A 1 111 LEU 111 115 115 LEU LEU A . n 
A 1 112 VAL 112 116 116 VAL VAL A . n 
A 1 113 GLY 113 117 117 GLY GLY A . n 
A 1 114 ARG 114 118 118 ARG ARG A . n 
A 1 115 ASP 115 119 119 ASP ASP A . n 
A 1 116 PRO 116 120 120 PRO PRO A . n 
A 1 117 LYS 117 121 121 LYS LYS A . n 
A 1 118 ASN 118 122 122 ASN ASN A . n 
A 1 119 ASN 119 123 123 ASN ASN A . n 
A 1 120 LEU 120 124 124 LEU LEU A . n 
A 1 121 GLU 121 125 125 GLU GLU A . n 
A 1 122 ALA 122 126 126 ALA ALA A . n 
A 1 123 LEU 123 127 127 LEU LEU A . n 
A 1 124 GLU 124 128 128 GLU GLU A . n 
A 1 125 ASP 125 129 129 ASP ASP A . n 
A 1 126 PHE 126 130 130 PHE PHE A . n 
A 1 127 GLU 127 131 131 GLU GLU A . n 
A 1 128 LYS 128 132 132 LYS LYS A . n 
A 1 129 ALA 129 133 133 ALA ALA A . n 
A 1 130 ALA 130 134 134 ALA ALA A . n 
A 1 131 GLY 131 135 135 GLY GLY A . n 
A 1 132 ALA 132 136 136 ALA ALA A . n 
A 1 133 ARG 133 137 137 ARG ARG A . n 
A 1 134 GLY 134 138 138 GLY GLY A . n 
A 1 135 LEU 135 139 139 LEU LEU A . n 
A 1 136 SER 136 140 140 SER SER A . n 
A 1 137 THR 137 141 141 THR THR A . n 
A 1 138 GLU 138 142 142 GLU GLU A . n 
A 1 139 SER 139 143 143 SER SER A . n 
A 1 140 ILE 140 144 144 ILE ILE A . n 
A 1 141 LEU 141 145 145 LEU LEU A . n 
A 1 142 ILE 142 146 146 ILE ILE A . n 
A 1 143 PRO 143 147 147 PRO PRO A . n 
A 1 144 ARG 144 148 148 ARG ARG A . n 
A 1 145 GLN 145 149 149 GLN GLN A . n 
A 1 146 SER 146 150 150 SER SER A . n 
A 1 147 GLU 147 151 ?   ?   ?   A . n 
A 1 148 THR 148 152 ?   ?   ?   A . n 
A 1 149 CYS 149 153 ?   ?   ?   A . n 
A 1 150 SER 150 154 ?   ?   ?   A . n 
A 1 151 PRO 151 155 ?   ?   ?   A . n 
A 1 152 GLY 152 156 ?   ?   ?   A . n 
A 1 153 SER 153 157 ?   ?   ?   A . n 
A 1 154 ALA 154 158 ?   ?   ?   A . n 
A 1 155 TRP 155 159 ?   ?   ?   A . n 
A 1 156 SER 156 160 ?   ?   ?   A . n 
A 1 157 HIS 157 161 ?   ?   ?   A . n 
A 1 158 PRO 158 162 ?   ?   ?   A . n 
A 1 159 GLN 159 163 ?   ?   ?   A . n 
A 1 160 PHE 160 164 ?   ?   ?   A . n 
A 1 161 GLU 161 165 ?   ?   ?   A . n 
A 1 162 LYS 162 166 ?   ?   ?   A . n 
# 
loop_
_pdbx_nonpoly_scheme.asym_id 
_pdbx_nonpoly_scheme.entity_id 
_pdbx_nonpoly_scheme.mon_id 
_pdbx_nonpoly_scheme.ndb_seq_num 
_pdbx_nonpoly_scheme.pdb_seq_num 
_pdbx_nonpoly_scheme.auth_seq_num 
_pdbx_nonpoly_scheme.pdb_mon_id 
_pdbx_nonpoly_scheme.auth_mon_id 
_pdbx_nonpoly_scheme.pdb_strand_id 
_pdbx_nonpoly_scheme.pdb_ins_code 
B 2 ZN  1   1001 1   ZN  ZN  A . 
C 2 ZN  1   1002 2   ZN  ZN  A . 
D 2 ZN  1   1003 3   ZN  ZN  A . 
E 3 CL  1   1004 4   CL  CL  A . 
F 3 CL  1   1005 5   CL  CL  A . 
G 4 HOH 1   1006 1   HOH HOH A . 
G 4 HOH 2   1007 2   HOH HOH A . 
G 4 HOH 3   1008 3   HOH HOH A . 
G 4 HOH 4   1009 4   HOH HOH A . 
G 4 HOH 5   1010 5   HOH HOH A . 
G 4 HOH 6   1011 6   HOH HOH A . 
G 4 HOH 7   1012 7   HOH HOH A . 
G 4 HOH 8   1013 8   HOH HOH A . 
G 4 HOH 9   1014 9   HOH HOH A . 
G 4 HOH 10  1015 10  HOH HOH A . 
G 4 HOH 11  1016 11  HOH HOH A . 
G 4 HOH 12  1017 12  HOH HOH A . 
G 4 HOH 13  1018 13  HOH HOH A . 
G 4 HOH 14  1019 14  HOH HOH A . 
G 4 HOH 15  1020 15  HOH HOH A . 
G 4 HOH 16  1021 16  HOH HOH A . 
G 4 HOH 17  1022 17  HOH HOH A . 
G 4 HOH 18  1023 18  HOH HOH A . 
G 4 HOH 19  1024 19  HOH HOH A . 
G 4 HOH 20  1025 20  HOH HOH A . 
G 4 HOH 21  1026 21  HOH HOH A . 
G 4 HOH 22  1027 22  HOH HOH A . 
G 4 HOH 23  1028 23  HOH HOH A . 
G 4 HOH 24  1029 24  HOH HOH A . 
G 4 HOH 25  1030 25  HOH HOH A . 
G 4 HOH 26  1031 26  HOH HOH A . 
G 4 HOH 27  1032 27  HOH HOH A . 
G 4 HOH 28  1033 28  HOH HOH A . 
G 4 HOH 29  1034 29  HOH HOH A . 
G 4 HOH 30  1035 30  HOH HOH A . 
G 4 HOH 31  1036 31  HOH HOH A . 
G 4 HOH 32  1037 32  HOH HOH A . 
G 4 HOH 33  1038 33  HOH HOH A . 
G 4 HOH 34  1039 34  HOH HOH A . 
G 4 HOH 35  1040 35  HOH HOH A . 
G 4 HOH 36  1041 36  HOH HOH A . 
G 4 HOH 37  1042 37  HOH HOH A . 
G 4 HOH 38  1043 38  HOH HOH A . 
G 4 HOH 39  1044 39  HOH HOH A . 
G 4 HOH 40  1045 40  HOH HOH A . 
G 4 HOH 41  1046 41  HOH HOH A . 
G 4 HOH 42  1047 42  HOH HOH A . 
G 4 HOH 43  1048 43  HOH HOH A . 
G 4 HOH 44  1049 44  HOH HOH A . 
G 4 HOH 45  1050 45  HOH HOH A . 
G 4 HOH 46  1051 46  HOH HOH A . 
G 4 HOH 47  1052 47  HOH HOH A . 
G 4 HOH 48  1053 48  HOH HOH A . 
G 4 HOH 49  1054 49  HOH HOH A . 
G 4 HOH 50  1055 50  HOH HOH A . 
G 4 HOH 51  1056 51  HOH HOH A . 
G 4 HOH 52  1057 52  HOH HOH A . 
G 4 HOH 53  1058 53  HOH HOH A . 
G 4 HOH 54  1059 54  HOH HOH A . 
G 4 HOH 55  1060 55  HOH HOH A . 
G 4 HOH 56  1061 56  HOH HOH A . 
G 4 HOH 57  1062 57  HOH HOH A . 
G 4 HOH 58  1063 58  HOH HOH A . 
G 4 HOH 59  1064 59  HOH HOH A . 
G 4 HOH 60  1065 60  HOH HOH A . 
G 4 HOH 61  1066 61  HOH HOH A . 
G 4 HOH 62  1067 62  HOH HOH A . 
G 4 HOH 63  1068 63  HOH HOH A . 
G 4 HOH 64  1069 64  HOH HOH A . 
G 4 HOH 65  1070 65  HOH HOH A . 
G 4 HOH 66  1071 66  HOH HOH A . 
G 4 HOH 67  1072 67  HOH HOH A . 
G 4 HOH 68  1073 68  HOH HOH A . 
G 4 HOH 69  1074 69  HOH HOH A . 
G 4 HOH 70  1075 70  HOH HOH A . 
G 4 HOH 71  1076 71  HOH HOH A . 
G 4 HOH 72  1077 72  HOH HOH A . 
G 4 HOH 73  1078 73  HOH HOH A . 
G 4 HOH 74  1079 74  HOH HOH A . 
G 4 HOH 75  1080 75  HOH HOH A . 
G 4 HOH 76  1081 76  HOH HOH A . 
G 4 HOH 77  1082 77  HOH HOH A . 
G 4 HOH 78  1083 78  HOH HOH A . 
G 4 HOH 79  1084 79  HOH HOH A . 
G 4 HOH 80  1085 80  HOH HOH A . 
G 4 HOH 81  1086 81  HOH HOH A . 
G 4 HOH 82  1087 82  HOH HOH A . 
G 4 HOH 83  1088 83  HOH HOH A . 
G 4 HOH 84  1089 84  HOH HOH A . 
G 4 HOH 85  1090 85  HOH HOH A . 
G 4 HOH 86  1091 86  HOH HOH A . 
G 4 HOH 87  1092 87  HOH HOH A . 
G 4 HOH 88  1093 88  HOH HOH A . 
G 4 HOH 89  1094 89  HOH HOH A . 
G 4 HOH 90  1095 90  HOH HOH A . 
G 4 HOH 91  1096 91  HOH HOH A . 
G 4 HOH 92  1097 92  HOH HOH A . 
G 4 HOH 93  1098 93  HOH HOH A . 
G 4 HOH 94  1099 94  HOH HOH A . 
G 4 HOH 95  1100 95  HOH HOH A . 
G 4 HOH 96  1101 96  HOH HOH A . 
G 4 HOH 97  1102 97  HOH HOH A . 
G 4 HOH 98  1103 98  HOH HOH A . 
G 4 HOH 99  1104 99  HOH HOH A . 
G 4 HOH 100 1105 100 HOH HOH A . 
G 4 HOH 101 1106 101 HOH HOH A . 
G 4 HOH 102 1107 102 HOH HOH A . 
G 4 HOH 103 1108 103 HOH HOH A . 
G 4 HOH 104 1109 104 HOH HOH A . 
G 4 HOH 105 1110 105 HOH HOH A . 
G 4 HOH 106 1111 106 HOH HOH A . 
G 4 HOH 107 1112 107 HOH HOH A . 
G 4 HOH 108 1113 108 HOH HOH A . 
G 4 HOH 109 1114 109 HOH HOH A . 
G 4 HOH 110 1115 110 HOH HOH A . 
G 4 HOH 111 1116 111 HOH HOH A . 
G 4 HOH 112 1117 112 HOH HOH A . 
G 4 HOH 113 1118 113 HOH HOH A . 
G 4 HOH 114 1119 114 HOH HOH A . 
G 4 HOH 115 1120 115 HOH HOH A . 
G 4 HOH 116 1121 116 HOH HOH A . 
G 4 HOH 117 1122 117 HOH HOH A . 
G 4 HOH 118 1123 118 HOH HOH A . 
G 4 HOH 119 1124 119 HOH HOH A . 
G 4 HOH 120 1125 120 HOH HOH A . 
G 4 HOH 121 1126 121 HOH HOH A . 
G 4 HOH 122 1127 122 HOH HOH A . 
G 4 HOH 123 1128 123 HOH HOH A . 
G 4 HOH 124 1129 124 HOH HOH A . 
G 4 HOH 125 1130 125 HOH HOH A . 
G 4 HOH 126 1131 126 HOH HOH A . 
G 4 HOH 127 1132 127 HOH HOH A . 
G 4 HOH 128 1133 128 HOH HOH A . 
G 4 HOH 129 1134 129 HOH HOH A . 
G 4 HOH 130 1135 130 HOH HOH A . 
G 4 HOH 131 1136 131 HOH HOH A . 
G 4 HOH 132 1137 132 HOH HOH A . 
G 4 HOH 133 1138 133 HOH HOH A . 
G 4 HOH 134 1139 134 HOH HOH A . 
G 4 HOH 135 1140 135 HOH HOH A . 
G 4 HOH 136 1141 136 HOH HOH A . 
G 4 HOH 137 1142 137 HOH HOH A . 
G 4 HOH 138 1143 138 HOH HOH A . 
G 4 HOH 139 1144 139 HOH HOH A . 
G 4 HOH 140 1145 140 HOH HOH A . 
G 4 HOH 141 1146 141 HOH HOH A . 
G 4 HOH 142 1147 142 HOH HOH A . 
G 4 HOH 143 1148 143 HOH HOH A . 
G 4 HOH 144 1149 144 HOH HOH A . 
G 4 HOH 145 1150 145 HOH HOH A . 
G 4 HOH 146 1151 146 HOH HOH A . 
# 
loop_
_software.name 
_software.classification 
_software.version 
_software.citation_id 
_software.pdbx_ordinal 
REFMAC refinement       5.2.0003  ? 1 
MOSFLM 'data reduction' .         ? 2 
CCP4   'data scaling'   '(SCALA)' ? 3 
SHARP  phasing          .         ? 4 
# 
_cell.entry_id           1XKI 
_cell.length_a           76.397 
_cell.length_b           61.415 
_cell.length_c           50.798 
_cell.angle_alpha        90.00 
_cell.angle_beta         129.71 
_cell.angle_gamma        90.00 
_cell.Z_PDB              4 
_cell.pdbx_unique_axis   ? 
# 
_symmetry.entry_id                         1XKI 
_symmetry.space_group_name_H-M             'C 1 2 1' 
_symmetry.pdbx_full_space_group_name_H-M   ? 
_symmetry.cell_setting                     ? 
_symmetry.Int_Tables_number                5 
_symmetry.space_group_name_Hall            ? 
# 
_exptl.entry_id          1XKI 
_exptl.method            'X-RAY DIFFRACTION' 
_exptl.crystals_number   1 
# 
_exptl_crystal.id                    1 
_exptl_crystal.density_meas          ? 
_exptl_crystal.density_Matthews      2.5 
_exptl_crystal.density_percent_sol   51.3 
_exptl_crystal.description           ? 
_exptl_crystal.F_000                 ? 
_exptl_crystal.preparation           ? 
# 
_exptl_crystal_grow.crystal_id      1 
_exptl_crystal_grow.method          'VAPOR DIFFUSION, HANGING DROP' 
_exptl_crystal_grow.temp            285 
_exptl_crystal_grow.temp_details    ? 
_exptl_crystal_grow.pH              7.0 
_exptl_crystal_grow.pdbx_details    
'Tris/HCl, Zn-acetate, ethylene glycol, pH 7.0, VAPOR DIFFUSION, HANGING DROP, temperature 285K' 
_exptl_crystal_grow.pdbx_pH_range   . 
# 
_diffrn.id                     1 
_diffrn.ambient_temp           100 
_diffrn.ambient_temp_details   ? 
_diffrn.crystal_id             1 
# 
_diffrn_detector.diffrn_id              1 
_diffrn_detector.detector               CCD 
_diffrn_detector.type                   MARRESEARCH 
_diffrn_detector.pdbx_collection_date   2003-12-04 
_diffrn_detector.details                ? 
# 
_diffrn_radiation.diffrn_id                        1 
_diffrn_radiation.wavelength_id                    1 
_diffrn_radiation.pdbx_monochromatic_or_laue_m_l   M 
_diffrn_radiation.monochromator                    ? 
_diffrn_radiation.pdbx_diffrn_protocol             MAD 
_diffrn_radiation.pdbx_scattering_type             x-ray 
# 
loop_
_diffrn_radiation_wavelength.id 
_diffrn_radiation_wavelength.wavelength 
_diffrn_radiation_wavelength.wt 
1 0.97960 1.0 
2 0.97888 1.0 
3 0.88556 1.0 
4 0.97912 1.0 
# 
_diffrn_source.diffrn_id                   1 
_diffrn_source.source                      SYNCHROTRON 
_diffrn_source.type                        'SLS BEAMLINE X06SA' 
_diffrn_source.pdbx_synchrotron_site       SLS 
_diffrn_source.pdbx_synchrotron_beamline   X06SA 
_diffrn_source.pdbx_wavelength             ? 
_diffrn_source.pdbx_wavelength_list        '0.97960, 0.97888, 0.88556,  0.97912' 
# 
_reflns.entry_id                     1XKI 
_reflns.observed_criterion_sigma_F   6.0 
_reflns.observed_criterion_sigma_I   6.0 
_reflns.d_resolution_high            1.8 
_reflns.d_resolution_low             39.2 
_reflns.number_all                   16420 
_reflns.number_obs                   16397 
_reflns.percent_possible_obs         97.88 
_reflns.pdbx_Rmerge_I_obs            ? 
_reflns.pdbx_Rsym_value              0.069 
_reflns.pdbx_netI_over_sigmaI        5.0843 
_reflns.B_iso_Wilson_estimate        24.60 
_reflns.pdbx_redundancy              2.1 
_reflns.R_free_details               ? 
_reflns.limit_h_max                  ? 
_reflns.limit_h_min                  ? 
_reflns.limit_k_max                  ? 
_reflns.limit_k_min                  ? 
_reflns.limit_l_max                  ? 
_reflns.limit_l_min                  ? 
_reflns.observed_criterion_F_max     ? 
_reflns.observed_criterion_F_min     ? 
_reflns.pdbx_chi_squared             ? 
_reflns.pdbx_scaling_rejects         ? 
_reflns.pdbx_diffrn_id               1 
_reflns.pdbx_ordinal                 1 
# 
_reflns_shell.d_res_high             1.8 
_reflns_shell.d_res_low              1.9 
_reflns_shell.percent_possible_all   98.77 
_reflns_shell.Rmerge_I_obs           ? 
_reflns_shell.pdbx_Rsym_value        0.25 
_reflns_shell.meanI_over_sigI_obs    2.54 
_reflns_shell.pdbx_redundancy        2.1 
_reflns_shell.percent_possible_obs   ? 
_reflns_shell.number_unique_all      2403 
_reflns_shell.number_measured_all    ? 
_reflns_shell.number_measured_obs    ? 
_reflns_shell.number_unique_obs      ? 
_reflns_shell.pdbx_chi_squared       ? 
_reflns_shell.pdbx_diffrn_id         ? 
_reflns_shell.pdbx_ordinal           1 
# 
_refine.entry_id                                 1XKI 
_refine.ls_number_reflns_obs                     15558 
_refine.ls_number_reflns_all                     16397 
_refine.pdbx_ls_sigma_I                          ? 
_refine.pdbx_ls_sigma_F                          ? 
_refine.pdbx_data_cutoff_high_absF               ? 
_refine.pdbx_data_cutoff_low_absF                ? 
_refine.pdbx_data_cutoff_high_rms_absF           ? 
_refine.ls_d_res_low                             39.2 
_refine.ls_d_res_high                            1.80 
_refine.ls_percent_reflns_obs                    97.50 
_refine.ls_R_factor_obs                          0.19277 
_refine.ls_R_factor_all                          ? 
_refine.ls_R_factor_R_work                       0.1894 
_refine.ls_R_factor_R_free                       0.2542 
_refine.ls_R_factor_R_free_error                 ? 
_refine.ls_R_factor_R_free_error_details         ? 
_refine.ls_percent_reflns_R_free                 5.1 
_refine.ls_number_reflns_R_free                  839 
_refine.ls_number_parameters                     ? 
_refine.ls_number_restraints                     ? 
_refine.occupancy_min                            ? 
_refine.occupancy_max                            ? 
_refine.correlation_coeff_Fo_to_Fc               0.953 
_refine.correlation_coeff_Fo_to_Fc_free          0.923 
_refine.B_iso_mean                               33.444 
_refine.aniso_B[1][1]                            1.67 
_refine.aniso_B[2][2]                            -0.82 
_refine.aniso_B[3][3]                            0.97 
_refine.aniso_B[1][2]                            0.00 
_refine.aniso_B[1][3]                            1.43 
_refine.aniso_B[2][3]                            0.00 
_refine.solvent_model_details                    MASK 
_refine.solvent_model_param_ksol                 ? 
_refine.solvent_model_param_bsol                 ? 
_refine.pdbx_solvent_vdw_probe_radii             1.20 
_refine.pdbx_solvent_ion_probe_radii             0.80 
_refine.pdbx_solvent_shrinkage_radii             0.80 
_refine.pdbx_ls_cross_valid_method               THROUGHOUT 
_refine.details                                  ? 
_refine.pdbx_starting_model                      ? 
_refine.pdbx_method_to_determine_struct          MAD 
_refine.pdbx_isotropic_thermal_model             ? 
_refine.pdbx_stereochemistry_target_values       'MAXIMUM LIKELIHOOD' 
_refine.pdbx_stereochem_target_val_spec_case     ? 
_refine.pdbx_R_Free_selection_details            RANDOM 
_refine.pdbx_overall_ESU_R                       0.112 
_refine.pdbx_overall_ESU_R_Free                  0.127 
_refine.overall_SU_ML                            0.075 
_refine.overall_SU_B                             2.308 
_refine.ls_redundancy_reflns_obs                 ? 
_refine.B_iso_min                                ? 
_refine.B_iso_max                                ? 
_refine.overall_SU_R_Cruickshank_DPI             ? 
_refine.overall_SU_R_free                        ? 
_refine.ls_wR_factor_R_free                      ? 
_refine.ls_wR_factor_R_work                      ? 
_refine.overall_FOM_free_R_set                   ? 
_refine.overall_FOM_work_R_set                   ? 
_refine.pdbx_refine_id                           'X-RAY DIFFRACTION' 
_refine.pdbx_diffrn_id                           1 
_refine.pdbx_TLS_residual_ADP_flag               ? 
_refine.pdbx_overall_phase_error                 ? 
_refine.pdbx_overall_SU_R_free_Cruickshank_DPI   ? 
_refine.pdbx_overall_SU_R_Blow_DPI               ? 
_refine.pdbx_overall_SU_R_free_Blow_DPI          ? 
# 
_refine_hist.pdbx_refine_id                   'X-RAY DIFFRACTION' 
_refine_hist.cycle_id                         LAST 
_refine_hist.pdbx_number_atoms_protein        982 
_refine_hist.pdbx_number_atoms_nucleic_acid   0 
_refine_hist.pdbx_number_atoms_ligand         5 
_refine_hist.number_atoms_solvent             146 
_refine_hist.number_atoms_total               1133 
_refine_hist.d_res_high                       1.80 
_refine_hist.d_res_low                        39.2 
# 
loop_
_refine_ls_restr.type 
_refine_ls_restr.dev_ideal 
_refine_ls_restr.dev_ideal_target 
_refine_ls_restr.weight 
_refine_ls_restr.number 
_refine_ls_restr.pdbx_refine_id 
_refine_ls_restr.pdbx_restraint_function 
r_bond_refined_d         0.015  0.022  ? 995  'X-RAY DIFFRACTION' ? 
r_angle_refined_deg      2.215  1.966  ? 1337 'X-RAY DIFFRACTION' ? 
r_dihedral_angle_1_deg   5.325  5.000  ? 124  'X-RAY DIFFRACTION' ? 
r_dihedral_angle_2_deg   33.593 24.390 ? 41   'X-RAY DIFFRACTION' ? 
r_dihedral_angle_3_deg   15.790 15.000 ? 182  'X-RAY DIFFRACTION' ? 
r_dihedral_angle_4_deg   9.257  15.000 ? 6    'X-RAY DIFFRACTION' ? 
r_chiral_restr           0.190  0.200  ? 152  'X-RAY DIFFRACTION' ? 
r_gen_planes_refined     0.008  0.020  ? 724  'X-RAY DIFFRACTION' ? 
r_nbd_refined            0.206  0.300  ? 336  'X-RAY DIFFRACTION' ? 
r_nbtor_refined          0.321  0.500  ? 632  'X-RAY DIFFRACTION' ? 
r_xyhbond_nbd_refined    0.370  0.500  ? 142  'X-RAY DIFFRACTION' ? 
r_metal_ion_refined      0.172  0.500  ? 5    'X-RAY DIFFRACTION' ? 
r_symmetry_vdw_refined   0.570  0.300  ? 28   'X-RAY DIFFRACTION' ? 
r_symmetry_hbond_refined 0.345  0.500  ? 23   'X-RAY DIFFRACTION' ? 
r_mcbond_it              3.912  2.000  ? 651  'X-RAY DIFFRACTION' ? 
r_mcangle_it             5.408  3.000  ? 1005 'X-RAY DIFFRACTION' ? 
r_scbond_it              4.271  2.000  ? 393  'X-RAY DIFFRACTION' ? 
r_scangle_it             5.979  3.000  ? 332  'X-RAY DIFFRACTION' ? 
# 
_refine_ls_shell.pdbx_total_number_of_bins_used   20 
_refine_ls_shell.d_res_high                       1.800 
_refine_ls_shell.d_res_low                        1.847 
_refine_ls_shell.number_reflns_R_work             1164 
_refine_ls_shell.R_factor_R_work                  0.234 
_refine_ls_shell.percent_reflns_obs               98.78 
_refine_ls_shell.R_factor_R_free                  0.295 
_refine_ls_shell.R_factor_R_free_error            ? 
_refine_ls_shell.percent_reflns_R_free            ? 
_refine_ls_shell.number_reflns_R_free             52 
_refine_ls_shell.number_reflns_obs                1164 
_refine_ls_shell.redundancy_reflns_obs            ? 
_refine_ls_shell.number_reflns_all                ? 
_refine_ls_shell.pdbx_refine_id                   'X-RAY DIFFRACTION' 
_refine_ls_shell.R_factor_all                     ? 
# 
_struct.entry_id                  1XKI 
_struct.title                     'Crystal structure of human tear lipocalin/von Ebners gland protein' 
_struct.pdbx_model_details        ? 
_struct.pdbx_CASP_flag            ? 
_struct.pdbx_model_type_details   ? 
# 
_struct_keywords.entry_id        1XKI 
_struct_keywords.pdbx_keywords   'TRANSPORT PROTEIN' 
_struct_keywords.text            'beta barrel, ligand binding protein, TRANSPORT PROTEIN' 
# 
loop_
_struct_asym.id 
_struct_asym.pdbx_blank_PDB_chainid_flag 
_struct_asym.pdbx_modified 
_struct_asym.entity_id 
_struct_asym.details 
A N N 1 ? 
B N N 2 ? 
C N N 2 ? 
D N N 2 ? 
E N N 3 ? 
F N N 3 ? 
G N N 4 ? 
# 
_struct_ref.id                         1 
_struct_ref.db_name                    UNP 
_struct_ref.db_code                    LCN1_HUMAN 
_struct_ref.pdbx_db_accession          P31025 
_struct_ref.entity_id                  1 
_struct_ref.pdbx_seq_one_letter_code   
;ASDEEIQDVSGTWYLKAMTVDREFPEMNLESVTPMTLTTLEGGNLEAKVTMLISGRCQEVKAVLEKTDEPGKYTADGGKH
VAYIIRSHVKDHYIFYCEGELHGKPVRGVKLVGRDPKNNLEALEDFEKAAGARGLSTESILIPRQSETCSPGSD
;
_struct_ref.pdbx_align_begin           23 
_struct_ref.pdbx_db_isoform            ? 
# 
_struct_ref_seq.align_id                      1 
_struct_ref_seq.ref_id                        1 
_struct_ref_seq.pdbx_PDB_id_code              1XKI 
_struct_ref_seq.pdbx_strand_id                A 
_struct_ref_seq.seq_align_beg                 1 
_struct_ref_seq.pdbx_seq_align_beg_ins_code   ? 
_struct_ref_seq.seq_align_end                 154 
_struct_ref_seq.pdbx_seq_align_end_ins_code   ? 
_struct_ref_seq.pdbx_db_accession             P31025 
_struct_ref_seq.db_align_beg                  23 
_struct_ref_seq.pdbx_db_align_beg_ins_code    ? 
_struct_ref_seq.db_align_end                  176 
_struct_ref_seq.pdbx_db_align_end_ins_code    ? 
_struct_ref_seq.pdbx_auth_seq_align_beg       5 
_struct_ref_seq.pdbx_auth_seq_align_end       158 
# 
loop_
_struct_ref_seq_dif.align_id 
_struct_ref_seq_dif.pdbx_pdb_id_code 
_struct_ref_seq_dif.mon_id 
_struct_ref_seq_dif.pdbx_pdb_strand_id 
_struct_ref_seq_dif.seq_num 
_struct_ref_seq_dif.pdbx_pdb_ins_code 
_struct_ref_seq_dif.pdbx_seq_db_name 
_struct_ref_seq_dif.pdbx_seq_db_accession_code 
_struct_ref_seq_dif.db_mon_id 
_struct_ref_seq_dif.pdbx_seq_db_seq_num 
_struct_ref_seq_dif.details 
_struct_ref_seq_dif.pdbx_auth_seq_num 
_struct_ref_seq_dif.pdbx_ordinal 
1 1XKI SER A 97  ? UNP P31025 CYS 119 'engineered mutation' 101 1  
1 1XKI ALA A 154 ? UNP P31025 ASP 176 'engineered mutation' 158 2  
1 1XKI TRP A 155 ? UNP P31025 ?   ?   'expression tag'      159 3  
1 1XKI SER A 156 ? UNP P31025 ?   ?   'expression tag'      160 4  
1 1XKI HIS A 157 ? UNP P31025 ?   ?   'expression tag'      161 5  
1 1XKI PRO A 158 ? UNP P31025 ?   ?   'expression tag'      162 6  
1 1XKI GLN A 159 ? UNP P31025 ?   ?   'expression tag'      163 7  
1 1XKI PHE A 160 ? UNP P31025 ?   ?   'expression tag'      164 8  
1 1XKI GLU A 161 ? UNP P31025 ?   ?   'expression tag'      165 9  
1 1XKI LYS A 162 ? UNP P31025 ?   ?   'expression tag'      166 10 
# 
_pdbx_struct_assembly.id                   1 
_pdbx_struct_assembly.details              author_defined_assembly 
_pdbx_struct_assembly.method_details       ? 
_pdbx_struct_assembly.oligomeric_details   monomeric 
_pdbx_struct_assembly.oligomeric_count     1 
# 
_pdbx_struct_assembly_gen.assembly_id       1 
_pdbx_struct_assembly_gen.oper_expression   1 
_pdbx_struct_assembly_gen.asym_id_list      A,B,C,D,E,F,G 
# 
_pdbx_struct_oper_list.id                   1 
_pdbx_struct_oper_list.type                 'identity operation' 
_pdbx_struct_oper_list.name                 1_555 
_pdbx_struct_oper_list.symmetry_operation   x,y,z 
_pdbx_struct_oper_list.matrix[1][1]         1.0000000000 
_pdbx_struct_oper_list.matrix[1][2]         0.0000000000 
_pdbx_struct_oper_list.matrix[1][3]         0.0000000000 
_pdbx_struct_oper_list.vector[1]            0.0000000000 
_pdbx_struct_oper_list.matrix[2][1]         0.0000000000 
_pdbx_struct_oper_list.matrix[2][2]         1.0000000000 
_pdbx_struct_oper_list.matrix[2][3]         0.0000000000 
_pdbx_struct_oper_list.vector[2]            0.0000000000 
_pdbx_struct_oper_list.matrix[3][1]         0.0000000000 
_pdbx_struct_oper_list.matrix[3][2]         0.0000000000 
_pdbx_struct_oper_list.matrix[3][3]         1.0000000000 
_pdbx_struct_oper_list.vector[3]            0.0000000000 
# 
_struct_biol.id                    1 
_struct_biol.pdbx_parent_biol_id   ? 
_struct_biol.details               ? 
# 
loop_
_struct_conf.conf_type_id 
_struct_conf.id 
_struct_conf.pdbx_PDB_helix_id 
_struct_conf.beg_label_comp_id 
_struct_conf.beg_label_asym_id 
_struct_conf.beg_label_seq_id 
_struct_conf.pdbx_beg_PDB_ins_code 
_struct_conf.end_label_comp_id 
_struct_conf.end_label_asym_id 
_struct_conf.end_label_seq_id 
_struct_conf.pdbx_end_PDB_ins_code 
_struct_conf.beg_auth_comp_id 
_struct_conf.beg_auth_asym_id 
_struct_conf.beg_auth_seq_id 
_struct_conf.end_auth_comp_id 
_struct_conf.end_auth_asym_id 
_struct_conf.end_auth_seq_id 
_struct_conf.pdbx_PDB_helix_class 
_struct_conf.details 
_struct_conf.pdbx_PDB_helix_length 
HELX_P HELX_P1 1 ASP A 76  ? LYS A 79  ? ASP A 80  LYS A 83  5 ? 4  
HELX_P HELX_P2 2 ALA A 122 ? ARG A 133 ? ALA A 126 ARG A 137 1 ? 12 
# 
_struct_conf_type.id          HELX_P 
_struct_conf_type.criteria    ? 
_struct_conf_type.reference   ? 
# 
loop_
_struct_conn.id 
_struct_conn.conn_type_id 
_struct_conn.pdbx_leaving_atom_flag 
_struct_conn.pdbx_PDB_id 
_struct_conn.ptnr1_label_asym_id 
_struct_conn.ptnr1_label_comp_id 
_struct_conn.ptnr1_label_seq_id 
_struct_conn.ptnr1_label_atom_id 
_struct_conn.pdbx_ptnr1_label_alt_id 
_struct_conn.pdbx_ptnr1_PDB_ins_code 
_struct_conn.pdbx_ptnr1_standard_comp_id 
_struct_conn.ptnr1_symmetry 
_struct_conn.ptnr2_label_asym_id 
_struct_conn.ptnr2_label_comp_id 
_struct_conn.ptnr2_label_seq_id 
_struct_conn.ptnr2_label_atom_id 
_struct_conn.pdbx_ptnr2_label_alt_id 
_struct_conn.pdbx_ptnr2_PDB_ins_code 
_struct_conn.ptnr1_auth_asym_id 
_struct_conn.ptnr1_auth_comp_id 
_struct_conn.ptnr1_auth_seq_id 
_struct_conn.ptnr2_auth_asym_id 
_struct_conn.ptnr2_auth_comp_id 
_struct_conn.ptnr2_auth_seq_id 
_struct_conn.ptnr2_symmetry 
_struct_conn.pdbx_ptnr3_label_atom_id 
_struct_conn.pdbx_ptnr3_label_seq_id 
_struct_conn.pdbx_ptnr3_label_comp_id 
_struct_conn.pdbx_ptnr3_label_asym_id 
_struct_conn.pdbx_ptnr3_label_alt_id 
_struct_conn.pdbx_ptnr3_PDB_ins_code 
_struct_conn.details 
_struct_conn.pdbx_dist_value 
_struct_conn.pdbx_value_order 
_struct_conn.pdbx_role 
metalc1  metalc ? ? A GLU 69  OE1 ? ? ? 1_555 B ZN  . ZN ? ? A GLU 73   A ZN  1001 1_555 ? ? ? ? ? ? ? 2.023 ? ? 
metalc2  metalc ? ? A LYS 72  NZ  ? ? ? 1_555 B ZN  . ZN ? ? A LYS 76   A ZN  1001 1_555 ? ? ? ? ? ? ? 1.892 ? ? 
metalc3  metalc ? ? A HIS 88  ND1 ? ? ? 1_555 D ZN  . ZN ? ? A HIS 92   A ZN  1003 1_555 ? ? ? ? ? ? ? 2.213 ? ? 
metalc4  metalc ? ? A HIS 92  NE2 ? ? ? 1_555 C ZN  . ZN ? ? A HIS 96   A ZN  1002 1_555 ? ? ? ? ? ? ? 2.102 ? ? 
metalc5  metalc ? ? A GLU 98  OE2 ? ? ? 2_655 B ZN  . ZN ? ? A GLU 102  A ZN  1001 1_555 ? ? ? ? ? ? ? 2.032 ? ? 
metalc6  metalc ? ? A GLU 121 OE2 ? ? ? 1_555 C ZN  . ZN ? ? A GLU 125  A ZN  1002 1_555 ? ? ? ? ? ? ? 2.011 ? ? 
metalc7  metalc ? ? A ASP 125 OD1 ? ? ? 1_555 D ZN  . ZN ? ? A ASP 129  A ZN  1003 1_555 ? ? ? ? ? ? ? 2.075 ? ? 
metalc8  metalc ? ? B ZN  .   ZN  ? ? ? 1_555 G HOH . O  ? ? A ZN  1001 A HOH 1060 1_555 ? ? ? ? ? ? ? 2.190 ? ? 
metalc9  metalc ? ? C ZN  .   ZN  ? ? ? 1_555 E CL  . CL ? ? A ZN  1002 A CL  1004 1_555 ? ? ? ? ? ? ? 2.201 ? ? 
metalc10 metalc ? ? C ZN  .   ZN  ? ? ? 1_555 F CL  . CL ? ? A ZN  1002 A CL  1005 1_555 ? ? ? ? ? ? ? 2.256 ? ? 
metalc11 metalc ? ? D ZN  .   ZN  ? ? ? 1_555 G HOH . O  ? ? A ZN  1003 A HOH 1059 1_555 ? ? ? ? ? ? ? 2.406 ? ? 
metalc12 metalc ? ? D ZN  .   ZN  ? ? ? 1_555 G HOH . O  ? ? A ZN  1003 A HOH 1061 1_555 ? ? ? ? ? ? ? 1.790 ? ? 
# 
_struct_conn_type.id          metalc 
_struct_conn_type.criteria    ? 
_struct_conn_type.reference   ? 
# 
loop_
_pdbx_struct_conn_angle.id 
_pdbx_struct_conn_angle.ptnr1_label_atom_id 
_pdbx_struct_conn_angle.ptnr1_label_alt_id 
_pdbx_struct_conn_angle.ptnr1_label_asym_id 
_pdbx_struct_conn_angle.ptnr1_label_comp_id 
_pdbx_struct_conn_angle.ptnr1_label_seq_id 
_pdbx_struct_conn_angle.ptnr1_auth_atom_id 
_pdbx_struct_conn_angle.ptnr1_auth_asym_id 
_pdbx_struct_conn_angle.ptnr1_auth_comp_id 
_pdbx_struct_conn_angle.ptnr1_auth_seq_id 
_pdbx_struct_conn_angle.ptnr1_PDB_ins_code 
_pdbx_struct_conn_angle.ptnr1_symmetry 
_pdbx_struct_conn_angle.ptnr2_label_atom_id 
_pdbx_struct_conn_angle.ptnr2_label_alt_id 
_pdbx_struct_conn_angle.ptnr2_label_asym_id 
_pdbx_struct_conn_angle.ptnr2_label_comp_id 
_pdbx_struct_conn_angle.ptnr2_label_seq_id 
_pdbx_struct_conn_angle.ptnr2_auth_atom_id 
_pdbx_struct_conn_angle.ptnr2_auth_asym_id 
_pdbx_struct_conn_angle.ptnr2_auth_comp_id 
_pdbx_struct_conn_angle.ptnr2_auth_seq_id 
_pdbx_struct_conn_angle.ptnr2_PDB_ins_code 
_pdbx_struct_conn_angle.ptnr2_symmetry 
_pdbx_struct_conn_angle.ptnr3_label_atom_id 
_pdbx_struct_conn_angle.ptnr3_label_alt_id 
_pdbx_struct_conn_angle.ptnr3_label_asym_id 
_pdbx_struct_conn_angle.ptnr3_label_comp_id 
_pdbx_struct_conn_angle.ptnr3_label_seq_id 
_pdbx_struct_conn_angle.ptnr3_auth_atom_id 
_pdbx_struct_conn_angle.ptnr3_auth_asym_id 
_pdbx_struct_conn_angle.ptnr3_auth_comp_id 
_pdbx_struct_conn_angle.ptnr3_auth_seq_id 
_pdbx_struct_conn_angle.ptnr3_PDB_ins_code 
_pdbx_struct_conn_angle.ptnr3_symmetry 
_pdbx_struct_conn_angle.value 
_pdbx_struct_conn_angle.value_esd 
1  OE1 ? A GLU 69  ? A GLU 73   ? 1_555 ZN ? B ZN . ? A ZN 1001 ? 1_555 NZ  ? A LYS 72  ? A LYS 76   ? 1_555 113.3 ? 
2  OE1 ? A GLU 69  ? A GLU 73   ? 1_555 ZN ? B ZN . ? A ZN 1001 ? 1_555 OE2 ? A GLU 98  ? A GLU 102  ? 2_655 96.8  ? 
3  NZ  ? A LYS 72  ? A LYS 76   ? 1_555 ZN ? B ZN . ? A ZN 1001 ? 1_555 OE2 ? A GLU 98  ? A GLU 102  ? 2_655 112.4 ? 
4  OE1 ? A GLU 69  ? A GLU 73   ? 1_555 ZN ? B ZN . ? A ZN 1001 ? 1_555 O   ? G HOH .   ? A HOH 1060 ? 1_555 108.2 ? 
5  NZ  ? A LYS 72  ? A LYS 76   ? 1_555 ZN ? B ZN . ? A ZN 1001 ? 1_555 O   ? G HOH .   ? A HOH 1060 ? 1_555 115.6 ? 
6  OE2 ? A GLU 98  ? A GLU 102  ? 2_655 ZN ? B ZN . ? A ZN 1001 ? 1_555 O   ? G HOH .   ? A HOH 1060 ? 1_555 108.8 ? 
7  ND1 ? A HIS 88  ? A HIS 92   ? 1_555 ZN ? D ZN . ? A ZN 1003 ? 1_555 OD1 ? A ASP 125 ? A ASP 129  ? 1_555 111.4 ? 
8  ND1 ? A HIS 88  ? A HIS 92   ? 1_555 ZN ? D ZN . ? A ZN 1003 ? 1_555 O   ? G HOH .   ? A HOH 1059 ? 1_555 102.5 ? 
9  OD1 ? A ASP 125 ? A ASP 129  ? 1_555 ZN ? D ZN . ? A ZN 1003 ? 1_555 O   ? G HOH .   ? A HOH 1059 ? 1_555 106.4 ? 
10 ND1 ? A HIS 88  ? A HIS 92   ? 1_555 ZN ? D ZN . ? A ZN 1003 ? 1_555 O   ? G HOH .   ? A HOH 1061 ? 1_555 118.6 ? 
11 OD1 ? A ASP 125 ? A ASP 129  ? 1_555 ZN ? D ZN . ? A ZN 1003 ? 1_555 O   ? G HOH .   ? A HOH 1061 ? 1_555 99.3  ? 
12 O   ? G HOH .   ? A HOH 1059 ? 1_555 ZN ? D ZN . ? A ZN 1003 ? 1_555 O   ? G HOH .   ? A HOH 1061 ? 1_555 118.2 ? 
13 NE2 ? A HIS 92  ? A HIS 96   ? 1_555 ZN ? C ZN . ? A ZN 1002 ? 1_555 OE2 ? A GLU 121 ? A GLU 125  ? 1_555 105.5 ? 
14 NE2 ? A HIS 92  ? A HIS 96   ? 1_555 ZN ? C ZN . ? A ZN 1002 ? 1_555 CL  ? E CL  .   ? A CL  1004 ? 1_555 114.0 ? 
15 OE2 ? A GLU 121 ? A GLU 125  ? 1_555 ZN ? C ZN . ? A ZN 1002 ? 1_555 CL  ? E CL  .   ? A CL  1004 ? 1_555 101.0 ? 
16 NE2 ? A HIS 92  ? A HIS 96   ? 1_555 ZN ? C ZN . ? A ZN 1002 ? 1_555 CL  ? F CL  .   ? A CL  1005 ? 1_555 110.7 ? 
17 OE2 ? A GLU 121 ? A GLU 125  ? 1_555 ZN ? C ZN . ? A ZN 1002 ? 1_555 CL  ? F CL  .   ? A CL  1005 ? 1_555 109.4 ? 
18 CL  ? E CL  .   ? A CL  1004 ? 1_555 ZN ? C ZN . ? A ZN 1002 ? 1_555 CL  ? F CL  .   ? A CL  1005 ? 1_555 115.2 ? 
# 
_struct_mon_prot_cis.pdbx_id                1 
_struct_mon_prot_cis.label_comp_id          THR 
_struct_mon_prot_cis.label_seq_id           33 
_struct_mon_prot_cis.label_asym_id          A 
_struct_mon_prot_cis.label_alt_id           . 
_struct_mon_prot_cis.pdbx_PDB_ins_code      ? 
_struct_mon_prot_cis.auth_comp_id           THR 
_struct_mon_prot_cis.auth_seq_id            37 
_struct_mon_prot_cis.auth_asym_id           A 
_struct_mon_prot_cis.pdbx_label_comp_id_2   PRO 
_struct_mon_prot_cis.pdbx_label_seq_id_2    34 
_struct_mon_prot_cis.pdbx_label_asym_id_2   A 
_struct_mon_prot_cis.pdbx_PDB_ins_code_2    ? 
_struct_mon_prot_cis.pdbx_auth_comp_id_2    PRO 
_struct_mon_prot_cis.pdbx_auth_seq_id_2     38 
_struct_mon_prot_cis.pdbx_auth_asym_id_2    A 
_struct_mon_prot_cis.pdbx_PDB_model_num     1 
_struct_mon_prot_cis.pdbx_omega_angle       -2.21 
# 
_struct_sheet.id               A 
_struct_sheet.type             ? 
_struct_sheet.number_strands   10 
_struct_sheet.details          ? 
# 
loop_
_struct_sheet_order.sheet_id 
_struct_sheet_order.range_id_1 
_struct_sheet_order.range_id_2 
_struct_sheet_order.offset 
_struct_sheet_order.sense 
A 1 2  ? anti-parallel 
A 2 3  ? anti-parallel 
A 3 4  ? anti-parallel 
A 4 5  ? anti-parallel 
A 5 6  ? anti-parallel 
A 6 7  ? anti-parallel 
A 7 8  ? anti-parallel 
A 8 9  ? anti-parallel 
A 9 10 ? anti-parallel 
# 
loop_
_struct_sheet_range.sheet_id 
_struct_sheet_range.id 
_struct_sheet_range.beg_label_comp_id 
_struct_sheet_range.beg_label_asym_id 
_struct_sheet_range.beg_label_seq_id 
_struct_sheet_range.pdbx_beg_PDB_ins_code 
_struct_sheet_range.end_label_comp_id 
_struct_sheet_range.end_label_asym_id 
_struct_sheet_range.end_label_seq_id 
_struct_sheet_range.pdbx_end_PDB_ins_code 
_struct_sheet_range.beg_auth_comp_id 
_struct_sheet_range.beg_auth_asym_id 
_struct_sheet_range.beg_auth_seq_id 
_struct_sheet_range.end_auth_comp_id 
_struct_sheet_range.end_auth_asym_id 
_struct_sheet_range.end_auth_seq_id 
A 1  SER A 139 ? LEU A 141 ? SER A 143 LEU A 145 
A 2  GLY A 11  ? VAL A 20  ? GLY A 15  VAL A 24  
A 3  VAL A 106 ? GLY A 113 ? VAL A 110 GLY A 117 
A 4  HIS A 92  ? GLY A 99  ? HIS A 96  GLY A 103 
A 5  HIS A 80  ? ARG A 86  ? HIS A 84  ARG A 90  
A 6  LYS A 72  ? ALA A 75  ? LYS A 76  ALA A 79  
A 7  GLN A 58  ? LYS A 66  ? GLN A 62  LYS A 70  
A 8  LEU A 45  ? MET A 51  ? LEU A 49  MET A 55  
A 9  MET A 35  ? THR A 39  ? MET A 39  THR A 43  
A 10 GLY A 11  ? VAL A 20  ? GLY A 15  VAL A 24  
# 
loop_
_pdbx_struct_sheet_hbond.sheet_id 
_pdbx_struct_sheet_hbond.range_id_1 
_pdbx_struct_sheet_hbond.range_id_2 
_pdbx_struct_sheet_hbond.range_1_label_atom_id 
_pdbx_struct_sheet_hbond.range_1_label_comp_id 
_pdbx_struct_sheet_hbond.range_1_label_asym_id 
_pdbx_struct_sheet_hbond.range_1_label_seq_id 
_pdbx_struct_sheet_hbond.range_1_PDB_ins_code 
_pdbx_struct_sheet_hbond.range_1_auth_atom_id 
_pdbx_struct_sheet_hbond.range_1_auth_comp_id 
_pdbx_struct_sheet_hbond.range_1_auth_asym_id 
_pdbx_struct_sheet_hbond.range_1_auth_seq_id 
_pdbx_struct_sheet_hbond.range_2_label_atom_id 
_pdbx_struct_sheet_hbond.range_2_label_comp_id 
_pdbx_struct_sheet_hbond.range_2_label_asym_id 
_pdbx_struct_sheet_hbond.range_2_label_seq_id 
_pdbx_struct_sheet_hbond.range_2_PDB_ins_code 
_pdbx_struct_sheet_hbond.range_2_auth_atom_id 
_pdbx_struct_sheet_hbond.range_2_auth_comp_id 
_pdbx_struct_sheet_hbond.range_2_auth_asym_id 
_pdbx_struct_sheet_hbond.range_2_auth_seq_id 
A 1 2  O SER A 139 ? O SER A 143 N VAL A 20  ? N VAL A 24  
A 2 3  N TYR A 14  ? N TYR A 18  O GLY A 113 ? O GLY A 117 
A 3 4  O VAL A 106 ? O VAL A 110 N GLY A 99  ? N GLY A 103 
A 4 5  O ILE A 94  ? O ILE A 98  N ILE A 85  ? N ILE A 89  
A 5 6  O ALA A 82  ? O ALA A 86  N TYR A 73  ? N TYR A 77  
A 6 7  O THR A 74  ? O THR A 78  N GLU A 65  ? N GLU A 69  
A 7 8  O GLN A 58  ? O GLN A 62  N MET A 51  ? N MET A 55  
A 8 9  O LYS A 48  ? O LYS A 52  N THR A 36  ? N THR A 40  
A 9 10 O MET A 35  ? O MET A 39  N TRP A 13  ? N TRP A 17  
# 
loop_
_struct_site.id 
_struct_site.pdbx_evidence_code 
_struct_site.pdbx_auth_asym_id 
_struct_site.pdbx_auth_comp_id 
_struct_site.pdbx_auth_seq_id 
_struct_site.pdbx_auth_ins_code 
_struct_site.pdbx_num_residues 
_struct_site.details 
AC1 Software A ZN 1001 ? 4 'BINDING SITE FOR RESIDUE ZN A 1001' 
AC2 Software A ZN 1002 ? 4 'BINDING SITE FOR RESIDUE ZN A 1002' 
AC3 Software A ZN 1003 ? 4 'BINDING SITE FOR RESIDUE ZN A 1003' 
AC4 Software A CL 1004 ? 7 'BINDING SITE FOR RESIDUE CL A 1004' 
AC5 Software A CL 1005 ? 6 'BINDING SITE FOR RESIDUE CL A 1005' 
# 
loop_
_struct_site_gen.id 
_struct_site_gen.site_id 
_struct_site_gen.pdbx_num_res 
_struct_site_gen.label_comp_id 
_struct_site_gen.label_asym_id 
_struct_site_gen.label_seq_id 
_struct_site_gen.pdbx_auth_ins_code 
_struct_site_gen.auth_comp_id 
_struct_site_gen.auth_asym_id 
_struct_site_gen.auth_seq_id 
_struct_site_gen.label_atom_id 
_struct_site_gen.label_alt_id 
_struct_site_gen.symmetry 
_struct_site_gen.details 
1  AC1 4 GLU A 69  ? GLU A 73   . ? 1_555 ? 
2  AC1 4 LYS A 72  ? LYS A 76   . ? 1_555 ? 
3  AC1 4 GLU A 98  ? GLU A 102  . ? 2_655 ? 
4  AC1 4 HOH G .   ? HOH A 1060 . ? 1_555 ? 
5  AC2 4 HIS A 92  ? HIS A 96   . ? 1_555 ? 
6  AC2 4 GLU A 121 ? GLU A 125  . ? 1_555 ? 
7  AC2 4 CL  E .   ? CL  A 1004 . ? 1_555 ? 
8  AC2 4 CL  F .   ? CL  A 1005 . ? 1_555 ? 
9  AC3 4 HIS A 88  ? HIS A 92   . ? 1_555 ? 
10 AC3 4 ASP A 125 ? ASP A 129  . ? 1_555 ? 
11 AC3 4 HOH G .   ? HOH A 1059 . ? 1_555 ? 
12 AC3 4 HOH G .   ? HOH A 1061 . ? 1_555 ? 
13 AC4 7 LYS A 16  ? LYS A 20   . ? 1_555 ? 
14 AC4 7 HIS A 92  ? HIS A 96   . ? 1_555 ? 
15 AC4 7 LEU A 111 ? LEU A 115  . ? 1_555 ? 
16 AC4 7 LEU A 120 ? LEU A 124  . ? 1_555 ? 
17 AC4 7 GLU A 121 ? GLU A 125  . ? 1_555 ? 
18 AC4 7 ALA A 122 ? ALA A 126  . ? 1_555 ? 
19 AC4 7 ZN  C .   ? ZN  A 1002 . ? 1_555 ? 
20 AC5 6 LYS A 16  ? LYS A 20   . ? 1_555 ? 
21 AC5 6 HIS A 92  ? HIS A 96   . ? 1_555 ? 
22 AC5 6 LYS A 117 ? LYS A 121  . ? 1_555 ? 
23 AC5 6 ASN A 119 ? ASN A 123  . ? 1_555 ? 
24 AC5 6 GLU A 121 ? GLU A 125  . ? 1_555 ? 
25 AC5 6 ZN  C .   ? ZN  A 1002 . ? 1_555 ? 
# 
loop_
_pdbx_validate_close_contact.id 
_pdbx_validate_close_contact.PDB_model_num 
_pdbx_validate_close_contact.auth_atom_id_1 
_pdbx_validate_close_contact.auth_asym_id_1 
_pdbx_validate_close_contact.auth_comp_id_1 
_pdbx_validate_close_contact.auth_seq_id_1 
_pdbx_validate_close_contact.PDB_ins_code_1 
_pdbx_validate_close_contact.label_alt_id_1 
_pdbx_validate_close_contact.auth_atom_id_2 
_pdbx_validate_close_contact.auth_asym_id_2 
_pdbx_validate_close_contact.auth_comp_id_2 
_pdbx_validate_close_contact.auth_seq_id_2 
_pdbx_validate_close_contact.PDB_ins_code_2 
_pdbx_validate_close_contact.label_alt_id_2 
_pdbx_validate_close_contact.dist 
1  1 O   A HOH 1056 ? ? O A HOH 1057 ? ? 1.88 
2  1 O   A HOH 1095 ? ? O A HOH 1106 ? ? 1.92 
3  1 O   A HOH 1031 ? ? O A HOH 1035 ? ? 1.94 
4  1 O   A HOH 1032 ? ? O A HOH 1035 ? ? 1.97 
5  1 NZ  A LYS 132  ? ? O A HOH 1088 ? ? 2.08 
6  1 OE1 A GLU 34   ? ? O A HOH 1038 ? ? 2.08 
7  1 OD2 A ASP 80   ? ? O A HOH 1050 ? ? 2.08 
8  1 O   A HOH 1048 ? ? O A HOH 1074 ? ? 2.09 
9  1 ND1 A HIS 84   ? ? O A HOH 1074 ? ? 2.10 
10 1 OE2 A GLU 131  ? ? O A HOH 1015 ? ? 2.11 
11 1 O   A HOH 1033 ? ? O A HOH 1121 ? ? 2.13 
12 1 NE2 A HIS 92   ? ? O A HOH 1010 ? ? 2.14 
13 1 O   A HOH 1094 ? ? O A HOH 1122 ? ? 2.16 
14 1 O   A HOH 1101 ? ? O A HOH 1137 ? ? 2.17 
# 
loop_
_pdbx_validate_symm_contact.id 
_pdbx_validate_symm_contact.PDB_model_num 
_pdbx_validate_symm_contact.auth_atom_id_1 
_pdbx_validate_symm_contact.auth_asym_id_1 
_pdbx_validate_symm_contact.auth_comp_id_1 
_pdbx_validate_symm_contact.auth_seq_id_1 
_pdbx_validate_symm_contact.PDB_ins_code_1 
_pdbx_validate_symm_contact.label_alt_id_1 
_pdbx_validate_symm_contact.site_symmetry_1 
_pdbx_validate_symm_contact.auth_atom_id_2 
_pdbx_validate_symm_contact.auth_asym_id_2 
_pdbx_validate_symm_contact.auth_comp_id_2 
_pdbx_validate_symm_contact.auth_seq_id_2 
_pdbx_validate_symm_contact.PDB_ins_code_2 
_pdbx_validate_symm_contact.label_alt_id_2 
_pdbx_validate_symm_contact.site_symmetry_2 
_pdbx_validate_symm_contact.dist 
1  1 CD  A GLU 45   ? ? 1_555 OE2 A GLU 45   ? ? 2_554 0.56 
2  1 CD  A GLU 45   ? ? 1_555 CD  A GLU 45   ? ? 2_554 1.56 
3  1 CG  A GLU 45   ? ? 1_555 OE2 A GLU 45   ? ? 2_554 1.68 
4  1 OE1 A GLU 45   ? ? 1_555 OE2 A GLU 45   ? ? 2_554 1.71 
5  1 O   A HOH 1078 ? ? 1_555 O   A HOH 1084 ? ? 4_545 1.78 
6  1 OE1 A GLN 62   ? ? 1_555 NH1 A ARG 90   ? ? 4_555 1.89 
7  1 O   A HOH 1138 ? ? 1_555 O   A HOH 1143 ? ? 4_545 1.99 
8  1 O   A HOH 1065 ? ? 1_555 O   A HOH 1119 ? ? 2_655 1.99 
9  1 OD2 A ASP 95   ? ? 1_555 O   A HOH 1030 ? ? 4_545 2.06 
10 1 O   A HOH 1011 ? ? 1_555 O   A HOH 1091 ? ? 4_555 2.12 
# 
loop_
_pdbx_validate_rmsd_angle.id 
_pdbx_validate_rmsd_angle.PDB_model_num 
_pdbx_validate_rmsd_angle.auth_atom_id_1 
_pdbx_validate_rmsd_angle.auth_asym_id_1 
_pdbx_validate_rmsd_angle.auth_comp_id_1 
_pdbx_validate_rmsd_angle.auth_seq_id_1 
_pdbx_validate_rmsd_angle.PDB_ins_code_1 
_pdbx_validate_rmsd_angle.label_alt_id_1 
_pdbx_validate_rmsd_angle.auth_atom_id_2 
_pdbx_validate_rmsd_angle.auth_asym_id_2 
_pdbx_validate_rmsd_angle.auth_comp_id_2 
_pdbx_validate_rmsd_angle.auth_seq_id_2 
_pdbx_validate_rmsd_angle.PDB_ins_code_2 
_pdbx_validate_rmsd_angle.label_alt_id_2 
_pdbx_validate_rmsd_angle.auth_atom_id_3 
_pdbx_validate_rmsd_angle.auth_asym_id_3 
_pdbx_validate_rmsd_angle.auth_comp_id_3 
_pdbx_validate_rmsd_angle.auth_seq_id_3 
_pdbx_validate_rmsd_angle.PDB_ins_code_3 
_pdbx_validate_rmsd_angle.label_alt_id_3 
_pdbx_validate_rmsd_angle.angle_value 
_pdbx_validate_rmsd_angle.angle_target_value 
_pdbx_validate_rmsd_angle.angle_deviation 
_pdbx_validate_rmsd_angle.angle_standard_deviation 
_pdbx_validate_rmsd_angle.linker_flag 
1 1 CA A MET 22  ? ? CB A MET 22  ? ? CG  A MET 22  ? ? 125.92 113.30 12.62 1.70 N 
2 1 NE A ARG 111 ? ? CZ A ARG 111 ? ? NH2 A ARG 111 ? ? 117.15 120.30 -3.15 0.50 N 
3 1 NE A ARG 137 ? ? CZ A ARG 137 ? ? NH1 A ARG 137 ? ? 124.82 120.30 4.52  0.50 N 
4 1 NE A ARG 137 ? ? CZ A ARG 137 ? ? NH2 A ARG 137 ? ? 117.08 120.30 -3.22 0.50 N 
# 
_pdbx_validate_torsion.id              1 
_pdbx_validate_torsion.PDB_model_num   1 
_pdbx_validate_torsion.auth_comp_id    LEU 
_pdbx_validate_torsion.auth_asym_id    A 
_pdbx_validate_torsion.auth_seq_id     33 
_pdbx_validate_torsion.PDB_ins_code    ? 
_pdbx_validate_torsion.label_alt_id    ? 
_pdbx_validate_torsion.phi             65.34 
_pdbx_validate_torsion.psi             -52.15 
# 
loop_
_pdbx_unobs_or_zero_occ_residues.id 
_pdbx_unobs_or_zero_occ_residues.PDB_model_num 
_pdbx_unobs_or_zero_occ_residues.polymer_flag 
_pdbx_unobs_or_zero_occ_residues.occupancy_flag 
_pdbx_unobs_or_zero_occ_residues.auth_asym_id 
_pdbx_unobs_or_zero_occ_residues.auth_comp_id 
_pdbx_unobs_or_zero_occ_residues.auth_seq_id 
_pdbx_unobs_or_zero_occ_residues.PDB_ins_code 
_pdbx_unobs_or_zero_occ_residues.label_asym_id 
_pdbx_unobs_or_zero_occ_residues.label_comp_id 
_pdbx_unobs_or_zero_occ_residues.label_seq_id 
1  1 Y 1 A ALA 5   ? A ALA 1   
2  1 Y 1 A SER 6   ? A SER 2   
3  1 Y 1 A ASP 7   ? A ASP 3   
4  1 Y 1 A GLU 8   ? A GLU 4   
5  1 Y 1 A GLU 9   ? A GLU 5   
6  1 Y 1 A ILE 10  ? A ILE 6   
7  1 Y 1 A GLN 11  ? A GLN 7   
8  1 Y 1 A ASP 25  ? A ASP 21  
9  1 Y 1 A ARG 26  ? A ARG 22  
10 1 Y 1 A GLU 27  ? A GLU 23  
11 1 Y 1 A PHE 28  ? A PHE 24  
12 1 Y 1 A PRO 29  ? A PRO 25  
13 1 Y 1 A GLU 30  ? A GLU 26  
14 1 Y 1 A MET 31  ? A MET 27  
15 1 Y 1 A LEU 56  ? A LEU 52  
16 1 Y 1 A ILE 57  ? A ILE 53  
17 1 Y 1 A LEU 105 ? A LEU 101 
18 1 Y 1 A HIS 106 ? A HIS 102 
19 1 Y 1 A GLU 151 ? A GLU 147 
20 1 Y 1 A THR 152 ? A THR 148 
21 1 Y 1 A CYS 153 ? A CYS 149 
22 1 Y 1 A SER 154 ? A SER 150 
23 1 Y 1 A PRO 155 ? A PRO 151 
24 1 Y 1 A GLY 156 ? A GLY 152 
25 1 Y 1 A SER 157 ? A SER 153 
26 1 Y 1 A ALA 158 ? A ALA 154 
27 1 Y 1 A TRP 159 ? A TRP 155 
28 1 Y 1 A SER 160 ? A SER 156 
29 1 Y 1 A HIS 161 ? A HIS 157 
30 1 Y 1 A PRO 162 ? A PRO 158 
31 1 Y 1 A GLN 163 ? A GLN 159 
32 1 Y 1 A PHE 164 ? A PHE 160 
33 1 Y 1 A GLU 165 ? A GLU 161 
34 1 Y 1 A LYS 166 ? A LYS 162 
# 
loop_
_chem_comp_atom.comp_id 
_chem_comp_atom.atom_id 
_chem_comp_atom.type_symbol 
_chem_comp_atom.pdbx_aromatic_flag 
_chem_comp_atom.pdbx_stereo_config 
_chem_comp_atom.pdbx_ordinal 
ALA N    N  N N 1   
ALA CA   C  N S 2   
ALA C    C  N N 3   
ALA O    O  N N 4   
ALA CB   C  N N 5   
ALA OXT  O  N N 6   
ALA H    H  N N 7   
ALA H2   H  N N 8   
ALA HA   H  N N 9   
ALA HB1  H  N N 10  
ALA HB2  H  N N 11  
ALA HB3  H  N N 12  
ALA HXT  H  N N 13  
ARG N    N  N N 14  
ARG CA   C  N S 15  
ARG C    C  N N 16  
ARG O    O  N N 17  
ARG CB   C  N N 18  
ARG CG   C  N N 19  
ARG CD   C  N N 20  
ARG NE   N  N N 21  
ARG CZ   C  N N 22  
ARG NH1  N  N N 23  
ARG NH2  N  N N 24  
ARG OXT  O  N N 25  
ARG H    H  N N 26  
ARG H2   H  N N 27  
ARG HA   H  N N 28  
ARG HB2  H  N N 29  
ARG HB3  H  N N 30  
ARG HG2  H  N N 31  
ARG HG3  H  N N 32  
ARG HD2  H  N N 33  
ARG HD3  H  N N 34  
ARG HE   H  N N 35  
ARG HH11 H  N N 36  
ARG HH12 H  N N 37  
ARG HH21 H  N N 38  
ARG HH22 H  N N 39  
ARG HXT  H  N N 40  
ASN N    N  N N 41  
ASN CA   C  N S 42  
ASN C    C  N N 43  
ASN O    O  N N 44  
ASN CB   C  N N 45  
ASN CG   C  N N 46  
ASN OD1  O  N N 47  
ASN ND2  N  N N 48  
ASN OXT  O  N N 49  
ASN H    H  N N 50  
ASN H2   H  N N 51  
ASN HA   H  N N 52  
ASN HB2  H  N N 53  
ASN HB3  H  N N 54  
ASN HD21 H  N N 55  
ASN HD22 H  N N 56  
ASN HXT  H  N N 57  
ASP N    N  N N 58  
ASP CA   C  N S 59  
ASP C    C  N N 60  
ASP O    O  N N 61  
ASP CB   C  N N 62  
ASP CG   C  N N 63  
ASP OD1  O  N N 64  
ASP OD2  O  N N 65  
ASP OXT  O  N N 66  
ASP H    H  N N 67  
ASP H2   H  N N 68  
ASP HA   H  N N 69  
ASP HB2  H  N N 70  
ASP HB3  H  N N 71  
ASP HD2  H  N N 72  
ASP HXT  H  N N 73  
CL  CL   CL N N 74  
CYS N    N  N N 75  
CYS CA   C  N R 76  
CYS C    C  N N 77  
CYS O    O  N N 78  
CYS CB   C  N N 79  
CYS SG   S  N N 80  
CYS OXT  O  N N 81  
CYS H    H  N N 82  
CYS H2   H  N N 83  
CYS HA   H  N N 84  
CYS HB2  H  N N 85  
CYS HB3  H  N N 86  
CYS HG   H  N N 87  
CYS HXT  H  N N 88  
GLN N    N  N N 89  
GLN CA   C  N S 90  
GLN C    C  N N 91  
GLN O    O  N N 92  
GLN CB   C  N N 93  
GLN CG   C  N N 94  
GLN CD   C  N N 95  
GLN OE1  O  N N 96  
GLN NE2  N  N N 97  
GLN OXT  O  N N 98  
GLN H    H  N N 99  
GLN H2   H  N N 100 
GLN HA   H  N N 101 
GLN HB2  H  N N 102 
GLN HB3  H  N N 103 
GLN HG2  H  N N 104 
GLN HG3  H  N N 105 
GLN HE21 H  N N 106 
GLN HE22 H  N N 107 
GLN HXT  H  N N 108 
GLU N    N  N N 109 
GLU CA   C  N S 110 
GLU C    C  N N 111 
GLU O    O  N N 112 
GLU CB   C  N N 113 
GLU CG   C  N N 114 
GLU CD   C  N N 115 
GLU OE1  O  N N 116 
GLU OE2  O  N N 117 
GLU OXT  O  N N 118 
GLU H    H  N N 119 
GLU H2   H  N N 120 
GLU HA   H  N N 121 
GLU HB2  H  N N 122 
GLU HB3  H  N N 123 
GLU HG2  H  N N 124 
GLU HG3  H  N N 125 
GLU HE2  H  N N 126 
GLU HXT  H  N N 127 
GLY N    N  N N 128 
GLY CA   C  N N 129 
GLY C    C  N N 130 
GLY O    O  N N 131 
GLY OXT  O  N N 132 
GLY H    H  N N 133 
GLY H2   H  N N 134 
GLY HA2  H  N N 135 
GLY HA3  H  N N 136 
GLY HXT  H  N N 137 
HIS N    N  N N 138 
HIS CA   C  N S 139 
HIS C    C  N N 140 
HIS O    O  N N 141 
HIS CB   C  N N 142 
HIS CG   C  Y N 143 
HIS ND1  N  Y N 144 
HIS CD2  C  Y N 145 
HIS CE1  C  Y N 146 
HIS NE2  N  Y N 147 
HIS OXT  O  N N 148 
HIS H    H  N N 149 
HIS H2   H  N N 150 
HIS HA   H  N N 151 
HIS HB2  H  N N 152 
HIS HB3  H  N N 153 
HIS HD1  H  N N 154 
HIS HD2  H  N N 155 
HIS HE1  H  N N 156 
HIS HE2  H  N N 157 
HIS HXT  H  N N 158 
HOH O    O  N N 159 
HOH H1   H  N N 160 
HOH H2   H  N N 161 
ILE N    N  N N 162 
ILE CA   C  N S 163 
ILE C    C  N N 164 
ILE O    O  N N 165 
ILE CB   C  N S 166 
ILE CG1  C  N N 167 
ILE CG2  C  N N 168 
ILE CD1  C  N N 169 
ILE OXT  O  N N 170 
ILE H    H  N N 171 
ILE H2   H  N N 172 
ILE HA   H  N N 173 
ILE HB   H  N N 174 
ILE HG12 H  N N 175 
ILE HG13 H  N N 176 
ILE HG21 H  N N 177 
ILE HG22 H  N N 178 
ILE HG23 H  N N 179 
ILE HD11 H  N N 180 
ILE HD12 H  N N 181 
ILE HD13 H  N N 182 
ILE HXT  H  N N 183 
LEU N    N  N N 184 
LEU CA   C  N S 185 
LEU C    C  N N 186 
LEU O    O  N N 187 
LEU CB   C  N N 188 
LEU CG   C  N N 189 
LEU CD1  C  N N 190 
LEU CD2  C  N N 191 
LEU OXT  O  N N 192 
LEU H    H  N N 193 
LEU H2   H  N N 194 
LEU HA   H  N N 195 
LEU HB2  H  N N 196 
LEU HB3  H  N N 197 
LEU HG   H  N N 198 
LEU HD11 H  N N 199 
LEU HD12 H  N N 200 
LEU HD13 H  N N 201 
LEU HD21 H  N N 202 
LEU HD22 H  N N 203 
LEU HD23 H  N N 204 
LEU HXT  H  N N 205 
LYS N    N  N N 206 
LYS CA   C  N S 207 
LYS C    C  N N 208 
LYS O    O  N N 209 
LYS CB   C  N N 210 
LYS CG   C  N N 211 
LYS CD   C  N N 212 
LYS CE   C  N N 213 
LYS NZ   N  N N 214 
LYS OXT  O  N N 215 
LYS H    H  N N 216 
LYS H2   H  N N 217 
LYS HA   H  N N 218 
LYS HB2  H  N N 219 
LYS HB3  H  N N 220 
LYS HG2  H  N N 221 
LYS HG3  H  N N 222 
LYS HD2  H  N N 223 
LYS HD3  H  N N 224 
LYS HE2  H  N N 225 
LYS HE3  H  N N 226 
LYS HZ1  H  N N 227 
LYS HZ2  H  N N 228 
LYS HZ3  H  N N 229 
LYS HXT  H  N N 230 
MET N    N  N N 231 
MET CA   C  N S 232 
MET C    C  N N 233 
MET O    O  N N 234 
MET CB   C  N N 235 
MET CG   C  N N 236 
MET SD   S  N N 237 
MET CE   C  N N 238 
MET OXT  O  N N 239 
MET H    H  N N 240 
MET H2   H  N N 241 
MET HA   H  N N 242 
MET HB2  H  N N 243 
MET HB3  H  N N 244 
MET HG2  H  N N 245 
MET HG3  H  N N 246 
MET HE1  H  N N 247 
MET HE2  H  N N 248 
MET HE3  H  N N 249 
MET HXT  H  N N 250 
PHE N    N  N N 251 
PHE CA   C  N S 252 
PHE C    C  N N 253 
PHE O    O  N N 254 
PHE CB   C  N N 255 
PHE CG   C  Y N 256 
PHE CD1  C  Y N 257 
PHE CD2  C  Y N 258 
PHE CE1  C  Y N 259 
PHE CE2  C  Y N 260 
PHE CZ   C  Y N 261 
PHE OXT  O  N N 262 
PHE H    H  N N 263 
PHE H2   H  N N 264 
PHE HA   H  N N 265 
PHE HB2  H  N N 266 
PHE HB3  H  N N 267 
PHE HD1  H  N N 268 
PHE HD2  H  N N 269 
PHE HE1  H  N N 270 
PHE HE2  H  N N 271 
PHE HZ   H  N N 272 
PHE HXT  H  N N 273 
PRO N    N  N N 274 
PRO CA   C  N S 275 
PRO C    C  N N 276 
PRO O    O  N N 277 
PRO CB   C  N N 278 
PRO CG   C  N N 279 
PRO CD   C  N N 280 
PRO OXT  O  N N 281 
PRO H    H  N N 282 
PRO HA   H  N N 283 
PRO HB2  H  N N 284 
PRO HB3  H  N N 285 
PRO HG2  H  N N 286 
PRO HG3  H  N N 287 
PRO HD2  H  N N 288 
PRO HD3  H  N N 289 
PRO HXT  H  N N 290 
SER N    N  N N 291 
SER CA   C  N S 292 
SER C    C  N N 293 
SER O    O  N N 294 
SER CB   C  N N 295 
SER OG   O  N N 296 
SER OXT  O  N N 297 
SER H    H  N N 298 
SER H2   H  N N 299 
SER HA   H  N N 300 
SER HB2  H  N N 301 
SER HB3  H  N N 302 
SER HG   H  N N 303 
SER HXT  H  N N 304 
THR N    N  N N 305 
THR CA   C  N S 306 
THR C    C  N N 307 
THR O    O  N N 308 
THR CB   C  N R 309 
THR OG1  O  N N 310 
THR CG2  C  N N 311 
THR OXT  O  N N 312 
THR H    H  N N 313 
THR H2   H  N N 314 
THR HA   H  N N 315 
THR HB   H  N N 316 
THR HG1  H  N N 317 
THR HG21 H  N N 318 
THR HG22 H  N N 319 
THR HG23 H  N N 320 
THR HXT  H  N N 321 
TRP N    N  N N 322 
TRP CA   C  N S 323 
TRP C    C  N N 324 
TRP O    O  N N 325 
TRP CB   C  N N 326 
TRP CG   C  Y N 327 
TRP CD1  C  Y N 328 
TRP CD2  C  Y N 329 
TRP NE1  N  Y N 330 
TRP CE2  C  Y N 331 
TRP CE3  C  Y N 332 
TRP CZ2  C  Y N 333 
TRP CZ3  C  Y N 334 
TRP CH2  C  Y N 335 
TRP OXT  O  N N 336 
TRP H    H  N N 337 
TRP H2   H  N N 338 
TRP HA   H  N N 339 
TRP HB2  H  N N 340 
TRP HB3  H  N N 341 
TRP HD1  H  N N 342 
TRP HE1  H  N N 343 
TRP HE3  H  N N 344 
TRP HZ2  H  N N 345 
TRP HZ3  H  N N 346 
TRP HH2  H  N N 347 
TRP HXT  H  N N 348 
TYR N    N  N N 349 
TYR CA   C  N S 350 
TYR C    C  N N 351 
TYR O    O  N N 352 
TYR CB   C  N N 353 
TYR CG   C  Y N 354 
TYR CD1  C  Y N 355 
TYR CD2  C  Y N 356 
TYR CE1  C  Y N 357 
TYR CE2  C  Y N 358 
TYR CZ   C  Y N 359 
TYR OH   O  N N 360 
TYR OXT  O  N N 361 
TYR H    H  N N 362 
TYR H2   H  N N 363 
TYR HA   H  N N 364 
TYR HB2  H  N N 365 
TYR HB3  H  N N 366 
TYR HD1  H  N N 367 
TYR HD2  H  N N 368 
TYR HE1  H  N N 369 
TYR HE2  H  N N 370 
TYR HH   H  N N 371 
TYR HXT  H  N N 372 
VAL N    N  N N 373 
VAL CA   C  N S 374 
VAL C    C  N N 375 
VAL O    O  N N 376 
VAL CB   C  N N 377 
VAL CG1  C  N N 378 
VAL CG2  C  N N 379 
VAL OXT  O  N N 380 
VAL H    H  N N 381 
VAL H2   H  N N 382 
VAL HA   H  N N 383 
VAL HB   H  N N 384 
VAL HG11 H  N N 385 
VAL HG12 H  N N 386 
VAL HG13 H  N N 387 
VAL HG21 H  N N 388 
VAL HG22 H  N N 389 
VAL HG23 H  N N 390 
VAL HXT  H  N N 391 
ZN  ZN   ZN N N 392 
# 
loop_
_chem_comp_bond.comp_id 
_chem_comp_bond.atom_id_1 
_chem_comp_bond.atom_id_2 
_chem_comp_bond.value_order 
_chem_comp_bond.pdbx_aromatic_flag 
_chem_comp_bond.pdbx_stereo_config 
_chem_comp_bond.pdbx_ordinal 
ALA N   CA   sing N N 1   
ALA N   H    sing N N 2   
ALA N   H2   sing N N 3   
ALA CA  C    sing N N 4   
ALA CA  CB   sing N N 5   
ALA CA  HA   sing N N 6   
ALA C   O    doub N N 7   
ALA C   OXT  sing N N 8   
ALA CB  HB1  sing N N 9   
ALA CB  HB2  sing N N 10  
ALA CB  HB3  sing N N 11  
ALA OXT HXT  sing N N 12  
ARG N   CA   sing N N 13  
ARG N   H    sing N N 14  
ARG N   H2   sing N N 15  
ARG CA  C    sing N N 16  
ARG CA  CB   sing N N 17  
ARG CA  HA   sing N N 18  
ARG C   O    doub N N 19  
ARG C   OXT  sing N N 20  
ARG CB  CG   sing N N 21  
ARG CB  HB2  sing N N 22  
ARG CB  HB3  sing N N 23  
ARG CG  CD   sing N N 24  
ARG CG  HG2  sing N N 25  
ARG CG  HG3  sing N N 26  
ARG CD  NE   sing N N 27  
ARG CD  HD2  sing N N 28  
ARG CD  HD3  sing N N 29  
ARG NE  CZ   sing N N 30  
ARG NE  HE   sing N N 31  
ARG CZ  NH1  sing N N 32  
ARG CZ  NH2  doub N N 33  
ARG NH1 HH11 sing N N 34  
ARG NH1 HH12 sing N N 35  
ARG NH2 HH21 sing N N 36  
ARG NH2 HH22 sing N N 37  
ARG OXT HXT  sing N N 38  
ASN N   CA   sing N N 39  
ASN N   H    sing N N 40  
ASN N   H2   sing N N 41  
ASN CA  C    sing N N 42  
ASN CA  CB   sing N N 43  
ASN CA  HA   sing N N 44  
ASN C   O    doub N N 45  
ASN C   OXT  sing N N 46  
ASN CB  CG   sing N N 47  
ASN CB  HB2  sing N N 48  
ASN CB  HB3  sing N N 49  
ASN CG  OD1  doub N N 50  
ASN CG  ND2  sing N N 51  
ASN ND2 HD21 sing N N 52  
ASN ND2 HD22 sing N N 53  
ASN OXT HXT  sing N N 54  
ASP N   CA   sing N N 55  
ASP N   H    sing N N 56  
ASP N   H2   sing N N 57  
ASP CA  C    sing N N 58  
ASP CA  CB   sing N N 59  
ASP CA  HA   sing N N 60  
ASP C   O    doub N N 61  
ASP C   OXT  sing N N 62  
ASP CB  CG   sing N N 63  
ASP CB  HB2  sing N N 64  
ASP CB  HB3  sing N N 65  
ASP CG  OD1  doub N N 66  
ASP CG  OD2  sing N N 67  
ASP OD2 HD2  sing N N 68  
ASP OXT HXT  sing N N 69  
CYS N   CA   sing N N 70  
CYS N   H    sing N N 71  
CYS N   H2   sing N N 72  
CYS CA  C    sing N N 73  
CYS CA  CB   sing N N 74  
CYS CA  HA   sing N N 75  
CYS C   O    doub N N 76  
CYS C   OXT  sing N N 77  
CYS CB  SG   sing N N 78  
CYS CB  HB2  sing N N 79  
CYS CB  HB3  sing N N 80  
CYS SG  HG   sing N N 81  
CYS OXT HXT  sing N N 82  
GLN N   CA   sing N N 83  
GLN N   H    sing N N 84  
GLN N   H2   sing N N 85  
GLN CA  C    sing N N 86  
GLN CA  CB   sing N N 87  
GLN CA  HA   sing N N 88  
GLN C   O    doub N N 89  
GLN C   OXT  sing N N 90  
GLN CB  CG   sing N N 91  
GLN CB  HB2  sing N N 92  
GLN CB  HB3  sing N N 93  
GLN CG  CD   sing N N 94  
GLN CG  HG2  sing N N 95  
GLN CG  HG3  sing N N 96  
GLN CD  OE1  doub N N 97  
GLN CD  NE2  sing N N 98  
GLN NE2 HE21 sing N N 99  
GLN NE2 HE22 sing N N 100 
GLN OXT HXT  sing N N 101 
GLU N   CA   sing N N 102 
GLU N   H    sing N N 103 
GLU N   H2   sing N N 104 
GLU CA  C    sing N N 105 
GLU CA  CB   sing N N 106 
GLU CA  HA   sing N N 107 
GLU C   O    doub N N 108 
GLU C   OXT  sing N N 109 
GLU CB  CG   sing N N 110 
GLU CB  HB2  sing N N 111 
GLU CB  HB3  sing N N 112 
GLU CG  CD   sing N N 113 
GLU CG  HG2  sing N N 114 
GLU CG  HG3  sing N N 115 
GLU CD  OE1  doub N N 116 
GLU CD  OE2  sing N N 117 
GLU OE2 HE2  sing N N 118 
GLU OXT HXT  sing N N 119 
GLY N   CA   sing N N 120 
GLY N   H    sing N N 121 
GLY N   H2   sing N N 122 
GLY CA  C    sing N N 123 
GLY CA  HA2  sing N N 124 
GLY CA  HA3  sing N N 125 
GLY C   O    doub N N 126 
GLY C   OXT  sing N N 127 
GLY OXT HXT  sing N N 128 
HIS N   CA   sing N N 129 
HIS N   H    sing N N 130 
HIS N   H2   sing N N 131 
HIS CA  C    sing N N 132 
HIS CA  CB   sing N N 133 
HIS CA  HA   sing N N 134 
HIS C   O    doub N N 135 
HIS C   OXT  sing N N 136 
HIS CB  CG   sing N N 137 
HIS CB  HB2  sing N N 138 
HIS CB  HB3  sing N N 139 
HIS CG  ND1  sing Y N 140 
HIS CG  CD2  doub Y N 141 
HIS ND1 CE1  doub Y N 142 
HIS ND1 HD1  sing N N 143 
HIS CD2 NE2  sing Y N 144 
HIS CD2 HD2  sing N N 145 
HIS CE1 NE2  sing Y N 146 
HIS CE1 HE1  sing N N 147 
HIS NE2 HE2  sing N N 148 
HIS OXT HXT  sing N N 149 
HOH O   H1   sing N N 150 
HOH O   H2   sing N N 151 
ILE N   CA   sing N N 152 
ILE N   H    sing N N 153 
ILE N   H2   sing N N 154 
ILE CA  C    sing N N 155 
ILE CA  CB   sing N N 156 
ILE CA  HA   sing N N 157 
ILE C   O    doub N N 158 
ILE C   OXT  sing N N 159 
ILE CB  CG1  sing N N 160 
ILE CB  CG2  sing N N 161 
ILE CB  HB   sing N N 162 
ILE CG1 CD1  sing N N 163 
ILE CG1 HG12 sing N N 164 
ILE CG1 HG13 sing N N 165 
ILE CG2 HG21 sing N N 166 
ILE CG2 HG22 sing N N 167 
ILE CG2 HG23 sing N N 168 
ILE CD1 HD11 sing N N 169 
ILE CD1 HD12 sing N N 170 
ILE CD1 HD13 sing N N 171 
ILE OXT HXT  sing N N 172 
LEU N   CA   sing N N 173 
LEU N   H    sing N N 174 
LEU N   H2   sing N N 175 
LEU CA  C    sing N N 176 
LEU CA  CB   sing N N 177 
LEU CA  HA   sing N N 178 
LEU C   O    doub N N 179 
LEU C   OXT  sing N N 180 
LEU CB  CG   sing N N 181 
LEU CB  HB2  sing N N 182 
LEU CB  HB3  sing N N 183 
LEU CG  CD1  sing N N 184 
LEU CG  CD2  sing N N 185 
LEU CG  HG   sing N N 186 
LEU CD1 HD11 sing N N 187 
LEU CD1 HD12 sing N N 188 
LEU CD1 HD13 sing N N 189 
LEU CD2 HD21 sing N N 190 
LEU CD2 HD22 sing N N 191 
LEU CD2 HD23 sing N N 192 
LEU OXT HXT  sing N N 193 
LYS N   CA   sing N N 194 
LYS N   H    sing N N 195 
LYS N   H2   sing N N 196 
LYS CA  C    sing N N 197 
LYS CA  CB   sing N N 198 
LYS CA  HA   sing N N 199 
LYS C   O    doub N N 200 
LYS C   OXT  sing N N 201 
LYS CB  CG   sing N N 202 
LYS CB  HB2  sing N N 203 
LYS CB  HB3  sing N N 204 
LYS CG  CD   sing N N 205 
LYS CG  HG2  sing N N 206 
LYS CG  HG3  sing N N 207 
LYS CD  CE   sing N N 208 
LYS CD  HD2  sing N N 209 
LYS CD  HD3  sing N N 210 
LYS CE  NZ   sing N N 211 
LYS CE  HE2  sing N N 212 
LYS CE  HE3  sing N N 213 
LYS NZ  HZ1  sing N N 214 
LYS NZ  HZ2  sing N N 215 
LYS NZ  HZ3  sing N N 216 
LYS OXT HXT  sing N N 217 
MET N   CA   sing N N 218 
MET N   H    sing N N 219 
MET N   H2   sing N N 220 
MET CA  C    sing N N 221 
MET CA  CB   sing N N 222 
MET CA  HA   sing N N 223 
MET C   O    doub N N 224 
MET C   OXT  sing N N 225 
MET CB  CG   sing N N 226 
MET CB  HB2  sing N N 227 
MET CB  HB3  sing N N 228 
MET CG  SD   sing N N 229 
MET CG  HG2  sing N N 230 
MET CG  HG3  sing N N 231 
MET SD  CE   sing N N 232 
MET CE  HE1  sing N N 233 
MET CE  HE2  sing N N 234 
MET CE  HE3  sing N N 235 
MET OXT HXT  sing N N 236 
PHE N   CA   sing N N 237 
PHE N   H    sing N N 238 
PHE N   H2   sing N N 239 
PHE CA  C    sing N N 240 
PHE CA  CB   sing N N 241 
PHE CA  HA   sing N N 242 
PHE C   O    doub N N 243 
PHE C   OXT  sing N N 244 
PHE CB  CG   sing N N 245 
PHE CB  HB2  sing N N 246 
PHE CB  HB3  sing N N 247 
PHE CG  CD1  doub Y N 248 
PHE CG  CD2  sing Y N 249 
PHE CD1 CE1  sing Y N 250 
PHE CD1 HD1  sing N N 251 
PHE CD2 CE2  doub Y N 252 
PHE CD2 HD2  sing N N 253 
PHE CE1 CZ   doub Y N 254 
PHE CE1 HE1  sing N N 255 
PHE CE2 CZ   sing Y N 256 
PHE CE2 HE2  sing N N 257 
PHE CZ  HZ   sing N N 258 
PHE OXT HXT  sing N N 259 
PRO N   CA   sing N N 260 
PRO N   CD   sing N N 261 
PRO N   H    sing N N 262 
PRO CA  C    sing N N 263 
PRO CA  CB   sing N N 264 
PRO CA  HA   sing N N 265 
PRO C   O    doub N N 266 
PRO C   OXT  sing N N 267 
PRO CB  CG   sing N N 268 
PRO CB  HB2  sing N N 269 
PRO CB  HB3  sing N N 270 
PRO CG  CD   sing N N 271 
PRO CG  HG2  sing N N 272 
PRO CG  HG3  sing N N 273 
PRO CD  HD2  sing N N 274 
PRO CD  HD3  sing N N 275 
PRO OXT HXT  sing N N 276 
SER N   CA   sing N N 277 
SER N   H    sing N N 278 
SER N   H2   sing N N 279 
SER CA  C    sing N N 280 
SER CA  CB   sing N N 281 
SER CA  HA   sing N N 282 
SER C   O    doub N N 283 
SER C   OXT  sing N N 284 
SER CB  OG   sing N N 285 
SER CB  HB2  sing N N 286 
SER CB  HB3  sing N N 287 
SER OG  HG   sing N N 288 
SER OXT HXT  sing N N 289 
THR N   CA   sing N N 290 
THR N   H    sing N N 291 
THR N   H2   sing N N 292 
THR CA  C    sing N N 293 
THR CA  CB   sing N N 294 
THR CA  HA   sing N N 295 
THR C   O    doub N N 296 
THR C   OXT  sing N N 297 
THR CB  OG1  sing N N 298 
THR CB  CG2  sing N N 299 
THR CB  HB   sing N N 300 
THR OG1 HG1  sing N N 301 
THR CG2 HG21 sing N N 302 
THR CG2 HG22 sing N N 303 
THR CG2 HG23 sing N N 304 
THR OXT HXT  sing N N 305 
TRP N   CA   sing N N 306 
TRP N   H    sing N N 307 
TRP N   H2   sing N N 308 
TRP CA  C    sing N N 309 
TRP CA  CB   sing N N 310 
TRP CA  HA   sing N N 311 
TRP C   O    doub N N 312 
TRP C   OXT  sing N N 313 
TRP CB  CG   sing N N 314 
TRP CB  HB2  sing N N 315 
TRP CB  HB3  sing N N 316 
TRP CG  CD1  doub Y N 317 
TRP CG  CD2  sing Y N 318 
TRP CD1 NE1  sing Y N 319 
TRP CD1 HD1  sing N N 320 
TRP CD2 CE2  doub Y N 321 
TRP CD2 CE3  sing Y N 322 
TRP NE1 CE2  sing Y N 323 
TRP NE1 HE1  sing N N 324 
TRP CE2 CZ2  sing Y N 325 
TRP CE3 CZ3  doub Y N 326 
TRP CE3 HE3  sing N N 327 
TRP CZ2 CH2  doub Y N 328 
TRP CZ2 HZ2  sing N N 329 
TRP CZ3 CH2  sing Y N 330 
TRP CZ3 HZ3  sing N N 331 
TRP CH2 HH2  sing N N 332 
TRP OXT HXT  sing N N 333 
TYR N   CA   sing N N 334 
TYR N   H    sing N N 335 
TYR N   H2   sing N N 336 
TYR CA  C    sing N N 337 
TYR CA  CB   sing N N 338 
TYR CA  HA   sing N N 339 
TYR C   O    doub N N 340 
TYR C   OXT  sing N N 341 
TYR CB  CG   sing N N 342 
TYR CB  HB2  sing N N 343 
TYR CB  HB3  sing N N 344 
TYR CG  CD1  doub Y N 345 
TYR CG  CD2  sing Y N 346 
TYR CD1 CE1  sing Y N 347 
TYR CD1 HD1  sing N N 348 
TYR CD2 CE2  doub Y N 349 
TYR CD2 HD2  sing N N 350 
TYR CE1 CZ   doub Y N 351 
TYR CE1 HE1  sing N N 352 
TYR CE2 CZ   sing Y N 353 
TYR CE2 HE2  sing N N 354 
TYR CZ  OH   sing N N 355 
TYR OH  HH   sing N N 356 
TYR OXT HXT  sing N N 357 
VAL N   CA   sing N N 358 
VAL N   H    sing N N 359 
VAL N   H2   sing N N 360 
VAL CA  C    sing N N 361 
VAL CA  CB   sing N N 362 
VAL CA  HA   sing N N 363 
VAL C   O    doub N N 364 
VAL C   OXT  sing N N 365 
VAL CB  CG1  sing N N 366 
VAL CB  CG2  sing N N 367 
VAL CB  HB   sing N N 368 
VAL CG1 HG11 sing N N 369 
VAL CG1 HG12 sing N N 370 
VAL CG1 HG13 sing N N 371 
VAL CG2 HG21 sing N N 372 
VAL CG2 HG22 sing N N 373 
VAL CG2 HG23 sing N N 374 
VAL OXT HXT  sing N N 375 
# 
_atom_sites.entry_id                    1XKI 
_atom_sites.fract_transf_matrix[1][1]   -0.01208715 
_atom_sites.fract_transf_matrix[1][2]   -0.01188255 
_atom_sites.fract_transf_matrix[1][3]   0.00149417 
_atom_sites.fract_transf_matrix[2][1]   0.01145800 
_atom_sites.fract_transf_matrix[2][2]   -0.01151691 
_atom_sites.fract_transf_matrix[2][3]   0.00110051 
_atom_sites.fract_transf_matrix[3][1]   -0.01132027 
_atom_sites.fract_transf_matrix[3][2]   -0.00925562 
_atom_sites.fract_transf_matrix[3][3]   0.02100079 
_atom_sites.fract_transf_vector[1]      0.345873 
_atom_sites.fract_transf_vector[2]      0.556799 
_atom_sites.fract_transf_vector[3]      0.103003 
# 
loop_
_atom_type.symbol 
C  
CL 
N  
O  
S  
ZN 
# 
loop_
_atom_site.group_PDB 
_atom_site.id 
_atom_site.type_symbol 
_atom_site.label_atom_id 
_atom_site.label_alt_id 
_atom_site.label_comp_id 
_atom_site.label_asym_id 
_atom_site.label_entity_id 
_atom_site.label_seq_id 
_atom_site.pdbx_PDB_ins_code 
_atom_site.Cartn_x 
_atom_site.Cartn_y 
_atom_site.Cartn_z 
_atom_site.occupancy 
_atom_site.B_iso_or_equiv 
_atom_site.pdbx_formal_charge 
_atom_site.auth_seq_id 
_atom_site.auth_comp_id 
_atom_site.auth_asym_id 
_atom_site.auth_atom_id 
_atom_site.pdbx_PDB_model_num 
ATOM   1    N  N   . ASP A 1 8   ? 0.222   12.723  -8.617  1.00 57.06 ? 12   ASP A N   1 
ATOM   2    C  CA  . ASP A 1 8   ? 1.079   11.524  -8.862  1.00 53.32 ? 12   ASP A CA  1 
ATOM   3    C  C   . ASP A 1 8   ? 1.170   10.638  -7.619  1.00 46.77 ? 12   ASP A C   1 
ATOM   4    O  O   . ASP A 1 8   ? 0.710   11.006  -6.533  1.00 44.15 ? 12   ASP A O   1 
ATOM   5    C  CB  . ASP A 1 8   ? 2.479   11.927  -9.343  1.00 60.76 ? 12   ASP A CB  1 
ATOM   6    C  CG  . ASP A 1 8   ? 3.210   12.830  -8.359  1.00 65.63 ? 12   ASP A CG  1 
ATOM   7    O  OD1 . ASP A 1 8   ? 2.680   13.074  -7.250  1.00 66.63 ? 12   ASP A OD1 1 
ATOM   8    O  OD2 . ASP A 1 8   ? 4.324   13.350  -8.607  1.00 68.14 ? 12   ASP A OD2 1 
ATOM   9    N  N   . VAL A 1 9   ? 1.759   9.458   -7.761  1.00 38.09 ? 13   VAL A N   1 
ATOM   10   C  CA  . VAL A 1 9   ? 1.805   8.582   -6.590  1.00 34.82 ? 13   VAL A CA  1 
ATOM   11   C  C   . VAL A 1 9   ? 3.077   8.800   -5.781  1.00 32.33 ? 13   VAL A C   1 
ATOM   12   O  O   . VAL A 1 9   ? 3.267   8.216   -4.707  1.00 32.08 ? 13   VAL A O   1 
ATOM   13   C  CB  . VAL A 1 9   ? 1.658   7.097   -6.943  1.00 38.14 ? 13   VAL A CB  1 
ATOM   14   C  CG1 . VAL A 1 9   ? 0.298   6.849   -7.608  1.00 40.46 ? 13   VAL A CG1 1 
ATOM   15   C  CG2 . VAL A 1 9   ? 2.803   6.627   -7.817  1.00 42.79 ? 13   VAL A CG2 1 
ATOM   16   N  N   . SER A 1 10  ? 3.996   9.627   -6.254  1.00 28.10 ? 14   SER A N   1 
ATOM   17   C  CA  . SER A 1 10  ? 5.175   9.778   -5.399  1.00 29.57 ? 14   SER A CA  1 
ATOM   18   C  C   . SER A 1 10  ? 4.814   10.593  -4.135  1.00 34.19 ? 14   SER A C   1 
ATOM   19   O  O   . SER A 1 10  ? 3.904   11.435  -4.130  1.00 33.03 ? 14   SER A O   1 
ATOM   20   C  CB  . SER A 1 10  ? 6.369   10.294  -6.203  1.00 37.07 ? 14   SER A CB  1 
ATOM   21   O  OG  . SER A 1 10  ? 6.143   11.627  -6.568  1.00 38.61 ? 14   SER A OG  1 
ATOM   22   N  N   . GLY A 1 11  ? 5.506   10.316  -3.036  1.00 27.82 ? 15   GLY A N   1 
ATOM   23   C  CA  . GLY A 1 11  ? 5.321   11.024  -1.774  1.00 29.93 ? 15   GLY A CA  1 
ATOM   24   C  C   . GLY A 1 11  ? 5.473   10.076  -0.594  1.00 25.35 ? 15   GLY A C   1 
ATOM   25   O  O   . GLY A 1 11  ? 5.849   8.906   -0.764  1.00 25.89 ? 15   GLY A O   1 
ATOM   26   N  N   . THR A 1 12  ? 5.166   10.565  0.604   1.00 22.35 ? 16   THR A N   1 
ATOM   27   C  CA  . THR A 1 12  ? 5.223   9.717   1.814   1.00 22.86 ? 16   THR A CA  1 
ATOM   28   C  C   . THR A 1 12  ? 3.795   9.380   2.215   1.00 26.15 ? 16   THR A C   1 
ATOM   29   O  O   . THR A 1 12  ? 3.008   10.318  2.405   1.00 24.29 ? 16   THR A O   1 
ATOM   30   C  CB  . THR A 1 12  ? 5.896   10.502  2.946   1.00 26.41 ? 16   THR A CB  1 
ATOM   31   O  OG1 . THR A 1 12  ? 7.275   10.690  2.582   1.00 26.52 ? 16   THR A OG1 1 
ATOM   32   C  CG2 . THR A 1 12  ? 5.900   9.669   4.228   1.00 21.70 ? 16   THR A CG2 1 
ATOM   33   N  N   . TRP A 1 13  ? 3.488   8.088   2.331   1.00 22.22 ? 17   TRP A N   1 
ATOM   34   C  CA  . TRP A 1 13  ? 2.118   7.609   2.507   1.00 18.59 ? 17   TRP A CA  1 
ATOM   35   C  C   . TRP A 1 13  ? 1.937   6.997   3.873   1.00 20.71 ? 17   TRP A C   1 
ATOM   36   O  O   . TRP A 1 13  ? 2.685   6.072   4.217   1.00 25.75 ? 17   TRP A O   1 
ATOM   37   C  CB  . TRP A 1 13  ? 1.764   6.544   1.448   1.00 18.54 ? 17   TRP A CB  1 
ATOM   38   C  CG  . TRP A 1 13  ? 1.816   7.165   0.069   1.00 21.10 ? 17   TRP A CG  1 
ATOM   39   C  CD1 . TRP A 1 13  ? 2.848   7.098   -0.846  1.00 20.07 ? 17   TRP A CD1 1 
ATOM   40   C  CD2 . TRP A 1 13  ? 0.852   8.070   -0.478  1.00 20.86 ? 17   TRP A CD2 1 
ATOM   41   N  NE1 . TRP A 1 13  ? 2.546   7.856   -1.958  1.00 22.93 ? 17   TRP A NE1 1 
ATOM   42   C  CE2 . TRP A 1 13  ? 1.334   8.475   -1.749  1.00 20.92 ? 17   TRP A CE2 1 
ATOM   43   C  CE3 . TRP A 1 13  ? -0.411  8.535   -0.054  1.00 20.24 ? 17   TRP A CE3 1 
ATOM   44   C  CZ2 . TRP A 1 13  ? 0.621   9.341   -2.592  1.00 22.04 ? 17   TRP A CZ2 1 
ATOM   45   C  CZ3 . TRP A 1 13  ? -1.096  9.412   -0.910  1.00 18.98 ? 17   TRP A CZ3 1 
ATOM   46   C  CH2 . TRP A 1 13  ? -0.598  9.776   -2.147  1.00 23.79 ? 17   TRP A CH2 1 
ATOM   47   N  N   . TYR A 1 14  ? 0.879   7.391   4.589   1.00 17.32 ? 18   TYR A N   1 
ATOM   48   C  CA  . TYR A 1 14  ? 0.648   6.924   5.948   1.00 18.73 ? 18   TYR A CA  1 
ATOM   49   C  C   . TYR A 1 14  ? -0.530  5.954   5.931   1.00 17.74 ? 18   TYR A C   1 
ATOM   50   O  O   . TYR A 1 14  ? -1.548  6.250   5.272   1.00 16.12 ? 18   TYR A O   1 
ATOM   51   C  CB  . TYR A 1 14  ? 0.290   8.131   6.866   1.00 16.98 ? 18   TYR A CB  1 
ATOM   52   C  CG  . TYR A 1 14  ? 1.491   9.046   7.141   1.00 18.44 ? 18   TYR A CG  1 
ATOM   53   C  CD1 . TYR A 1 14  ? 1.800   10.060  6.255   1.00 20.11 ? 18   TYR A CD1 1 
ATOM   54   C  CD2 . TYR A 1 14  ? 2.298   8.871   8.269   1.00 23.78 ? 18   TYR A CD2 1 
ATOM   55   C  CE1 . TYR A 1 14  ? 2.927   10.888  6.431   1.00 23.14 ? 18   TYR A CE1 1 
ATOM   56   C  CE2 . TYR A 1 14  ? 3.412   9.704   8.477   1.00 24.52 ? 18   TYR A CE2 1 
ATOM   57   C  CZ  . TYR A 1 14  ? 3.709   10.692  7.553   1.00 26.07 ? 18   TYR A CZ  1 
ATOM   58   O  OH  . TYR A 1 14  ? 4.808   11.535  7.699   1.00 30.63 ? 18   TYR A OH  1 
ATOM   59   N  N   . LEU A 1 15  ? -0.400  4.817   6.622   1.00 14.04 ? 19   LEU A N   1 
ATOM   60   C  CA  . LEU A 1 15  ? -1.426  3.777   6.536   1.00 19.12 ? 19   LEU A CA  1 
ATOM   61   C  C   . LEU A 1 15  ? -2.628  4.211   7.380   1.00 21.52 ? 19   LEU A C   1 
ATOM   62   O  O   . LEU A 1 15  ? -2.436  4.535   8.575   1.00 20.42 ? 19   LEU A O   1 
ATOM   63   C  CB  . LEU A 1 15  ? -0.905  2.466   7.113   1.00 21.51 ? 19   LEU A CB  1 
ATOM   64   C  CG  . LEU A 1 15  ? -1.863  1.257   7.020   1.00 21.64 ? 19   LEU A CG  1 
ATOM   65   C  CD1 . LEU A 1 15  ? -2.353  0.943   5.586   1.00 17.85 ? 19   LEU A CD1 1 
ATOM   66   C  CD2 . LEU A 1 15  ? -1.236  -0.031  7.599   1.00 24.13 ? 19   LEU A CD2 1 
ATOM   67   N  N   . LYS A 1 16  ? -3.819  4.158   6.780   1.00 13.05 ? 20   LYS A N   1 
ATOM   68   C  CA  . LYS A 1 16  ? -5.081  4.513   7.480   1.00 15.66 ? 20   LYS A CA  1 
ATOM   69   C  C   . LYS A 1 16  ? -5.899  3.292   7.893   1.00 16.52 ? 20   LYS A C   1 
ATOM   70   O  O   . LYS A 1 16  ? -6.557  3.318   8.930   1.00 18.36 ? 20   LYS A O   1 
ATOM   71   C  CB  . LYS A 1 16  ? -5.961  5.386   6.581   1.00 16.98 ? 20   LYS A CB  1 
ATOM   72   C  CG  . LYS A 1 16  ? -5.207  6.540   5.930   1.00 16.22 ? 20   LYS A CG  1 
ATOM   73   C  CD  . LYS A 1 16  ? -4.755  7.512   7.068   1.00 18.71 ? 20   LYS A CD  1 
ATOM   74   C  CE  . LYS A 1 16  ? -3.891  8.582   6.417   1.00 19.75 ? 20   LYS A CE  1 
ATOM   75   N  NZ  . LYS A 1 16  ? -3.337  9.596   7.417   1.00 25.20 ? 20   LYS A NZ  1 
ATOM   76   N  N   . ALA A 1 17  ? -5.922  2.236   7.073   1.00 16.53 ? 21   ALA A N   1 
ATOM   77   C  CA  . ALA A 1 17  ? -6.678  1.011   7.320   1.00 15.74 ? 21   ALA A CA  1 
ATOM   78   C  C   . ALA A 1 17  ? -6.170  -0.129  6.420   1.00 16.52 ? 21   ALA A C   1 
ATOM   79   O  O   . ALA A 1 17  ? -5.729  0.125   5.276   1.00 18.58 ? 21   ALA A O   1 
ATOM   80   C  CB  . ALA A 1 17  ? -8.181  1.216   7.090   1.00 14.92 ? 21   ALA A CB  1 
ATOM   81   N  N   . MET A 1 18  ? -6.178  -1.341  6.950   1.00 14.99 ? 22   MET A N   1 
ATOM   82   C  CA  . MET A 1 18  ? -5.740  -2.487  6.142   1.00 16.83 ? 22   MET A CA  1 
ATOM   83   C  C   . MET A 1 18  ? -6.586  -3.717  6.423   1.00 20.89 ? 22   MET A C   1 
ATOM   84   O  O   . MET A 1 18  ? -7.035  -3.942  7.553   1.00 19.35 ? 22   MET A O   1 
ATOM   85   C  CB  . MET A 1 18  ? -4.257  -2.744  6.490   1.00 20.98 ? 22   MET A CB  1 
ATOM   86   C  CG  . MET A 1 18  ? -3.479  -3.961  6.144   1.00 36.65 ? 22   MET A CG  1 
ATOM   87   S  SD  . MET A 1 18  ? -2.015  -3.801  7.261   1.00 37.08 ? 22   MET A SD  1 
ATOM   88   C  CE  . MET A 1 18  ? -1.855  -5.575  7.507   1.00 42.51 ? 22   MET A CE  1 
ATOM   89   N  N   . THR A 1 19  ? -6.810  -4.548  5.406   1.00 16.46 ? 23   THR A N   1 
ATOM   90   C  CA  . THR A 1 19  ? -7.455  -5.842  5.733   1.00 16.83 ? 23   THR A CA  1 
ATOM   91   C  C   . THR A 1 19  ? -6.488  -6.829  6.389   1.00 22.46 ? 23   THR A C   1 
ATOM   92   O  O   . THR A 1 19  ? -5.302  -6.859  6.009   1.00 22.85 ? 23   THR A O   1 
ATOM   93   C  CB  . THR A 1 19  ? -8.116  -6.515  4.470   1.00 20.39 ? 23   THR A CB  1 
ATOM   94   O  OG1 . THR A 1 19  ? -7.134  -6.689  3.411   1.00 18.95 ? 23   THR A OG1 1 
ATOM   95   C  CG2 . THR A 1 19  ? -9.257  -5.672  3.966   1.00 20.49 ? 23   THR A CG2 1 
ATOM   96   N  N   . VAL A 1 20  ? -6.997  -7.673  7.300   1.00 22.06 ? 24   VAL A N   1 
ATOM   97   C  CA  . VAL A 1 20  ? -6.188  -8.662  8.008   1.00 25.68 ? 24   VAL A CA  1 
ATOM   98   C  C   . VAL A 1 20  ? -6.882  -10.026 8.036   1.00 28.72 ? 24   VAL A C   1 
ATOM   99   O  O   . VAL A 1 20  ? -8.094  -10.080 8.268   1.00 30.52 ? 24   VAL A O   1 
ATOM   100  C  CB  . VAL A 1 20  ? -5.920  -8.195  9.480   1.00 32.67 ? 24   VAL A CB  1 
ATOM   101  C  CG1 . VAL A 1 20  ? -5.669  -9.393  10.386  1.00 33.52 ? 24   VAL A CG1 1 
ATOM   102  C  CG2 . VAL A 1 20  ? -4.747  -7.232  9.510   1.00 32.76 ? 24   VAL A CG2 1 
ATOM   103  N  N   . ASN A 1 28  ? 1.684   -7.503  10.888  1.00 78.33 ? 32   ASN A N   1 
ATOM   104  C  CA  . ASN A 1 28  ? 3.024   -6.951  11.055  1.00 76.83 ? 32   ASN A CA  1 
ATOM   105  C  C   . ASN A 1 28  ? 3.863   -7.139  9.790   1.00 75.19 ? 32   ASN A C   1 
ATOM   106  O  O   . ASN A 1 28  ? 3.535   -7.971  8.937   1.00 76.00 ? 32   ASN A O   1 
ATOM   107  C  CB  . ASN A 1 28  ? 3.724   -7.567  12.274  1.00 79.95 ? 32   ASN A CB  1 
ATOM   108  C  CG  . ASN A 1 28  ? 5.033   -6.872  12.605  1.00 81.59 ? 32   ASN A CG  1 
ATOM   109  O  OD1 . ASN A 1 28  ? 5.190   -5.677  12.345  1.00 82.81 ? 32   ASN A OD1 1 
ATOM   110  N  ND2 . ASN A 1 28  ? 5.981   -7.615  13.175  1.00 81.37 ? 32   ASN A ND2 1 
ATOM   111  N  N   . LEU A 1 29  ? 4.946   -6.370  9.685   1.00 69.79 ? 33   LEU A N   1 
ATOM   112  C  CA  . LEU A 1 29  ? 5.748   -6.277  8.466   1.00 65.50 ? 33   LEU A CA  1 
ATOM   113  C  C   . LEU A 1 29  ? 4.893   -5.638  7.369   1.00 61.08 ? 33   LEU A C   1 
ATOM   114  O  O   . LEU A 1 29  ? 5.290   -4.658  6.740   1.00 58.49 ? 33   LEU A O   1 
ATOM   115  C  CB  . LEU A 1 29  ? 6.311   -7.631  8.010   1.00 67.43 ? 33   LEU A CB  1 
ATOM   116  C  CG  . LEU A 1 29  ? 7.347   -8.406  8.836   1.00 68.62 ? 33   LEU A CG  1 
ATOM   117  C  CD1 . LEU A 1 29  ? 8.245   -9.216  7.910   1.00 68.72 ? 33   LEU A CD1 1 
ATOM   118  C  CD2 . LEU A 1 29  ? 8.185   -7.467  9.691   1.00 68.88 ? 33   LEU A CD2 1 
ATOM   119  N  N   . GLU A 1 30  ? 3.702   -6.186  7.144   1.00 57.30 ? 34   GLU A N   1 
ATOM   120  C  CA  . GLU A 1 30  ? 2.747   -5.571  6.223   1.00 52.46 ? 34   GLU A CA  1 
ATOM   121  C  C   . GLU A 1 30  ? 2.214   -4.226  6.731   1.00 44.79 ? 34   GLU A C   1 
ATOM   122  O  O   . GLU A 1 30  ? 1.831   -3.371  5.934   1.00 45.27 ? 34   GLU A O   1 
ATOM   123  C  CB  . GLU A 1 30  ? 1.572   -6.514  5.938   1.00 57.65 ? 34   GLU A CB  1 
ATOM   124  C  CG  . GLU A 1 30  ? 1.959   -7.830  5.291   1.00 60.27 ? 34   GLU A CG  1 
ATOM   125  C  CD  . GLU A 1 30  ? 2.354   -7.703  3.830   1.00 63.79 ? 34   GLU A CD  1 
ATOM   126  O  OE1 . GLU A 1 30  ? 2.733   -6.597  3.385   1.00 65.22 ? 34   GLU A OE1 1 
ATOM   127  O  OE2 . GLU A 1 30  ? 2.293   -8.727  3.108   1.00 64.95 ? 34   GLU A OE2 1 
ATOM   128  N  N   . SER A 1 31  ? 2.189   -4.028  8.044   1.00 35.18 ? 35   SER A N   1 
ATOM   129  C  CA  . SER A 1 31  ? 1.647   -2.784  8.610   1.00 38.93 ? 35   SER A CA  1 
ATOM   130  C  C   . SER A 1 31  ? 2.655   -1.662  8.932   1.00 37.45 ? 35   SER A C   1 
ATOM   131  O  O   . SER A 1 31  ? 2.281   -0.665  9.569   1.00 36.29 ? 35   SER A O   1 
ATOM   132  C  CB  . SER A 1 31  ? 0.760   -3.086  9.830   1.00 43.34 ? 35   SER A CB  1 
ATOM   133  O  OG  . SER A 1 31  ? 1.527   -3.171  11.022  1.00 46.41 ? 35   SER A OG  1 
ATOM   134  N  N   . VAL A 1 32  ? 3.907   -1.788  8.495   1.00 33.74 ? 36   VAL A N   1 
ATOM   135  C  CA  . VAL A 1 32  ? 4.903   -0.708  8.658   1.00 32.01 ? 36   VAL A CA  1 
ATOM   136  C  C   . VAL A 1 32  ? 4.457   0.575   7.947   1.00 32.45 ? 36   VAL A C   1 
ATOM   137  O  O   . VAL A 1 32  ? 4.060   0.533   6.774   1.00 28.51 ? 36   VAL A O   1 
ATOM   138  C  CB  . VAL A 1 32  ? 6.315   -1.132  8.163   1.00 34.18 ? 36   VAL A CB  1 
ATOM   139  C  CG1 . VAL A 1 32  ? 7.311   0.018   8.277   1.00 31.26 ? 36   VAL A CG1 1 
ATOM   140  C  CG2 . VAL A 1 32  ? 6.804   -2.323  8.991   1.00 36.31 ? 36   VAL A CG2 1 
ATOM   141  N  N   . THR A 1 33  ? 4.510   1.705   8.643   1.00 31.71 ? 37   THR A N   1 
ATOM   142  C  CA  . THR A 1 33  ? 4.060   2.992   8.114   1.00 27.50 ? 37   THR A CA  1 
ATOM   143  C  C   . THR A 1 33  ? 4.886   4.137   8.723   1.00 28.68 ? 37   THR A C   1 
ATOM   144  O  O   . THR A 1 33  ? 5.279   4.028   9.900   1.00 31.28 ? 37   THR A O   1 
ATOM   145  C  CB  . THR A 1 33  ? 2.512   3.122   8.421   1.00 30.01 ? 37   THR A CB  1 
ATOM   146  O  OG1 . THR A 1 33  ? 2.004   4.423   8.104   1.00 26.17 ? 37   THR A OG1 1 
ATOM   147  C  CG2 . THR A 1 33  ? 2.175   2.926   9.918   1.00 34.54 ? 37   THR A CG2 1 
ATOM   148  N  N   . PRO A 1 34  ? 5.182   5.205   7.982   1.00 23.69 ? 38   PRO A N   1 
ATOM   149  C  CA  . PRO A 1 34  ? 4.825   5.382   6.589   1.00 21.99 ? 38   PRO A CA  1 
ATOM   150  C  C   . PRO A 1 34  ? 5.738   4.693   5.550   1.00 23.67 ? 38   PRO A C   1 
ATOM   151  O  O   . PRO A 1 34  ? 6.737   4.063   5.915   1.00 26.07 ? 38   PRO A O   1 
ATOM   152  C  CB  . PRO A 1 34  ? 4.962   6.891   6.422   1.00 25.64 ? 38   PRO A CB  1 
ATOM   153  C  CG  . PRO A 1 34  ? 6.101   7.203   7.313   1.00 29.36 ? 38   PRO A CG  1 
ATOM   154  C  CD  . PRO A 1 34  ? 5.849   6.410   8.521   1.00 26.99 ? 38   PRO A CD  1 
ATOM   155  N  N   . MET A 1 35  ? 5.342   4.722   4.280   1.00 23.96 ? 39   MET A N   1 
ATOM   156  C  CA  . MET A 1 35  ? 6.206   4.201   3.169   1.00 22.39 ? 39   MET A CA  1 
ATOM   157  C  C   . MET A 1 35  ? 6.379   5.364   2.224   1.00 27.54 ? 39   MET A C   1 
ATOM   158  O  O   . MET A 1 35  ? 5.390   6.065   1.935   1.00 27.13 ? 39   MET A O   1 
ATOM   159  C  CB  . MET A 1 35  ? 5.627   3.013   2.383   1.00 29.12 ? 39   MET A CB  1 
ATOM   160  C  CG  . MET A 1 35  ? 6.100   2.779   0.853   1.00 27.55 ? 39   MET A CG  1 
ATOM   161  S  SD  . MET A 1 35  ? 5.260   1.296   0.214   1.00 41.94 ? 39   MET A SD  1 
ATOM   162  C  CE  . MET A 1 35  ? 3.729   2.124   -0.214  1.00 38.13 ? 39   MET A CE  1 
ATOM   163  N  N   . THR A 1 36  ? 7.597   5.573   1.717   1.00 18.12 ? 40   THR A N   1 
ATOM   164  C  CA  . THR A 1 36  ? 7.841   6.669   0.760   1.00 20.24 ? 40   THR A CA  1 
ATOM   165  C  C   . THR A 1 36  ? 8.043   6.027   -0.622  1.00 22.95 ? 40   THR A C   1 
ATOM   166  O  O   . THR A 1 36  ? 8.769   5.021   -0.732  1.00 21.77 ? 40   THR A O   1 
ATOM   167  C  CB  . THR A 1 36  ? 9.079   7.475   1.203   1.00 23.06 ? 40   THR A CB  1 
ATOM   168  O  OG1 . THR A 1 36  ? 8.788   8.322   2.330   1.00 27.71 ? 40   THR A OG1 1 
ATOM   169  C  CG2 . THR A 1 36  ? 9.534   8.470   0.121   1.00 22.20 ? 40   THR A CG2 1 
ATOM   170  N  N   . LEU A 1 37  ? 7.373   6.572   -1.640  1.00 18.76 ? 41   LEU A N   1 
ATOM   171  C  CA  . LEU A 1 37  ? 7.460   6.109   -3.026  1.00 20.24 ? 41   LEU A CA  1 
ATOM   172  C  C   . LEU A 1 37  ? 8.143   7.219   -3.839  1.00 24.30 ? 41   LEU A C   1 
ATOM   173  O  O   . LEU A 1 37  ? 7.702   8.382   -3.766  1.00 25.62 ? 41   LEU A O   1 
ATOM   174  C  CB  . LEU A 1 37  ? 6.053   5.835   -3.601  1.00 22.24 ? 41   LEU A CB  1 
ATOM   175  C  CG  . LEU A 1 37  ? 5.186   4.642   -3.173  1.00 23.24 ? 41   LEU A CG  1 
ATOM   176  C  CD1 . LEU A 1 37  ? 3.838   4.582   -3.877  1.00 23.88 ? 41   LEU A CD1 1 
ATOM   177  C  CD2 . LEU A 1 37  ? 5.940   3.352   -3.522  1.00 25.05 ? 41   LEU A CD2 1 
ATOM   178  N  N   . THR A 1 38  ? 9.221   6.864   -4.544  1.00 22.36 ? 42   THR A N   1 
ATOM   179  C  CA  . THR A 1 38  ? 9.964   7.773   -5.444  1.00 25.45 ? 42   THR A CA  1 
ATOM   180  C  C   . THR A 1 38  ? 9.942   7.241   -6.877  1.00 27.97 ? 42   THR A C   1 
ATOM   181  O  O   . THR A 1 38  ? 10.208  6.050   -7.085  1.00 26.94 ? 42   THR A O   1 
ATOM   182  C  CB  . THR A 1 38  ? 11.420  7.819   -4.957  1.00 25.69 ? 42   THR A CB  1 
ATOM   183  O  OG1 . THR A 1 38  ? 11.465  8.242   -3.581  1.00 26.56 ? 42   THR A OG1 1 
ATOM   184  C  CG2 . THR A 1 38  ? 12.245  8.851   -5.765  1.00 30.75 ? 42   THR A CG2 1 
ATOM   185  N  N   . THR A 1 39  ? 9.618   8.094   -7.847  1.00 27.42 ? 43   THR A N   1 
ATOM   186  C  CA  . THR A 1 39  ? 9.618   7.678   -9.238  1.00 30.17 ? 43   THR A CA  1 
ATOM   187  C  C   . THR A 1 39  ? 11.038  7.635   -9.754  1.00 32.15 ? 43   THR A C   1 
ATOM   188  O  O   . THR A 1 39  ? 11.838  8.546   -9.527  1.00 33.00 ? 43   THR A O   1 
ATOM   189  C  CB  . THR A 1 39  ? 8.763   8.602   -10.129 1.00 33.94 ? 43   THR A CB  1 
ATOM   190  O  OG1 . THR A 1 39  ? 7.395   8.506   -9.711  1.00 34.95 ? 43   THR A OG1 1 
ATOM   191  C  CG2 . THR A 1 39  ? 8.731   8.050   -11.565 1.00 34.50 ? 43   THR A CG2 1 
ATOM   192  N  N   . LEU A 1 40  ? 11.321  6.556   -10.460 1.00 29.06 ? 44   LEU A N   1 
ATOM   193  C  CA  . LEU A 1 40  ? 12.657  6.327   -10.952 1.00 30.06 ? 44   LEU A CA  1 
ATOM   194  C  C   . LEU A 1 40  ? 12.591  6.588   -12.449 1.00 35.97 ? 44   LEU A C   1 
ATOM   195  O  O   . LEU A 1 40  ? 11.521  6.583   -13.065 1.00 35.66 ? 44   LEU A O   1 
ATOM   196  C  CB  . LEU A 1 40  ? 13.094  4.903   -10.627 1.00 30.99 ? 44   LEU A CB  1 
ATOM   197  C  CG  . LEU A 1 40  ? 13.141  4.497   -9.151  1.00 30.43 ? 44   LEU A CG  1 
ATOM   198  C  CD1 . LEU A 1 40  ? 13.476  3.040   -8.988  1.00 31.36 ? 44   LEU A CD1 1 
ATOM   199  C  CD2 . LEU A 1 40  ? 14.133  5.377   -8.354  1.00 33.06 ? 44   LEU A CD2 1 
ATOM   200  N  N   . GLU A 1 41  ? 13.745  6.844   -13.044 1.00 46.71 ? 45   GLU A N   1 
ATOM   201  C  CA  . GLU A 1 41  ? 13.745  6.986   -14.487 1.00 52.92 ? 45   GLU A CA  1 
ATOM   202  C  C   . GLU A 1 41  ? 13.307  5.702   -15.149 1.00 51.81 ? 45   GLU A C   1 
ATOM   203  O  O   . GLU A 1 41  ? 13.839  4.640   -14.836 1.00 56.30 ? 45   GLU A O   1 
ATOM   204  C  CB  . GLU A 1 41  ? 15.139  7.310   -14.964 1.00 58.63 ? 45   GLU A CB  1 
ATOM   205  C  CG  . GLU A 1 41  ? 15.409  8.766   -14.708 1.00 65.59 ? 45   GLU A CG  1 
ATOM   206  C  CD  . GLU A 1 41  ? 16.733  9.094   -15.325 1.00 69.75 ? 45   GLU A CD  1 
ATOM   207  O  OE1 . GLU A 1 41  ? 17.260  8.221   -16.059 1.00 72.64 ? 45   GLU A OE1 1 
ATOM   208  O  OE2 . GLU A 1 41  ? 17.240  10.209  -15.062 0.50 70.88 ? 45   GLU A OE2 1 
ATOM   209  N  N   . GLY A 1 42  ? 12.352  5.834   -16.063 1.00 50.79 ? 46   GLY A N   1 
ATOM   210  C  CA  . GLY A 1 42  ? 11.773  4.696   -16.751 1.00 45.07 ? 46   GLY A CA  1 
ATOM   211  C  C   . GLY A 1 42  ? 10.390  4.354   -16.245 1.00 46.56 ? 46   GLY A C   1 
ATOM   212  O  O   . GLY A 1 42  ? 9.738   3.472   -16.803 1.00 49.23 ? 46   GLY A O   1 
ATOM   213  N  N   . GLY A 1 43  ? 9.927   5.021   -15.185 1.00 40.10 ? 47   GLY A N   1 
ATOM   214  C  CA  . GLY A 1 43  ? 8.593   4.728   -14.628 1.00 34.85 ? 47   GLY A CA  1 
ATOM   215  C  C   . GLY A 1 43  ? 8.496   3.752   -13.451 1.00 28.51 ? 47   GLY A C   1 
ATOM   216  O  O   . GLY A 1 43  ? 7.421   3.591   -12.852 1.00 31.45 ? 47   GLY A O   1 
ATOM   217  N  N   . ASN A 1 44  ? 9.598   3.095   -13.099 1.00 27.13 ? 48   ASN A N   1 
ATOM   218  C  CA  . ASN A 1 44  ? 9.547   2.153   -11.967 1.00 23.55 ? 48   ASN A CA  1 
ATOM   219  C  C   . ASN A 1 44  ? 9.456   3.034   -10.722 1.00 21.99 ? 48   ASN A C   1 
ATOM   220  O  O   . ASN A 1 44  ? 9.755   4.219   -10.808 1.00 23.51 ? 48   ASN A O   1 
ATOM   221  C  CB  . ASN A 1 44  ? 10.820  1.318   -11.913 1.00 24.67 ? 48   ASN A CB  1 
ATOM   222  C  CG  . ASN A 1 44  ? 10.865  0.227   -12.992 1.00 27.14 ? 48   ASN A CG  1 
ATOM   223  O  OD1 . ASN A 1 44  ? 9.866   -0.096  -13.643 1.00 24.87 ? 48   ASN A OD1 1 
ATOM   224  N  ND2 . ASN A 1 44  ? 12.044  -0.335  -13.184 1.00 29.48 ? 48   ASN A ND2 1 
ATOM   225  N  N   . LEU A 1 45  ? 9.099   2.457   -9.574  1.00 19.25 ? 49   LEU A N   1 
ATOM   226  C  CA  . LEU A 1 45  ? 9.046   3.196   -8.283  1.00 16.26 ? 49   LEU A CA  1 
ATOM   227  C  C   . LEU A 1 45  ? 9.992   2.545   -7.273  1.00 18.30 ? 49   LEU A C   1 
ATOM   228  O  O   . LEU A 1 45  ? 10.168  1.321   -7.298  1.00 21.88 ? 49   LEU A O   1 
ATOM   229  C  CB  . LEU A 1 45  ? 7.635   3.068   -7.691  1.00 23.79 ? 49   LEU A CB  1 
ATOM   230  C  CG  . LEU A 1 45  ? 6.497   3.617   -8.567  1.00 24.69 ? 49   LEU A CG  1 
ATOM   231  C  CD1 . LEU A 1 45  ? 5.154   3.382   -7.868  1.00 21.16 ? 49   LEU A CD1 1 
ATOM   232  C  CD2 . LEU A 1 45  ? 6.747   5.128   -8.725  1.00 30.41 ? 49   LEU A CD2 1 
ATOM   233  N  N   . GLU A 1 46  ? 10.599  3.347   -6.396  1.00 18.73 ? 50   GLU A N   1 
ATOM   234  C  CA  . GLU A 1 46  ? 11.321  2.792   -5.244  1.00 16.84 ? 50   GLU A CA  1 
ATOM   235  C  C   . GLU A 1 46  ? 10.338  2.966   -4.062  1.00 19.69 ? 50   GLU A C   1 
ATOM   236  O  O   . GLU A 1 46  ? 9.835   4.064   -3.828  1.00 23.78 ? 50   GLU A O   1 
ATOM   237  C  CB  . GLU A 1 46  ? 12.599  3.582   -4.970  1.00 21.60 ? 50   GLU A CB  1 
ATOM   238  C  CG  . GLU A 1 46  ? 13.209  3.175   -3.630  1.00 21.33 ? 50   GLU A CG  1 
ATOM   239  C  CD  . GLU A 1 46  ? 14.294  4.127   -3.194  1.00 29.88 ? 50   GLU A CD  1 
ATOM   240  O  OE1 . GLU A 1 46  ? 14.038  5.019   -2.360  1.00 32.24 ? 50   GLU A OE1 1 
ATOM   241  O  OE2 . GLU A 1 46  ? 15.423  3.990   -3.720  1.00 31.63 ? 50   GLU A OE2 1 
ATOM   242  N  N   . ALA A 1 47  ? 10.086  1.891   -3.320  1.00 19.46 ? 51   ALA A N   1 
ATOM   243  C  CA  . ALA A 1 47  ? 9.346   1.927   -2.064  1.00 17.37 ? 51   ALA A CA  1 
ATOM   244  C  C   . ALA A 1 47  ? 10.371  1.817   -0.935  1.00 18.03 ? 51   ALA A C   1 
ATOM   245  O  O   . ALA A 1 47  ? 11.330  1.012   -0.988  1.00 24.48 ? 51   ALA A O   1 
ATOM   246  C  CB  . ALA A 1 47  ? 8.389   0.718   -2.040  1.00 19.46 ? 51   ALA A CB  1 
ATOM   247  N  N   . LYS A 1 48  ? 10.270  2.682   0.062   1.00 17.63 ? 52   LYS A N   1 
ATOM   248  C  CA  . LYS A 1 48  ? 11.226  2.723   1.183   1.00 20.53 ? 52   LYS A CA  1 
ATOM   249  C  C   . LYS A 1 48  ? 10.490  2.875   2.538   1.00 22.64 ? 52   LYS A C   1 
ATOM   250  O  O   . LYS A 1 48  ? 9.531   3.661   2.620   1.00 19.79 ? 52   LYS A O   1 
ATOM   251  C  CB  . LYS A 1 48  ? 12.147  3.912   0.883   1.00 25.32 ? 52   LYS A CB  1 
ATOM   252  C  CG  . LYS A 1 48  ? 12.913  4.511   2.020   1.00 31.35 ? 52   LYS A CG  1 
ATOM   253  C  CD  . LYS A 1 48  ? 13.858  5.562   1.462   1.00 36.25 ? 52   LYS A CD  1 
ATOM   254  C  CE  . LYS A 1 48  ? 13.172  6.927   1.348   1.00 37.38 ? 52   LYS A CE  1 
ATOM   255  N  NZ  . LYS A 1 48  ? 14.111  7.988   0.866   1.00 46.45 ? 52   LYS A NZ  1 
ATOM   256  N  N   . VAL A 1 49  ? 10.923  2.128   3.565   1.00 22.18 ? 53   VAL A N   1 
ATOM   257  C  CA  . VAL A 1 49  ? 10.393  2.300   4.933   1.00 21.52 ? 53   VAL A CA  1 
ATOM   258  C  C   . VAL A 1 49  ? 11.572  2.308   5.902   1.00 26.50 ? 53   VAL A C   1 
ATOM   259  O  O   . VAL A 1 49  ? 12.711  2.050   5.525   1.00 23.02 ? 53   VAL A O   1 
ATOM   260  C  CB  . VAL A 1 49  ? 9.485   1.136   5.385   1.00 21.97 ? 53   VAL A CB  1 
ATOM   261  C  CG1 . VAL A 1 49  ? 8.210   1.014   4.570   1.00 25.06 ? 53   VAL A CG1 1 
ATOM   262  C  CG2 . VAL A 1 49  ? 10.238  -0.205  5.336   1.00 23.52 ? 53   VAL A CG2 1 
ATOM   263  N  N   . THR A 1 50  ? 11.312  2.663   7.152   1.00 29.18 ? 54   THR A N   1 
ATOM   264  C  CA  . THR A 1 50  ? 12.367  2.604   8.166   1.00 36.19 ? 54   THR A CA  1 
ATOM   265  C  C   . THR A 1 50  ? 11.884  1.643   9.239   1.00 42.79 ? 54   THR A C   1 
ATOM   266  O  O   . THR A 1 50  ? 10.750  1.748   9.714   1.00 39.31 ? 54   THR A O   1 
ATOM   267  C  CB  . THR A 1 50  ? 12.618  3.985   8.767   1.00 41.22 ? 54   THR A CB  1 
ATOM   268  O  OG1 . THR A 1 50  ? 13.185  4.853   7.778   1.00 41.34 ? 54   THR A OG1 1 
ATOM   269  C  CG2 . THR A 1 50  ? 13.699  3.912   9.828   1.00 42.66 ? 54   THR A CG2 1 
ATOM   270  N  N   . MET A 1 51  ? 12.747  0.703   9.606   1.00 46.18 ? 55   MET A N   1 
ATOM   271  C  CA  . MET A 1 51  ? 12.409  -0.373  10.523  1.00 49.90 ? 55   MET A CA  1 
ATOM   272  C  C   . MET A 1 51  ? 13.528  -0.528  11.544  1.00 48.18 ? 55   MET A C   1 
ATOM   273  O  O   . MET A 1 51  ? 14.630  -0.027  11.325  1.00 50.69 ? 55   MET A O   1 
ATOM   274  C  CB  . MET A 1 51  ? 12.288  -1.683  9.752   1.00 51.72 ? 55   MET A CB  1 
ATOM   275  C  CG  . MET A 1 51  ? 11.005  -1.884  9.000   1.00 50.10 ? 55   MET A CG  1 
ATOM   276  S  SD  . MET A 1 51  ? 11.304  -3.125  7.739   1.00 55.96 ? 55   MET A SD  1 
ATOM   277  C  CE  . MET A 1 51  ? 11.173  -4.672  8.640   1.00 55.47 ? 55   MET A CE  1 
ATOM   278  N  N   . SER A 1 54  ? 15.786  -7.473  14.460  1.00 89.47 ? 58   SER A N   1 
ATOM   279  C  CA  . SER A 1 54  ? 16.530  -7.286  15.702  1.00 90.10 ? 58   SER A CA  1 
ATOM   280  C  C   . SER A 1 54  ? 17.870  -6.602  15.421  1.00 89.65 ? 58   SER A C   1 
ATOM   281  O  O   . SER A 1 54  ? 18.749  -7.186  14.782  1.00 90.17 ? 58   SER A O   1 
ATOM   282  C  CB  . SER A 1 54  ? 16.733  -8.637  16.406  1.00 90.09 ? 58   SER A CB  1 
ATOM   283  O  OG  . SER A 1 54  ? 17.139  -8.495  17.759  1.00 89.88 ? 58   SER A OG  1 
ATOM   284  N  N   . GLY A 1 55  ? 18.032  -5.362  15.875  1.00 88.86 ? 59   GLY A N   1 
ATOM   285  C  CA  . GLY A 1 55  ? 19.323  -4.694  15.746  1.00 87.75 ? 59   GLY A CA  1 
ATOM   286  C  C   . GLY A 1 55  ? 19.328  -3.179  15.723  1.00 87.24 ? 59   GLY A C   1 
ATOM   287  O  O   . GLY A 1 55  ? 19.060  -2.529  16.735  1.00 87.41 ? 59   GLY A O   1 
ATOM   288  N  N   . ARG A 1 56  ? 19.652  -2.629  14.554  1.00 86.37 ? 60   ARG A N   1 
ATOM   289  C  CA  . ARG A 1 56  ? 19.775  -1.187  14.332  1.00 84.62 ? 60   ARG A CA  1 
ATOM   290  C  C   . ARG A 1 56  ? 18.493  -0.626  13.726  1.00 80.95 ? 60   ARG A C   1 
ATOM   291  O  O   . ARG A 1 56  ? 17.622  -1.380  13.294  1.00 80.39 ? 60   ARG A O   1 
ATOM   292  C  CB  . ARG A 1 56  ? 20.913  -0.868  13.353  1.00 86.02 ? 60   ARG A CB  1 
ATOM   293  C  CG  . ARG A 1 56  ? 22.317  -1.336  13.726  1.00 88.19 ? 60   ARG A CG  1 
ATOM   294  C  CD  . ARG A 1 56  ? 23.347  -1.127  12.612  1.00 88.97 ? 60   ARG A CD  1 
ATOM   295  N  NE  . ARG A 1 56  ? 24.701  -1.551  12.977  1.00 91.75 ? 60   ARG A NE  1 
ATOM   296  C  CZ  . ARG A 1 56  ? 25.786  -1.349  12.231  1.00 92.36 ? 60   ARG A CZ  1 
ATOM   297  N  NH1 . ARG A 1 56  ? 26.972  -1.769  12.649  1.00 92.41 ? 60   ARG A NH1 1 
ATOM   298  N  NH2 . ARG A 1 56  ? 25.696  -0.718  11.067  1.00 92.19 ? 60   ARG A NH2 1 
ATOM   299  N  N   . CYS A 1 57  ? 18.380  0.698   13.682  1.00 76.18 ? 61   CYS A N   1 
ATOM   300  C  CA  . CYS A 1 57  ? 17.281  1.334   12.966  1.00 70.36 ? 61   CYS A CA  1 
ATOM   301  C  C   . CYS A 1 57  ? 17.709  1.541   11.515  1.00 64.68 ? 61   CYS A C   1 
ATOM   302  O  O   . CYS A 1 57  ? 18.709  2.216   11.254  1.00 62.57 ? 61   CYS A O   1 
ATOM   303  C  CB  . CYS A 1 57  ? 16.920  2.677   13.595  1.00 73.39 ? 61   CYS A CB  1 
ATOM   304  S  SG  . CYS A 1 57  ? 15.502  3.450   12.785  1.00 77.50 ? 61   CYS A SG  1 
ATOM   305  N  N   . GLN A 1 58  ? 16.965  0.976   10.565  1.00 55.24 ? 62   GLN A N   1 
ATOM   306  C  CA  . GLN A 1 58  ? 17.461  0.959   9.191   1.00 48.14 ? 62   GLN A CA  1 
ATOM   307  C  C   . GLN A 1 58  ? 16.399  1.208   8.123   1.00 37.40 ? 62   GLN A C   1 
ATOM   308  O  O   . GLN A 1 58  ? 15.284  0.731   8.248   1.00 35.28 ? 62   GLN A O   1 
ATOM   309  C  CB  . GLN A 1 58  ? 18.115  -0.395  8.889   1.00 49.56 ? 62   GLN A CB  1 
ATOM   310  C  CG  . GLN A 1 58  ? 18.821  -0.435  7.542   1.00 51.29 ? 62   GLN A CG  1 
ATOM   311  C  CD  . GLN A 1 58  ? 19.124  -1.850  7.049   1.00 52.15 ? 62   GLN A CD  1 
ATOM   312  O  OE1 . GLN A 1 58  ? 19.812  -2.627  7.731   1.00 50.97 ? 62   GLN A OE1 1 
ATOM   313  N  NE2 . GLN A 1 58  ? 18.612  -2.185  5.861   1.00 47.04 ? 62   GLN A NE2 1 
ATOM   314  N  N   . GLU A 1 59  ? 16.783  1.952   7.096   1.00 34.86 ? 63   GLU A N   1 
ATOM   315  C  CA  . GLU A 1 59  ? 15.985  2.106   5.881   1.00 34.65 ? 63   GLU A CA  1 
ATOM   316  C  C   . GLU A 1 59  ? 16.024  0.820   5.041   1.00 29.34 ? 63   GLU A C   1 
ATOM   317  O  O   . GLU A 1 59  ? 17.082  0.154   4.925   1.00 27.69 ? 63   GLU A O   1 
ATOM   318  C  CB  . GLU A 1 59  ? 16.628  3.228   5.092   1.00 39.07 ? 63   GLU A CB  1 
ATOM   319  C  CG  . GLU A 1 59  ? 15.757  3.960   4.096   1.00 47.80 ? 63   GLU A CG  1 
ATOM   320  C  CD  . GLU A 1 59  ? 16.347  5.330   3.814   1.00 52.84 ? 63   GLU A CD  1 
ATOM   321  O  OE1 . GLU A 1 59  ? 17.203  5.463   2.915   1.00 57.82 ? 63   GLU A OE1 1 
ATOM   322  O  OE2 . GLU A 1 59  ? 15.969  6.286   4.513   1.00 53.55 ? 63   GLU A OE2 1 
ATOM   323  N  N   . VAL A 1 60  ? 14.875  0.461   4.456   1.00 21.36 ? 64   VAL A N   1 
ATOM   324  C  CA  . VAL A 1 60  ? 14.752  -0.777  3.688   1.00 22.67 ? 64   VAL A CA  1 
ATOM   325  C  C   . VAL A 1 60  ? 14.078  -0.362  2.375   1.00 23.58 ? 64   VAL A C   1 
ATOM   326  O  O   . VAL A 1 60  ? 13.006  0.266   2.421   1.00 21.32 ? 64   VAL A O   1 
ATOM   327  C  CB  . VAL A 1 60  ? 13.925  -1.873  4.412   1.00 25.17 ? 64   VAL A CB  1 
ATOM   328  C  CG1 . VAL A 1 60  ? 13.725  -3.098  3.481   1.00 30.43 ? 64   VAL A CG1 1 
ATOM   329  C  CG2 . VAL A 1 60  ? 14.597  -2.266  5.744   1.00 34.07 ? 64   VAL A CG2 1 
ATOM   330  N  N   . LYS A 1 61  ? 14.696  -0.652  1.232   1.00 22.74 ? 65   LYS A N   1 
ATOM   331  C  CA  . LYS A 1 61  ? 14.201  -0.190  -0.081  1.00 22.27 ? 65   LYS A CA  1 
ATOM   332  C  C   . LYS A 1 61  ? 13.882  -1.334  -1.049  1.00 24.38 ? 65   LYS A C   1 
ATOM   333  O  O   . LYS A 1 61  ? 14.546  -2.389  -1.031  1.00 21.42 ? 65   LYS A O   1 
ATOM   334  C  CB  . LYS A 1 61  ? 15.242  0.723   -0.751  1.00 23.23 ? 65   LYS A CB  1 
ATOM   335  C  CG  . LYS A 1 61  ? 15.605  1.985   0.079   1.00 24.72 ? 65   LYS A CG  1 
ATOM   336  C  CD  . LYS A 1 61  ? 16.623  2.879   -0.627  1.00 29.01 ? 65   LYS A CD  1 
ATOM   337  C  CE  . LYS A 1 61  ? 17.007  4.084   0.254   1.00 33.08 ? 65   LYS A CE  1 
ATOM   338  N  NZ  . LYS A 1 61  ? 18.162  4.842   -0.360  1.00 35.84 ? 65   LYS A NZ  1 
ATOM   339  N  N   . ALA A 1 62  ? 12.867  -1.146  -1.895  1.00 17.98 ? 66   ALA A N   1 
ATOM   340  C  CA  . ALA A 1 62  ? 12.557  -2.207  -2.875  1.00 20.14 ? 66   ALA A CA  1 
ATOM   341  C  C   . ALA A 1 62  ? 12.025  -1.547  -4.131  1.00 20.13 ? 66   ALA A C   1 
ATOM   342  O  O   . ALA A 1 62  ? 11.395  -0.502  -4.010  1.00 23.64 ? 66   ALA A O   1 
ATOM   343  C  CB  . ALA A 1 62  ? 11.528  -3.124  -2.322  1.00 21.00 ? 66   ALA A CB  1 
ATOM   344  N  N   . VAL A 1 63  ? 12.293  -2.138  -5.302  1.00 20.42 ? 67   VAL A N   1 
ATOM   345  C  CA  . VAL A 1 63  ? 11.793  -1.598  -6.573  1.00 24.25 ? 67   VAL A CA  1 
ATOM   346  C  C   . VAL A 1 63  ? 10.467  -2.288  -6.967  1.00 23.03 ? 67   VAL A C   1 
ATOM   347  O  O   . VAL A 1 63  ? 10.305  -3.536  -6.921  1.00 21.76 ? 67   VAL A O   1 
ATOM   348  C  CB  . VAL A 1 63  ? 12.892  -1.763  -7.683  1.00 23.77 ? 67   VAL A CB  1 
ATOM   349  C  CG1 . VAL A 1 63  ? 12.393  -1.327  -9.036  1.00 27.72 ? 67   VAL A CG1 1 
ATOM   350  C  CG2 . VAL A 1 63  ? 14.106  -0.858  -7.341  1.00 31.31 ? 67   VAL A CG2 1 
ATOM   351  N  N   . LEU A 1 64  ? 9.481   -1.456  -7.294  1.00 22.07 ? 68   LEU A N   1 
ATOM   352  C  CA  . LEU A 1 64  ? 8.231   -1.906  -7.919  1.00 19.42 ? 68   LEU A CA  1 
ATOM   353  C  C   . LEU A 1 64  ? 8.381   -1.638  -9.424  1.00 18.56 ? 68   LEU A C   1 
ATOM   354  O  O   . LEU A 1 64  ? 8.514   -0.479  -9.854  1.00 22.37 ? 68   LEU A O   1 
ATOM   355  C  CB  . LEU A 1 64  ? 7.079   -1.031  -7.411  1.00 23.92 ? 68   LEU A CB  1 
ATOM   356  C  CG  . LEU A 1 64  ? 7.012   -1.026  -5.890  1.00 28.32 ? 68   LEU A CG  1 
ATOM   357  C  CD1 . LEU A 1 64  ? 5.686   -0.455  -5.390  1.00 24.73 ? 68   LEU A CD1 1 
ATOM   358  C  CD2 . LEU A 1 64  ? 7.218   -2.388  -5.288  1.00 29.03 ? 68   LEU A CD2 1 
ATOM   359  N  N   . GLU A 1 65  ? 8.397   -2.709  -10.218 1.00 21.10 ? 69   GLU A N   1 
ATOM   360  C  CA  . GLU A 1 65  ? 8.580   -2.582  -11.658 1.00 20.73 ? 69   GLU A CA  1 
ATOM   361  C  C   . GLU A 1 65  ? 7.297   -2.279  -12.410 1.00 21.66 ? 69   GLU A C   1 
ATOM   362  O  O   . GLU A 1 65  ? 6.311   -2.979  -12.248 1.00 22.47 ? 69   GLU A O   1 
ATOM   363  C  CB  . GLU A 1 65  ? 9.092   -3.917  -12.203 1.00 28.82 ? 69   GLU A CB  1 
ATOM   364  C  CG  . GLU A 1 65  ? 10.470  -4.297  -11.727 1.00 39.81 ? 69   GLU A CG  1 
ATOM   365  C  CD  . GLU A 1 65  ? 11.134  -5.217  -12.738 1.00 47.92 ? 69   GLU A CD  1 
ATOM   366  O  OE1 . GLU A 1 65  ? 10.439  -6.080  -13.330 1.00 49.24 ? 69   GLU A OE1 1 
ATOM   367  O  OE2 . GLU A 1 65  ? 12.352  -5.057  -12.953 1.00 55.49 ? 69   GLU A OE2 1 
ATOM   368  N  N   . LYS A 1 66  ? 7.310   -1.244  -13.246 1.00 23.23 ? 70   LYS A N   1 
ATOM   369  C  CA  . LYS A 1 66  ? 6.106   -0.846  -13.954 1.00 23.58 ? 70   LYS A CA  1 
ATOM   370  C  C   . LYS A 1 66  ? 5.762   -1.963  -14.955 1.00 28.57 ? 70   LYS A C   1 
ATOM   371  O  O   . LYS A 1 66  ? 6.669   -2.635  -15.445 1.00 29.01 ? 70   LYS A O   1 
ATOM   372  C  CB  . LYS A 1 66  ? 6.295   0.511   -14.657 1.00 31.47 ? 70   LYS A CB  1 
ATOM   373  C  CG  . LYS A 1 66  ? 4.976   0.938   -15.332 1.00 34.20 ? 70   LYS A CG  1 
ATOM   374  C  CD  . LYS A 1 66  ? 3.831   1.118   -14.304 1.00 35.21 ? 70   LYS A CD  1 
ATOM   375  C  CE  . LYS A 1 66  ? 2.556   0.390   -14.662 1.00 30.92 ? 70   LYS A CE  1 
ATOM   376  N  NZ  . LYS A 1 66  ? 1.556   1.380   -14.141 1.00 40.94 ? 70   LYS A NZ  1 
ATOM   377  N  N   . THR A 1 67  ? 4.482   -2.237  -15.187 1.00 23.55 ? 71   THR A N   1 
ATOM   378  C  CA  . THR A 1 67  ? 4.087   -3.210  -16.232 1.00 24.12 ? 71   THR A CA  1 
ATOM   379  C  C   . THR A 1 67  ? 3.500   -2.426  -17.383 1.00 26.98 ? 71   THR A C   1 
ATOM   380  O  O   . THR A 1 67  ? 3.446   -1.191  -17.334 1.00 26.56 ? 71   THR A O   1 
ATOM   381  C  CB  . THR A 1 67  ? 3.017   -4.229  -15.749 1.00 24.25 ? 71   THR A CB  1 
ATOM   382  O  OG1 . THR A 1 67  ? 1.787   -3.564  -15.462 1.00 23.46 ? 71   THR A OG1 1 
ATOM   383  C  CG2 . THR A 1 67  ? 3.412   -4.976  -14.468 1.00 21.99 ? 71   THR A CG2 1 
ATOM   384  N  N   . ASP A 1 68  ? 3.032   -3.140  -18.410 1.00 25.53 ? 72   ASP A N   1 
ATOM   385  C  CA  . ASP A 1 68  ? 2.259   -2.482  -19.459 1.00 28.13 ? 72   ASP A CA  1 
ATOM   386  C  C   . ASP A 1 68  ? 0.812   -2.141  -19.107 1.00 29.34 ? 72   ASP A C   1 
ATOM   387  O  O   . ASP A 1 68  ? 0.114   -1.535  -19.916 1.00 26.41 ? 72   ASP A O   1 
ATOM   388  C  CB  . ASP A 1 68  ? 2.191   -3.365  -20.718 1.00 33.19 ? 72   ASP A CB  1 
ATOM   389  C  CG  . ASP A 1 68  ? 3.546   -3.645  -21.318 1.00 38.09 ? 72   ASP A CG  1 
ATOM   390  O  OD1 . ASP A 1 68  ? 4.453   -2.810  -21.153 1.00 40.51 ? 72   ASP A OD1 1 
ATOM   391  O  OD2 . ASP A 1 68  ? 3.797   -4.682  -21.953 1.00 42.71 ? 72   ASP A OD2 1 
ATOM   392  N  N   . GLU A 1 69  ? 0.332   -2.515  -17.913 1.00 22.71 ? 73   GLU A N   1 
ATOM   393  C  CA  . GLU A 1 69  ? -1.040  -2.231  -17.550 1.00 20.06 ? 73   GLU A CA  1 
ATOM   394  C  C   . GLU A 1 69  ? -1.079  -1.059  -16.570 1.00 25.76 ? 73   GLU A C   1 
ATOM   395  O  O   . GLU A 1 69  ? -0.368  -1.112  -15.550 1.00 23.14 ? 73   GLU A O   1 
ATOM   396  C  CB  . GLU A 1 69  ? -1.537  -3.478  -16.817 1.00 20.61 ? 73   GLU A CB  1 
ATOM   397  C  CG  . GLU A 1 69  ? -1.742  -4.669  -17.754 1.00 22.73 ? 73   GLU A CG  1 
ATOM   398  C  CD  . GLU A 1 69  ? -1.850  -6.020  -17.059 1.00 21.26 ? 73   GLU A CD  1 
ATOM   399  O  OE1 . GLU A 1 69  ? -2.859  -6.263  -16.322 1.00 20.08 ? 73   GLU A OE1 1 
ATOM   400  O  OE2 . GLU A 1 69  ? -0.896  -6.815  -17.246 1.00 23.21 ? 73   GLU A OE2 1 
ATOM   401  N  N   . PRO A 1 70  ? -1.877  -0.029  -16.840 1.00 26.71 ? 74   PRO A N   1 
ATOM   402  C  CA  . PRO A 1 70  ? -2.011  1.133   -15.943 1.00 24.03 ? 74   PRO A CA  1 
ATOM   403  C  C   . PRO A 1 70  ? -2.255  0.744   -14.493 1.00 25.14 ? 74   PRO A C   1 
ATOM   404  O  O   . PRO A 1 70  ? -3.124  -0.093  -14.268 1.00 25.89 ? 74   PRO A O   1 
ATOM   405  C  CB  . PRO A 1 70  ? -3.238  1.855   -16.491 1.00 26.01 ? 74   PRO A CB  1 
ATOM   406  C  CG  . PRO A 1 70  ? -3.217  1.527   -17.969 1.00 27.37 ? 74   PRO A CG  1 
ATOM   407  C  CD  . PRO A 1 70  ? -2.657  0.150   -18.082 1.00 30.61 ? 74   PRO A CD  1 
ATOM   408  N  N   . GLY A 1 71  ? -1.423  1.264   -13.580 1.00 21.80 ? 75   GLY A N   1 
ATOM   409  C  CA  . GLY A 1 71  ? -1.581  1.126   -12.134 1.00 24.47 ? 75   GLY A CA  1 
ATOM   410  C  C   . GLY A 1 71  ? -1.084  -0.199  -11.587 1.00 19.95 ? 75   GLY A C   1 
ATOM   411  O  O   . GLY A 1 71  ? -1.134  -0.416  -10.376 1.00 20.42 ? 75   GLY A O   1 
ATOM   412  N  N   . LYS A 1 72  ? -0.569  -1.091  -12.434 1.00 15.46 ? 76   LYS A N   1 
ATOM   413  C  CA  . LYS A 1 72  ? -0.118  -2.398  -11.958 1.00 15.79 ? 76   LYS A CA  1 
ATOM   414  C  C   . LYS A 1 72  ? 1.409   -2.498  -11.977 1.00 19.82 ? 76   LYS A C   1 
ATOM   415  O  O   . LYS A 1 72  ? 2.053   -2.149  -12.992 1.00 16.65 ? 76   LYS A O   1 
ATOM   416  C  CB  . LYS A 1 72  ? -0.707  -3.463  -12.904 1.00 16.42 ? 76   LYS A CB  1 
ATOM   417  C  CG  . LYS A 1 72  ? -0.328  -4.963  -12.613 1.00 19.41 ? 76   LYS A CG  1 
ATOM   418  C  CD  . LYS A 1 72  ? -0.880  -5.931  -13.696 1.00 17.20 ? 76   LYS A CD  1 
ATOM   419  C  CE  . LYS A 1 72  ? -0.658  -7.412  -13.364 1.00 19.58 ? 76   LYS A CE  1 
ATOM   420  N  NZ  . LYS A 1 72  ? -0.950  -8.283  -14.596 1.00 26.46 ? 76   LYS A NZ  1 
ATOM   421  N  N   . TYR A 1 73  ? 1.999   -2.944  -10.862 1.00 16.17 ? 77   TYR A N   1 
ATOM   422  C  CA  . TYR A 1 73  ? 3.436   -3.038  -10.694 1.00 14.27 ? 77   TYR A CA  1 
ATOM   423  C  C   . TYR A 1 73  ? 3.762   -4.435  -10.109 1.00 17.52 ? 77   TYR A C   1 
ATOM   424  O  O   . TYR A 1 73  ? 2.909   -5.092  -9.497  1.00 18.48 ? 77   TYR A O   1 
ATOM   425  C  CB  . TYR A 1 73  ? 3.965   -1.979  -9.663  1.00 17.48 ? 77   TYR A CB  1 
ATOM   426  C  CG  . TYR A 1 73  ? 3.753   -0.530  -10.052 1.00 17.15 ? 77   TYR A CG  1 
ATOM   427  C  CD1 . TYR A 1 73  ? 2.500   0.067   -9.870  1.00 19.81 ? 77   TYR A CD1 1 
ATOM   428  C  CD2 . TYR A 1 73  ? 4.759   0.207   -10.704 1.00 19.99 ? 77   TYR A CD2 1 
ATOM   429  C  CE1 . TYR A 1 73  ? 2.291   1.408   -10.242 1.00 19.61 ? 77   TYR A CE1 1 
ATOM   430  C  CE2 . TYR A 1 73  ? 4.553   1.547   -11.083 1.00 22.42 ? 77   TYR A CE2 1 
ATOM   431  C  CZ  . TYR A 1 73  ? 3.309   2.110   -10.866 1.00 23.21 ? 77   TYR A CZ  1 
ATOM   432  O  OH  . TYR A 1 73  ? 3.012   3.393   -11.238 1.00 25.19 ? 77   TYR A OH  1 
ATOM   433  N  N   . THR A 1 74  ? 4.981   -4.920  -10.332 1.00 17.90 ? 78   THR A N   1 
ATOM   434  C  CA  . THR A 1 74  ? 5.380   -6.205  -9.728  1.00 19.88 ? 78   THR A CA  1 
ATOM   435  C  C   . THR A 1 74  ? 6.615   -6.028  -8.855  1.00 22.55 ? 78   THR A C   1 
ATOM   436  O  O   . THR A 1 74  ? 7.438   -5.142  -9.078  1.00 24.29 ? 78   THR A O   1 
ATOM   437  C  CB  . THR A 1 74  ? 5.679   -7.314  -10.790 1.00 24.71 ? 78   THR A CB  1 
ATOM   438  O  OG1 . THR A 1 74  ? 6.827   -6.939  -11.571 1.00 28.18 ? 78   THR A OG1 1 
ATOM   439  C  CG2 . THR A 1 74  ? 4.528   -7.489  -11.798 1.00 28.70 ? 78   THR A CG2 1 
ATOM   440  N  N   . ALA A 1 75  ? 6.772   -6.953  -7.906  1.00 25.96 ? 79   ALA A N   1 
ATOM   441  C  CA  . ALA A 1 75  ? 7.893   -6.890  -6.980  1.00 28.14 ? 79   ALA A CA  1 
ATOM   442  C  C   . ALA A 1 75  ? 8.330   -8.303  -6.596  1.00 31.65 ? 79   ALA A C   1 
ATOM   443  O  O   . ALA A 1 75  ? 7.696   -9.324  -6.954  1.00 27.46 ? 79   ALA A O   1 
ATOM   444  C  CB  . ALA A 1 75  ? 7.525   -6.112  -5.728  1.00 28.54 ? 79   ALA A CB  1 
ATOM   445  N  N   . ASP A 1 76  ? 9.426   -8.315  -5.842  1.00 34.57 ? 80   ASP A N   1 
ATOM   446  C  CA  . ASP A 1 76  ? 9.961   -9.571  -5.335  1.00 39.61 ? 80   ASP A CA  1 
ATOM   447  C  C   . ASP A 1 76  ? 10.035  -10.628 -6.439  1.00 36.90 ? 80   ASP A C   1 
ATOM   448  O  O   . ASP A 1 76  ? 9.499   -11.725 -6.317  1.00 39.99 ? 80   ASP A O   1 
ATOM   449  C  CB  . ASP A 1 76  ? 9.079   -10.039 -4.182  1.00 42.11 ? 80   ASP A CB  1 
ATOM   450  C  CG  . ASP A 1 76  ? 9.069   -9.056  -3.034  1.00 52.56 ? 80   ASP A CG  1 
ATOM   451  O  OD1 . ASP A 1 76  ? 10.168  -8.719  -2.528  1.00 58.59 ? 80   ASP A OD1 1 
ATOM   452  O  OD2 . ASP A 1 76  ? 8.013   -8.570  -2.564  1.00 55.71 ? 80   ASP A OD2 1 
ATOM   453  N  N   . GLY A 1 77  ? 10.667  -10.274 -7.548  1.00 37.89 ? 81   GLY A N   1 
ATOM   454  C  CA  . GLY A 1 77  ? 10.896  -11.202 -8.644  1.00 40.29 ? 81   GLY A CA  1 
ATOM   455  C  C   . GLY A 1 77  ? 9.629   -11.702 -9.312  1.00 45.14 ? 81   GLY A C   1 
ATOM   456  O  O   . GLY A 1 77  ? 9.599   -12.830 -9.811  1.00 46.08 ? 81   GLY A O   1 
ATOM   457  N  N   . GLY A 1 78  ? 8.580   -10.877 -9.313  1.00 42.70 ? 82   GLY A N   1 
ATOM   458  C  CA  . GLY A 1 78  ? 7.303   -11.246 -9.930  1.00 38.37 ? 82   GLY A CA  1 
ATOM   459  C  C   . GLY A 1 78  ? 6.317   -12.006 -9.060  1.00 39.73 ? 82   GLY A C   1 
ATOM   460  O  O   . GLY A 1 78  ? 5.184   -12.267 -9.453  1.00 41.97 ? 82   GLY A O   1 
ATOM   461  N  N   . LYS A 1 79  ? 6.724   -12.351 -7.850  1.00 35.07 ? 83   LYS A N   1 
ATOM   462  C  CA  . LYS A 1 79  ? 5.854   -13.093 -6.957  1.00 36.84 ? 83   LYS A CA  1 
ATOM   463  C  C   . LYS A 1 79  ? 4.938   -12.165 -6.173  1.00 31.07 ? 83   LYS A C   1 
ATOM   464  O  O   . LYS A 1 79  ? 4.131   -12.642 -5.381  1.00 33.65 ? 83   LYS A O   1 
ATOM   465  C  CB  . LYS A 1 79  ? 6.709   -13.893 -5.983  1.00 40.95 ? 83   LYS A CB  1 
ATOM   466  C  CG  . LYS A 1 79  ? 7.828   -14.632 -6.716  1.00 47.08 ? 83   LYS A CG  1 
ATOM   467  C  CD  . LYS A 1 79  ? 8.646   -15.475 -5.753  1.00 49.98 ? 83   LYS A CD  1 
ATOM   468  C  CE  . LYS A 1 79  ? 9.108   -14.663 -4.559  1.00 52.83 ? 83   LYS A CE  1 
ATOM   469  N  NZ  . LYS A 1 79  ? 10.442  -14.022 -4.760  1.00 52.62 ? 83   LYS A NZ  1 
ATOM   470  N  N   . HIS A 1 80  ? 5.103   -10.853 -6.350  1.00 26.27 ? 84   HIS A N   1 
ATOM   471  C  CA  . HIS A 1 80  ? 4.253   -9.901  -5.652  1.00 24.59 ? 84   HIS A CA  1 
ATOM   472  C  C   . HIS A 1 80  ? 3.651   -8.957  -6.710  1.00 23.37 ? 84   HIS A C   1 
ATOM   473  O  O   . HIS A 1 80  ? 4.428   -8.469  -7.528  1.00 25.05 ? 84   HIS A O   1 
ATOM   474  C  CB  . HIS A 1 80  ? 5.144   -9.160  -4.648  1.00 29.60 ? 84   HIS A CB  1 
ATOM   475  C  CG  . HIS A 1 80  ? 4.413   -8.185  -3.779  1.00 34.02 ? 84   HIS A CG  1 
ATOM   476  N  ND1 . HIS A 1 80  ? 3.651   -8.565  -2.694  1.00 44.31 ? 84   HIS A ND1 1 
ATOM   477  C  CD2 . HIS A 1 80  ? 4.362   -6.829  -3.817  1.00 40.70 ? 84   HIS A CD2 1 
ATOM   478  C  CE1 . HIS A 1 80  ? 3.143   -7.488  -2.117  1.00 42.94 ? 84   HIS A CE1 1 
ATOM   479  N  NE2 . HIS A 1 80  ? 3.543   -6.424  -2.791  1.00 40.46 ? 84   HIS A NE2 1 
ATOM   480  N  N   . VAL A 1 81  ? 2.341   -8.715  -6.750  1.00 18.82 ? 85   VAL A N   1 
ATOM   481  C  CA  . VAL A 1 81  ? 1.783   -7.760  -7.713  1.00 16.78 ? 85   VAL A CA  1 
ATOM   482  C  C   . VAL A 1 81  ? 0.992   -6.726  -6.893  1.00 19.17 ? 85   VAL A C   1 
ATOM   483  O  O   . VAL A 1 81  ? 0.324   -7.085  -5.907  1.00 19.23 ? 85   VAL A O   1 
ATOM   484  C  CB  . VAL A 1 81  ? 0.816   -8.469  -8.699  1.00 20.02 ? 85   VAL A CB  1 
ATOM   485  C  CG1 . VAL A 1 81  ? 0.201   -7.463  -9.682  1.00 23.70 ? 85   VAL A CG1 1 
ATOM   486  C  CG2 . VAL A 1 81  ? 1.504   -9.596  -9.507  1.00 26.55 ? 85   VAL A CG2 1 
ATOM   487  N  N   . ALA A 1 82  ? 1.198   -5.457  -7.194  1.00 16.35 ? 86   ALA A N   1 
ATOM   488  C  CA  . ALA A 1 82  ? 0.603   -4.367  -6.445  1.00 18.62 ? 86   ALA A CA  1 
ATOM   489  C  C   . ALA A 1 82  ? -0.184  -3.540  -7.472  1.00 18.98 ? 86   ALA A C   1 
ATOM   490  O  O   . ALA A 1 82  ? 0.382   -3.195  -8.530  1.00 20.66 ? 86   ALA A O   1 
ATOM   491  C  CB  . ALA A 1 82  ? 1.681   -3.509  -5.846  1.00 20.43 ? 86   ALA A CB  1 
ATOM   492  N  N   . TYR A 1 83  ? -1.406  -3.161  -7.109  1.00 14.56 ? 87   TYR A N   1 
ATOM   493  C  CA  . TYR A 1 83  ? -2.280  -2.309  -7.914  1.00 13.59 ? 87   TYR A CA  1 
ATOM   494  C  C   . TYR A 1 83  ? -2.525  -1.017  -7.130  1.00 18.90 ? 87   TYR A C   1 
ATOM   495  O  O   . TYR A 1 83  ? -2.932  -1.080  -5.941  1.00 20.68 ? 87   TYR A O   1 
ATOM   496  C  CB  . TYR A 1 83  ? -3.582  -3.041  -8.129  1.00 13.97 ? 87   TYR A CB  1 
ATOM   497  C  CG  . TYR A 1 83  ? -3.491  -4.365  -8.884  1.00 18.47 ? 87   TYR A CG  1 
ATOM   498  C  CD1 . TYR A 1 83  ? -3.349  -5.575  -8.221  1.00 18.65 ? 87   TYR A CD1 1 
ATOM   499  C  CD2 . TYR A 1 83  ? -3.607  -4.375  -10.297 1.00 21.33 ? 87   TYR A CD2 1 
ATOM   500  C  CE1 . TYR A 1 83  ? -3.294  -6.786  -8.949  1.00 18.18 ? 87   TYR A CE1 1 
ATOM   501  C  CE2 . TYR A 1 83  ? -3.554  -5.569  -11.041 1.00 18.67 ? 87   TYR A CE2 1 
ATOM   502  C  CZ  . TYR A 1 83  ? -3.379  -6.752  -10.334 1.00 17.19 ? 87   TYR A CZ  1 
ATOM   503  O  OH  . TYR A 1 83  ? -3.352  -7.932  -10.970 1.00 20.18 ? 87   TYR A OH  1 
ATOM   504  N  N   . ILE A 1 84  ? -2.350  0.109   -7.798  1.00 15.69 ? 88   ILE A N   1 
ATOM   505  C  CA  . ILE A 1 84  ? -2.617  1.426   -7.197  1.00 18.91 ? 88   ILE A CA  1 
ATOM   506  C  C   . ILE A 1 84  ? -3.992  1.876   -7.718  1.00 22.15 ? 88   ILE A C   1 
ATOM   507  O  O   . ILE A 1 84  ? -4.231  1.975   -8.937  1.00 23.22 ? 88   ILE A O   1 
ATOM   508  C  CB  . ILE A 1 84  ? -1.452  2.425   -7.495  1.00 20.62 ? 88   ILE A CB  1 
ATOM   509  C  CG1 . ILE A 1 84  ? -0.135  1.991   -6.836  1.00 23.12 ? 88   ILE A CG1 1 
ATOM   510  C  CG2 . ILE A 1 84  ? -1.827  3.802   -6.870  1.00 22.55 ? 88   ILE A CG2 1 
ATOM   511  C  CD1 . ILE A 1 84  ? 1.062   2.964   -6.895  1.00 30.13 ? 88   ILE A CD1 1 
ATOM   512  N  N   . ILE A 1 85  ? -4.952  2.074   -6.812  1.00 16.97 ? 89   ILE A N   1 
ATOM   513  C  CA  . ILE A 1 85  ? -6.353  2.320   -7.131  1.00 17.59 ? 89   ILE A CA  1 
ATOM   514  C  C   . ILE A 1 85  ? -6.724  3.719   -6.622  1.00 23.04 ? 89   ILE A C   1 
ATOM   515  O  O   . ILE A 1 85  ? -6.412  4.098   -5.490  1.00 18.73 ? 89   ILE A O   1 
ATOM   516  C  CB  . ILE A 1 85  ? -7.234  1.200   -6.526  1.00 20.12 ? 89   ILE A CB  1 
ATOM   517  C  CG1 . ILE A 1 85  ? -6.927  -0.157  -7.214  1.00 21.59 ? 89   ILE A CG1 1 
ATOM   518  C  CG2 . ILE A 1 85  ? -8.725  1.548   -6.624  1.00 20.21 ? 89   ILE A CG2 1 
ATOM   519  C  CD1 . ILE A 1 85  ? -7.244  -1.333  -6.318  1.00 26.77 ? 89   ILE A CD1 1 
ATOM   520  N  N   . ARG A 1 86  ? -7.409  4.488   -7.477  1.00 25.07 ? 90   ARG A N   1 
ATOM   521  C  CA  . ARG A 1 86  ? -7.738  5.852   -7.100  1.00 26.72 ? 90   ARG A CA  1 
ATOM   522  C  C   . ARG A 1 86  ? -8.826  5.845   -6.022  1.00 19.14 ? 90   ARG A C   1 
ATOM   523  O  O   . ARG A 1 86  ? -9.692  4.939   -5.913  1.00 23.25 ? 90   ARG A O   1 
ATOM   524  C  CB  . ARG A 1 86  ? -8.191  6.601   -8.375  1.00 29.09 ? 90   ARG A CB  1 
ATOM   525  C  CG  . ARG A 1 86  ? -7.002  6.938   -9.283  1.00 31.75 ? 90   ARG A CG  1 
ATOM   526  C  CD  . ARG A 1 86  ? -7.321  7.924   -10.419 1.00 38.91 ? 90   ARG A CD  1 
ATOM   527  N  NE  . ARG A 1 86  ? -6.825  9.252   -10.084 1.00 50.24 ? 90   ARG A NE  1 
ATOM   528  C  CZ  . ARG A 1 86  ? -7.582  10.212  -9.582  1.00 50.37 ? 90   ARG A CZ  1 
ATOM   529  N  NH1 . ARG A 1 86  ? -8.873  9.982   -9.393  1.00 51.61 ? 90   ARG A NH1 1 
ATOM   530  N  NH2 . ARG A 1 86  ? -7.058  11.391  -9.278  1.00 53.89 ? 90   ARG A NH2 1 
ATOM   531  N  N   . SER A 1 87  ? -8.805  6.890   -5.202  1.00 23.98 ? 91   SER A N   1 
ATOM   532  C  CA  . SER A 1 87  ? -9.823  7.142   -4.177  1.00 19.42 ? 91   SER A CA  1 
ATOM   533  C  C   . SER A 1 87  ? -10.607 8.407   -4.635  1.00 23.15 ? 91   SER A C   1 
ATOM   534  O  O   . SER A 1 87  ? -10.028 9.204   -5.372  1.00 23.96 ? 91   SER A O   1 
ATOM   535  C  CB  . SER A 1 87  ? -9.153  7.518   -2.856  1.00 21.57 ? 91   SER A CB  1 
ATOM   536  O  OG  . SER A 1 87  ? -10.117 7.962   -1.900  1.00 24.04 ? 91   SER A OG  1 
ATOM   537  N  N   . HIS A 1 88  ? -11.864 8.575   -4.227  1.00 22.78 ? 92   HIS A N   1 
ATOM   538  C  CA  . HIS A 1 88  ? -12.535 9.867   -4.485  1.00 27.70 ? 92   HIS A CA  1 
ATOM   539  C  C   . HIS A 1 88  ? -12.053 10.972  -3.556  1.00 26.32 ? 92   HIS A C   1 
ATOM   540  O  O   . HIS A 1 88  ? -12.373 12.154  -3.778  1.00 24.77 ? 92   HIS A O   1 
ATOM   541  C  CB  . HIS A 1 88  ? -14.030 9.783   -4.246  1.00 24.39 ? 92   HIS A CB  1 
ATOM   542  C  CG  . HIS A 1 88  ? -14.732 8.957   -5.273  1.00 27.95 ? 92   HIS A CG  1 
ATOM   543  N  ND1 . HIS A 1 88  ? -15.536 7.893   -4.936  1.00 32.39 ? 92   HIS A ND1 1 
ATOM   544  C  CD2 . HIS A 1 88  ? -14.746 9.046   -6.623  1.00 32.17 ? 92   HIS A CD2 1 
ATOM   545  C  CE1 . HIS A 1 88  ? -16.023 7.358   -6.044  1.00 36.65 ? 92   HIS A CE1 1 
ATOM   546  N  NE2 . HIS A 1 88  ? -15.541 8.026   -7.080  1.00 32.84 ? 92   HIS A NE2 1 
ATOM   547  N  N   . VAL A 1 89  ? -11.317 10.586  -2.518  1.00 20.73 ? 93   VAL A N   1 
ATOM   548  C  CA  . VAL A 1 89  ? -10.827 11.604  -1.579  1.00 18.34 ? 93   VAL A CA  1 
ATOM   549  C  C   . VAL A 1 89  ? -9.407  12.085  -1.945  1.00 22.81 ? 93   VAL A C   1 
ATOM   550  O  O   . VAL A 1 89  ? -8.440  11.334  -2.050  1.00 22.23 ? 93   VAL A O   1 
ATOM   551  C  CB  . VAL A 1 89  ? -10.944 11.122  -0.092  1.00 19.90 ? 93   VAL A CB  1 
ATOM   552  C  CG1 . VAL A 1 89  ? -10.489 12.276  0.817   1.00 20.32 ? 93   VAL A CG1 1 
ATOM   553  C  CG2 . VAL A 1 89  ? -12.373 10.641  0.233   1.00 23.98 ? 93   VAL A CG2 1 
ATOM   554  N  N   . LYS A 1 90  ? -9.238  13.380  -2.176  1.00 21.22 ? 94   LYS A N   1 
ATOM   555  C  CA  . LYS A 1 90  ? -7.928  13.954  -2.453  1.00 22.41 ? 94   LYS A CA  1 
ATOM   556  C  C   . LYS A 1 90  ? -6.820  13.470  -1.514  1.00 19.20 ? 94   LYS A C   1 
ATOM   557  O  O   . LYS A 1 90  ? -7.075  13.284  -0.326  1.00 18.64 ? 94   LYS A O   1 
ATOM   558  C  CB  . LYS A 1 90  ? -8.093  15.479  -2.453  1.00 27.74 ? 94   LYS A CB  1 
ATOM   559  C  CG  . LYS A 1 90  ? -6.911  16.248  -2.914  1.00 33.45 ? 94   LYS A CG  1 
ATOM   560  C  CD  . LYS A 1 90  ? -7.255  17.729  -2.840  1.00 36.63 ? 94   LYS A CD  1 
ATOM   561  C  CE  . LYS A 1 90  ? -5.952  18.495  -2.906  1.00 39.92 ? 94   LYS A CE  1 
ATOM   562  N  NZ  . LYS A 1 90  ? -6.291  19.878  -3.306  1.00 43.95 ? 94   LYS A NZ  1 
ATOM   563  N  N   . ASP A 1 91  ? -5.631  13.204  -2.081  1.00 22.07 ? 95   ASP A N   1 
ATOM   564  C  CA  . ASP A 1 91  ? -4.418  12.817  -1.361  1.00 24.35 ? 95   ASP A CA  1 
ATOM   565  C  C   . ASP A 1 91  ? -4.522  11.480  -0.601  1.00 17.42 ? 95   ASP A C   1 
ATOM   566  O  O   . ASP A 1 91  ? -3.883  11.345  0.443   1.00 19.10 ? 95   ASP A O   1 
ATOM   567  C  CB  . ASP A 1 91  ? -3.993  13.841  -0.320  1.00 24.79 ? 95   ASP A CB  1 
ATOM   568  C  CG  . ASP A 1 91  ? -3.439  15.126  -0.942  1.00 34.13 ? 95   ASP A CG  1 
ATOM   569  O  OD1 . ASP A 1 91  ? -2.882  15.137  -2.070  1.00 32.02 ? 95   ASP A OD1 1 
ATOM   570  O  OD2 . ASP A 1 91  ? -3.520  16.193  -0.307  1.00 39.32 ? 95   ASP A OD2 1 
ATOM   571  N  N   . HIS A 1 92  ? -5.372  10.586  -1.086  1.00 16.69 ? 96   HIS A N   1 
ATOM   572  C  CA  . HIS A 1 92  ? -5.509  9.207   -0.572  1.00 18.31 ? 96   HIS A CA  1 
ATOM   573  C  C   . HIS A 1 92  ? -5.345  8.295   -1.779  1.00 21.54 ? 96   HIS A C   1 
ATOM   574  O  O   . HIS A 1 92  ? -5.697  8.699   -2.924  1.00 20.27 ? 96   HIS A O   1 
ATOM   575  C  CB  . HIS A 1 92  ? -6.900  8.908   0.029   1.00 15.91 ? 96   HIS A CB  1 
ATOM   576  C  CG  . HIS A 1 92  ? -7.135  9.606   1.333   1.00 22.15 ? 96   HIS A CG  1 
ATOM   577  N  ND1 . HIS A 1 92  ? -7.348  10.966  1.358   1.00 22.07 ? 96   HIS A ND1 1 
ATOM   578  C  CD2 . HIS A 1 92  ? -7.178  9.188   2.628   1.00 21.54 ? 96   HIS A CD2 1 
ATOM   579  C  CE1 . HIS A 1 92  ? -7.497  11.360  2.618   1.00 24.21 ? 96   HIS A CE1 1 
ATOM   580  N  NE2 . HIS A 1 92  ? -7.425  10.296  3.400   1.00 24.24 ? 96   HIS A NE2 1 
ATOM   581  N  N   . TYR A 1 93  ? -4.895  7.055   -1.522  1.00 16.07 ? 97   TYR A N   1 
ATOM   582  C  CA  . TYR A 1 93  ? -4.969  6.031   -2.574  1.00 15.33 ? 97   TYR A CA  1 
ATOM   583  C  C   . TYR A 1 93  ? -5.362  4.722   -1.898  1.00 19.72 ? 97   TYR A C   1 
ATOM   584  O  O   . TYR A 1 93  ? -5.204  4.557   -0.683  1.00 15.50 ? 97   TYR A O   1 
ATOM   585  C  CB  . TYR A 1 93  ? -3.589  5.733   -3.210  1.00 20.42 ? 97   TYR A CB  1 
ATOM   586  C  CG  . TYR A 1 93  ? -3.250  6.650   -4.362  1.00 19.97 ? 97   TYR A CG  1 
ATOM   587  C  CD1 . TYR A 1 93  ? -3.881  6.512   -5.604  1.00 23.11 ? 97   TYR A CD1 1 
ATOM   588  C  CD2 . TYR A 1 93  ? -2.283  7.656   -4.205  1.00 24.30 ? 97   TYR A CD2 1 
ATOM   589  C  CE1 . TYR A 1 93  ? -3.566  7.386   -6.682  1.00 24.36 ? 97   TYR A CE1 1 
ATOM   590  C  CE2 . TYR A 1 93  ? -1.969  8.516   -5.273  1.00 25.42 ? 97   TYR A CE2 1 
ATOM   591  C  CZ  . TYR A 1 93  ? -2.632  8.368   -6.471  1.00 26.39 ? 97   TYR A CZ  1 
ATOM   592  O  OH  . TYR A 1 93  ? -2.310  9.237   -7.488  1.00 30.74 ? 97   TYR A OH  1 
ATOM   593  N  N   . ILE A 1 94  ? -5.755  3.750   -2.709  1.00 15.66 ? 98   ILE A N   1 
ATOM   594  C  CA  . ILE A 1 94  ? -5.923  2.415   -2.193  1.00 15.98 ? 98   ILE A CA  1 
ATOM   595  C  C   . ILE A 1 94  ? -4.878  1.534   -2.866  1.00 19.87 ? 98   ILE A C   1 
ATOM   596  O  O   . ILE A 1 94  ? -4.650  1.692   -4.075  1.00 18.11 ? 98   ILE A O   1 
ATOM   597  C  CB  . ILE A 1 94  ? -7.321  1.920   -2.581  1.00 19.26 ? 98   ILE A CB  1 
ATOM   598  C  CG1 . ILE A 1 94  ? -8.465  2.637   -1.832  1.00 24.76 ? 98   ILE A CG1 1 
ATOM   599  C  CG2 . ILE A 1 94  ? -7.379  0.379   -2.422  1.00 19.39 ? 98   ILE A CG2 1 
ATOM   600  C  CD1 . ILE A 1 94  ? -8.513  2.266   -0.371  1.00 28.77 ? 98   ILE A CD1 1 
ATOM   601  N  N   . PHE A 1 95  ? -4.222  0.659   -2.098  1.00 14.34 ? 99   PHE A N   1 
ATOM   602  C  CA  . PHE A 1 95  ? -3.239  -0.257  -2.681  1.00 18.39 ? 99   PHE A CA  1 
ATOM   603  C  C   . PHE A 1 95  ? -3.820  -1.663  -2.478  1.00 23.18 ? 99   PHE A C   1 
ATOM   604  O  O   . PHE A 1 95  ? -4.202  -2.053  -1.346  1.00 19.09 ? 99   PHE A O   1 
ATOM   605  C  CB  . PHE A 1 95  ? -1.902  -0.229  -1.919  1.00 20.87 ? 99   PHE A CB  1 
ATOM   606  C  CG  . PHE A 1 95  ? -1.151  1.065   -1.956  1.00 21.27 ? 99   PHE A CG  1 
ATOM   607  C  CD1 . PHE A 1 95  ? -1.337  2.028   -2.943  1.00 22.78 ? 99   PHE A CD1 1 
ATOM   608  C  CD2 . PHE A 1 95  ? -0.155  1.291   -1.015  1.00 25.87 ? 99   PHE A CD2 1 
ATOM   609  C  CE1 . PHE A 1 95  ? -0.589  3.200   -2.956  1.00 26.11 ? 99   PHE A CE1 1 
ATOM   610  C  CE2 . PHE A 1 95  ? 0.589   2.442   -1.026  1.00 28.04 ? 99   PHE A CE2 1 
ATOM   611  C  CZ  . PHE A 1 95  ? 0.387   3.398   -2.012  1.00 27.96 ? 99   PHE A CZ  1 
ATOM   612  N  N   . TYR A 1 96  ? -3.903  -2.437  -3.557  1.00 14.51 ? 100  TYR A N   1 
ATOM   613  C  CA  . TYR A 1 96  ? -4.366  -3.843  -3.467  1.00 16.62 ? 100  TYR A CA  1 
ATOM   614  C  C   . TYR A 1 96  ? -3.190  -4.734  -3.917  1.00 19.34 ? 100  TYR A C   1 
ATOM   615  O  O   . TYR A 1 96  ? -2.561  -4.446  -4.951  1.00 16.97 ? 100  TYR A O   1 
ATOM   616  C  CB  . TYR A 1 96  ? -5.582  -4.083  -4.393  1.00 18.77 ? 100  TYR A CB  1 
ATOM   617  C  CG  . TYR A 1 96  ? -5.933  -5.550  -4.506  1.00 19.82 ? 100  TYR A CG  1 
ATOM   618  C  CD1 . TYR A 1 96  ? -6.362  -6.258  -3.359  1.00 14.63 ? 100  TYR A CD1 1 
ATOM   619  C  CD2 . TYR A 1 96  ? -5.798  -6.283  -5.698  1.00 18.32 ? 100  TYR A CD2 1 
ATOM   620  C  CE1 . TYR A 1 96  ? -6.680  -7.660  -3.388  1.00 19.06 ? 100  TYR A CE1 1 
ATOM   621  C  CE2 . TYR A 1 96  ? -6.137  -7.617  -5.741  1.00 16.54 ? 100  TYR A CE2 1 
ATOM   622  C  CZ  . TYR A 1 96  ? -6.573  -8.323  -4.612  1.00 20.35 ? 100  TYR A CZ  1 
ATOM   623  O  OH  . TYR A 1 96  ? -6.824  -9.673  -4.666  1.00 20.82 ? 100  TYR A OH  1 
ATOM   624  N  N   . SER A 1 97  ? -2.841  -5.748  -3.131  1.00 15.75 ? 101  SER A N   1 
ATOM   625  C  CA  . SER A 1 97  ? -1.645  -6.541  -3.424  1.00 14.56 ? 101  SER A CA  1 
ATOM   626  C  C   . SER A 1 97  ? -1.987  -8.013  -3.312  1.00 19.14 ? 101  SER A C   1 
ATOM   627  O  O   . SER A 1 97  ? -2.847  -8.443  -2.490  1.00 19.41 ? 101  SER A O   1 
ATOM   628  C  CB  . SER A 1 97  ? -0.505  -6.259  -2.442  1.00 24.52 ? 101  SER A CB  1 
ATOM   629  O  OG  . SER A 1 97  ? -0.055  -4.934  -2.495  1.00 34.97 ? 101  SER A OG  1 
ATOM   630  N  N   . GLU A 1 98  ? -1.349  -8.784  -4.180  1.00 17.14 ? 102  GLU A N   1 
ATOM   631  C  CA  . GLU A 1 98  ? -1.439  -10.258 -4.161  1.00 18.45 ? 102  GLU A CA  1 
ATOM   632  C  C   . GLU A 1 98  ? 0.020   -10.785 -4.100  1.00 20.15 ? 102  GLU A C   1 
ATOM   633  O  O   . GLU A 1 98  ? 0.920   -10.327 -4.840  1.00 21.47 ? 102  GLU A O   1 
ATOM   634  C  CB  . GLU A 1 98  ? -2.201  -10.798 -5.394  1.00 17.47 ? 102  GLU A CB  1 
ATOM   635  C  CG  . GLU A 1 98  ? -3.672  -10.422 -5.357  1.00 17.85 ? 102  GLU A CG  1 
ATOM   636  C  CD  . GLU A 1 98  ? -4.413  -10.931 -6.588  1.00 22.97 ? 102  GLU A CD  1 
ATOM   637  O  OE1 . GLU A 1 98  ? -3.830  -11.591 -7.483  1.00 25.10 ? 102  GLU A OE1 1 
ATOM   638  O  OE2 . GLU A 1 98  ? -5.609  -10.653 -6.607  1.00 19.19 ? 102  GLU A OE2 1 
ATOM   639  N  N   . GLY A 1 99  ? 0.254   -11.721 -3.169  1.00 24.93 ? 103  GLY A N   1 
ATOM   640  C  CA  . GLY A 1 99  ? 1.587   -12.209 -2.844  1.00 30.73 ? 103  GLY A CA  1 
ATOM   641  C  C   . GLY A 1 99  ? 1.554   -13.657 -2.372  1.00 36.17 ? 103  GLY A C   1 
ATOM   642  O  O   . GLY A 1 99  ? 0.556   -14.375 -2.561  1.00 27.81 ? 103  GLY A O   1 
ATOM   643  N  N   . GLU A 1 100 ? 2.678   -14.083 -1.806  1.00 45.20 ? 104  GLU A N   1 
ATOM   644  C  CA  . GLU A 1 100 ? 2.842   -15.463 -1.357  1.00 55.48 ? 104  GLU A CA  1 
ATOM   645  C  C   . GLU A 1 100 ? 3.752   -15.513 -0.145  1.00 55.40 ? 104  GLU A C   1 
ATOM   646  O  O   . GLU A 1 100 ? 4.046   -14.470 0.435   1.00 58.29 ? 104  GLU A O   1 
ATOM   647  C  CB  . GLU A 1 100 ? 3.418   -16.318 -2.481  1.00 60.23 ? 104  GLU A CB  1 
ATOM   648  C  CG  . GLU A 1 100 ? 2.432   -16.491 -3.622  1.00 70.57 ? 104  GLU A CG  1 
ATOM   649  C  CD  . GLU A 1 100 ? 2.963   -17.363 -4.740  1.00 76.30 ? 104  GLU A CD  1 
ATOM   650  O  OE1 . GLU A 1 100 ? 4.161   -17.731 -4.678  1.00 80.08 ? 104  GLU A OE1 1 
ATOM   651  O  OE2 . GLU A 1 100 ? 2.173   -17.672 -5.663  1.00 78.43 ? 104  GLU A OE2 1 
ATOM   652  N  N   . GLY A 1 103 ? 4.466   -18.505 2.546   1.00 60.96 ? 107  GLY A N   1 
ATOM   653  C  CA  . GLY A 1 103 ? 4.421   -19.826 1.929   1.00 61.68 ? 107  GLY A CA  1 
ATOM   654  C  C   . GLY A 1 103 ? 3.093   -20.063 1.234   1.00 61.87 ? 107  GLY A C   1 
ATOM   655  O  O   . GLY A 1 103 ? 3.026   -20.762 0.217   1.00 64.94 ? 107  GLY A O   1 
ATOM   656  N  N   . LYS A 1 104 ? 2.026   -19.484 1.776   1.00 57.64 ? 108  LYS A N   1 
ATOM   657  C  CA  . LYS A 1 104 ? 0.714   -19.595 1.138   1.00 56.40 ? 108  LYS A CA  1 
ATOM   658  C  C   . LYS A 1 104 ? 0.462   -18.289 0.376   1.00 49.02 ? 108  LYS A C   1 
ATOM   659  O  O   . LYS A 1 104 ? 1.170   -17.310 0.624   1.00 48.13 ? 108  LYS A O   1 
ATOM   660  C  CB  . LYS A 1 104 ? -0.376  -19.897 2.180   1.00 58.42 ? 108  LYS A CB  1 
ATOM   661  C  CG  . LYS A 1 104 ? -0.169  -21.185 3.000   1.00 60.29 ? 108  LYS A CG  1 
ATOM   662  C  CD  . LYS A 1 104 ? -1.232  -21.340 4.090   1.00 61.24 ? 108  LYS A CD  1 
ATOM   663  C  CE  . LYS A 1 104 ? -0.735  -22.188 5.257   1.00 63.71 ? 108  LYS A CE  1 
ATOM   664  N  NZ  . LYS A 1 104 ? -1.573  -21.990 6.478   1.00 65.11 ? 108  LYS A NZ  1 
ATOM   665  N  N   . PRO A 1 105 ? -0.466  -18.297 -0.581  1.00 45.71 ? 109  PRO A N   1 
ATOM   666  C  CA  . PRO A 1 105 ? -0.985  -17.083 -1.207  1.00 47.13 ? 109  PRO A CA  1 
ATOM   667  C  C   . PRO A 1 105 ? -1.697  -16.174 -0.211  1.00 42.88 ? 109  PRO A C   1 
ATOM   668  O  O   . PRO A 1 105 ? -2.460  -16.635 0.653   1.00 43.41 ? 109  PRO A O   1 
ATOM   669  C  CB  . PRO A 1 105 ? -2.067  -17.586 -2.164  1.00 47.61 ? 109  PRO A CB  1 
ATOM   670  C  CG  . PRO A 1 105 ? -1.785  -19.026 -2.387  1.00 50.32 ? 109  PRO A CG  1 
ATOM   671  C  CD  . PRO A 1 105 ? -1.099  -19.503 -1.137  1.00 50.87 ? 109  PRO A CD  1 
ATOM   672  N  N   . VAL A 1 106 ? -1.461  -14.876 -0.369  1.00 32.72 ? 110  VAL A N   1 
ATOM   673  C  CA  . VAL A 1 106 ? -2.042  -13.883 0.528   1.00 26.87 ? 110  VAL A CA  1 
ATOM   674  C  C   . VAL A 1 106 ? -2.443  -12.693 -0.337  1.00 25.37 ? 110  VAL A C   1 
ATOM   675  O  O   . VAL A 1 106 ? -1.824  -12.475 -1.387  1.00 22.96 ? 110  VAL A O   1 
ATOM   676  C  CB  . VAL A 1 106 ? -1.043  -13.382 1.589   1.00 32.72 ? 110  VAL A CB  1 
ATOM   677  C  CG1 . VAL A 1 106 ? -0.689  -14.508 2.571   1.00 36.85 ? 110  VAL A CG1 1 
ATOM   678  C  CG2 . VAL A 1 106 ? 0.232   -12.827 0.958   1.00 34.84 ? 110  VAL A CG2 1 
ATOM   679  N  N   . ARG A 1 107 ? -3.468  -11.965 0.085   1.00 20.70 ? 111  ARG A N   1 
ATOM   680  C  CA  . ARG A 1 107 ? -3.822  -10.726 -0.623  1.00 16.12 ? 111  ARG A CA  1 
ATOM   681  C  C   . ARG A 1 107 ? -4.475  -9.799  0.380   1.00 21.05 ? 111  ARG A C   1 
ATOM   682  O  O   . ARG A 1 107 ? -4.905  -10.280 1.455   1.00 19.34 ? 111  ARG A O   1 
ATOM   683  C  CB  . ARG A 1 107 ? -4.843  -11.003 -1.705  1.00 17.49 ? 111  ARG A CB  1 
ATOM   684  C  CG  . ARG A 1 107 ? -6.114  -11.654 -1.328  1.00 24.20 ? 111  ARG A CG  1 
ATOM   685  C  CD  . ARG A 1 107 ? -6.663  -12.524 -2.496  1.00 25.36 ? 111  ARG A CD  1 
ATOM   686  N  NE  . ARG A 1 107 ? -8.029  -12.890 -2.189  1.00 22.89 ? 111  ARG A NE  1 
ATOM   687  C  CZ  . ARG A 1 107 ? -9.072  -12.115 -2.441  1.00 22.64 ? 111  ARG A CZ  1 
ATOM   688  N  NH1 . ARG A 1 107 ? -8.921  -10.920 -3.046  1.00 20.90 ? 111  ARG A NH1 1 
ATOM   689  N  NH2 . ARG A 1 107 ? -10.261 -12.551 -2.044  1.00 22.80 ? 111  ARG A NH2 1 
ATOM   690  N  N   . GLY A 1 108 ? -4.536  -8.513  0.045   1.00 16.28 ? 112  GLY A N   1 
ATOM   691  C  CA  . GLY A 1 108 ? -5.122  -7.536  1.003   1.00 18.66 ? 112  GLY A CA  1 
ATOM   692  C  C   . GLY A 1 108 ? -5.214  -6.151  0.374   1.00 19.00 ? 112  GLY A C   1 
ATOM   693  O  O   . GLY A 1 108 ? -4.615  -5.910  -0.686  1.00 18.26 ? 112  GLY A O   1 
ATOM   694  N  N   . VAL A 1 109 ? -5.943  -5.263  1.043   1.00 17.59 ? 113  VAL A N   1 
ATOM   695  C  CA  . VAL A 1 109 ? -6.242  -3.903  0.531   1.00 12.56 ? 113  VAL A CA  1 
ATOM   696  C  C   . VAL A 1 109 ? -5.706  -3.006  1.652   1.00 16.50 ? 113  VAL A C   1 
ATOM   697  O  O   . VAL A 1 109 ? -5.891  -3.342  2.850   1.00 16.39 ? 113  VAL A O   1 
ATOM   698  C  CB  . VAL A 1 109 ? -7.747  -3.639  0.381   1.00 18.82 ? 113  VAL A CB  1 
ATOM   699  C  CG1 . VAL A 1 109 ? -7.983  -2.211  -0.100  1.00 22.08 ? 113  VAL A CG1 1 
ATOM   700  C  CG2 . VAL A 1 109 ? -8.387  -4.571  -0.723  1.00 23.63 ? 113  VAL A CG2 1 
ATOM   701  N  N   . LYS A 1 110 ? -5.087  -1.892  1.287   1.00 15.75 ? 114  LYS A N   1 
ATOM   702  C  CA  . LYS A 1 110 ? -4.630  -0.860  2.242   1.00 14.89 ? 114  LYS A CA  1 
ATOM   703  C  C   . LYS A 1 110 ? -5.172  0.485   1.782   1.00 17.37 ? 114  LYS A C   1 
ATOM   704  O  O   . LYS A 1 110 ? -5.190  0.728   0.575   1.00 18.18 ? 114  LYS A O   1 
ATOM   705  C  CB  . LYS A 1 110 ? -3.095  -0.774  2.240   1.00 13.87 ? 114  LYS A CB  1 
ATOM   706  C  CG  . LYS A 1 110 ? -2.398  -1.923  2.973   1.00 18.24 ? 114  LYS A CG  1 
ATOM   707  C  CD  . LYS A 1 110 ? -0.901  -1.673  2.865   1.00 22.43 ? 114  LYS A CD  1 
ATOM   708  C  CE  . LYS A 1 110 ? -0.168  -2.790  3.625   1.00 29.20 ? 114  LYS A CE  1 
ATOM   709  N  NZ  . LYS A 1 110 ? 1.288   -2.465  3.570   1.00 31.09 ? 114  LYS A NZ  1 
ATOM   710  N  N   . LEU A 1 111 ? -5.702  1.298   2.695   1.00 12.45 ? 115  LEU A N   1 
ATOM   711  C  CA  . LEU A 1 111 ? -6.003  2.686   2.436   1.00 13.05 ? 115  LEU A CA  1 
ATOM   712  C  C   . LEU A 1 111 ? -4.841  3.537   2.932   1.00 15.39 ? 115  LEU A C   1 
ATOM   713  O  O   . LEU A 1 111 ? -4.390  3.418   4.108   1.00 16.08 ? 115  LEU A O   1 
ATOM   714  C  CB  . LEU A 1 111 ? -7.284  3.035   3.219   1.00 16.20 ? 115  LEU A CB  1 
ATOM   715  C  CG  . LEU A 1 111 ? -7.654  4.529   3.137   1.00 17.92 ? 115  LEU A CG  1 
ATOM   716  C  CD1 . LEU A 1 111 ? -7.935  4.993   1.702   1.00 18.08 ? 115  LEU A CD1 1 
ATOM   717  C  CD2 . LEU A 1 111 ? -8.881  4.895   4.027   1.00 17.26 ? 115  LEU A CD2 1 
ATOM   718  N  N   . VAL A 1 112 ? -4.338  4.431   2.096   1.00 15.72 ? 116  VAL A N   1 
ATOM   719  C  CA  . VAL A 1 112 ? -3.225  5.322   2.519   1.00 15.09 ? 116  VAL A CA  1 
ATOM   720  C  C   . VAL A 1 112 ? -3.468  6.807   2.245   1.00 15.20 ? 116  VAL A C   1 
ATOM   721  O  O   . VAL A 1 112 ? -4.287  7.148   1.371   1.00 16.04 ? 116  VAL A O   1 
ATOM   722  C  CB  . VAL A 1 112 ? -1.851  4.972   1.868   1.00 15.67 ? 116  VAL A CB  1 
ATOM   723  C  CG1 . VAL A 1 112 ? -1.380  3.562   2.247   1.00 15.63 ? 116  VAL A CG1 1 
ATOM   724  C  CG2 . VAL A 1 112 ? -1.879  5.234   0.326   1.00 18.65 ? 116  VAL A CG2 1 
ATOM   725  N  N   . GLY A 1 113 ? -2.786  7.684   2.991   1.00 17.86 ? 117  GLY A N   1 
ATOM   726  C  CA  . GLY A 1 113 ? -2.908  9.106   2.684   1.00 18.57 ? 117  GLY A CA  1 
ATOM   727  C  C   . GLY A 1 113 ? -1.667  9.907   3.034   1.00 18.75 ? 117  GLY A C   1 
ATOM   728  O  O   . GLY A 1 113 ? -0.746  9.402   3.713   1.00 19.31 ? 117  GLY A O   1 
ATOM   729  N  N   . ARG A 1 114 ? -1.600  11.135  2.523   1.00 21.21 ? 118  ARG A N   1 
ATOM   730  C  CA  . ARG A 1 114 ? -0.425  11.976  2.758   1.00 25.95 ? 118  ARG A CA  1 
ATOM   731  C  C   . ARG A 1 114 ? -0.358  12.618  4.145   1.00 27.49 ? 118  ARG A C   1 
ATOM   732  O  O   . ARG A 1 114 ? 0.723   13.006  4.561   1.00 28.98 ? 118  ARG A O   1 
ATOM   733  C  CB  . ARG A 1 114 ? -0.285  13.091  1.711   1.00 27.01 ? 118  ARG A CB  1 
ATOM   734  C  CG  . ARG A 1 114 ? -0.311  12.666  0.248   1.00 25.61 ? 118  ARG A CG  1 
ATOM   735  C  CD  . ARG A 1 114 ? 0.174   13.790  -0.687  1.00 29.33 ? 118  ARG A CD  1 
ATOM   736  N  NE  . ARG A 1 114 ? 0.038   13.436  -2.085  1.00 31.64 ? 118  ARG A NE  1 
ATOM   737  C  CZ  . ARG A 1 114 ? 1.046   12.928  -2.781  1.00 31.71 ? 118  ARG A CZ  1 
ATOM   738  N  NH1 . ARG A 1 114 ? 2.219   12.740  -2.182  1.00 29.74 ? 118  ARG A NH1 1 
ATOM   739  N  NH2 . ARG A 1 114 ? 0.870   12.632  -4.056  1.00 33.93 ? 118  ARG A NH2 1 
ATOM   740  N  N   . ASP A 1 115 ? -1.469  12.789  4.847   1.00 24.77 ? 119  ASP A N   1 
ATOM   741  C  CA  . ASP A 1 115 ? -1.422  13.416  6.180   1.00 27.23 ? 119  ASP A CA  1 
ATOM   742  C  C   . ASP A 1 115 ? -0.925  12.453  7.249   1.00 27.55 ? 119  ASP A C   1 
ATOM   743  O  O   . ASP A 1 115 ? -1.372  11.307  7.282   1.00 27.14 ? 119  ASP A O   1 
ATOM   744  C  CB  . ASP A 1 115 ? -2.854  13.841  6.527   1.00 32.13 ? 119  ASP A CB  1 
ATOM   745  C  CG  . ASP A 1 115 ? -2.967  14.890  7.652   1.00 38.91 ? 119  ASP A CG  1 
ATOM   746  O  OD1 . ASP A 1 115 ? -2.111  14.977  8.569   1.00 35.84 ? 119  ASP A OD1 1 
ATOM   747  O  OD2 . ASP A 1 115 ? -3.966  15.651  7.674   1.00 36.60 ? 119  ASP A OD2 1 
ATOM   748  N  N   . PRO A 1 116 ? -0.032  12.865  8.154   1.00 26.29 ? 120  PRO A N   1 
ATOM   749  C  CA  . PRO A 1 116 ? 0.351   12.009  9.262   1.00 26.45 ? 120  PRO A CA  1 
ATOM   750  C  C   . PRO A 1 116 ? -0.788  11.623  10.215  1.00 25.37 ? 120  PRO A C   1 
ATOM   751  O  O   . PRO A 1 116 ? -0.742  10.575  10.848  1.00 26.14 ? 120  PRO A O   1 
ATOM   752  C  CB  . PRO A 1 116 ? 1.471   12.818  9.956   1.00 32.49 ? 120  PRO A CB  1 
ATOM   753  C  CG  . PRO A 1 116 ? 1.990   13.694  8.839   1.00 34.41 ? 120  PRO A CG  1 
ATOM   754  C  CD  . PRO A 1 116 ? 0.735   14.127  8.147   1.00 29.77 ? 120  PRO A CD  1 
ATOM   755  N  N   . LYS A 1 117 ? -1.801  12.479  10.335  1.00 27.41 ? 121  LYS A N   1 
ATOM   756  C  CA  . LYS A 1 117 ? -2.913  12.209  11.226  1.00 26.48 ? 121  LYS A CA  1 
ATOM   757  C  C   . LYS A 1 117 ? -3.921  11.281  10.540  1.00 27.01 ? 121  LYS A C   1 
ATOM   758  O  O   . LYS A 1 117 ? -4.161  11.420  9.339   1.00 26.13 ? 121  LYS A O   1 
ATOM   759  C  CB  . LYS A 1 117 ? -3.556  13.552  11.602  1.00 29.79 ? 121  LYS A CB  1 
ATOM   760  C  CG  . LYS A 1 117 ? -4.775  13.421  12.501  1.00 36.48 ? 121  LYS A CG  1 
ATOM   761  C  CD  . LYS A 1 117 ? -5.148  14.757  13.116  1.00 41.00 ? 121  LYS A CD  1 
ATOM   762  C  CE  . LYS A 1 117 ? -6.208  15.512  12.339  1.00 45.61 ? 121  LYS A CE  1 
ATOM   763  N  NZ  . LYS A 1 117 ? -7.066  16.306  13.283  1.00 48.41 ? 121  LYS A NZ  1 
ATOM   764  N  N   . ASN A 1 118 ? -4.449  10.318  11.272  1.00 21.53 ? 122  ASN A N   1 
ATOM   765  C  CA  . ASN A 1 118 ? -5.461  9.443   10.669  1.00 25.94 ? 122  ASN A CA  1 
ATOM   766  C  C   . ASN A 1 118 ? -6.867  10.009  10.893  1.00 23.76 ? 122  ASN A C   1 
ATOM   767  O  O   . ASN A 1 118 ? -7.429  9.846   11.977  1.00 28.31 ? 122  ASN A O   1 
ATOM   768  C  CB  . ASN A 1 118 ? -5.327  7.999   11.176  1.00 26.04 ? 122  ASN A CB  1 
ATOM   769  C  CG  . ASN A 1 118 ? -6.175  7.007   10.389  1.00 24.24 ? 122  ASN A CG  1 
ATOM   770  O  OD1 . ASN A 1 118 ? -7.069  7.403   9.637   1.00 20.64 ? 122  ASN A OD1 1 
ATOM   771  N  ND2 . ASN A 1 118 ? -5.958  5.725   10.636  1.00 22.42 ? 122  ASN A ND2 1 
ATOM   772  N  N   . ASN A 1 119 ? -7.439  10.652  9.875   1.00 23.60 ? 123  ASN A N   1 
ATOM   773  C  CA  . ASN A 1 119 ? -8.776  11.249  10.011  1.00 26.85 ? 123  ASN A CA  1 
ATOM   774  C  C   . ASN A 1 119 ? -9.941  10.321  9.660   1.00 28.68 ? 123  ASN A C   1 
ATOM   775  O  O   . ASN A 1 119 ? -11.101 10.737  9.761   1.00 32.07 ? 123  ASN A O   1 
ATOM   776  C  CB  . ASN A 1 119 ? -8.922  12.514  9.144   1.00 30.68 ? 123  ASN A CB  1 
ATOM   777  C  CG  . ASN A 1 119 ? -7.957  13.624  9.535   1.00 37.70 ? 123  ASN A CG  1 
ATOM   778  O  OD1 . ASN A 1 119 ? -7.995  14.105  10.663  1.00 42.67 ? 123  ASN A OD1 1 
ATOM   779  N  ND2 . ASN A 1 119 ? -7.084  14.026  8.609   1.00 38.55 ? 123  ASN A ND2 1 
ATOM   780  N  N   . LEU A 1 120 ? -9.659  9.100   9.207   1.00 25.18 ? 124  LEU A N   1 
ATOM   781  C  CA  . LEU A 1 120 ? -10.642 8.082   8.816   1.00 27.12 ? 124  LEU A CA  1 
ATOM   782  C  C   . LEU A 1 120 ? -11.847 8.645   8.036   1.00 29.00 ? 124  LEU A C   1 
ATOM   783  O  O   . LEU A 1 120 ? -13.016 8.317   8.266   1.00 29.91 ? 124  LEU A O   1 
ATOM   784  C  CB  . LEU A 1 120 ? -11.113 7.274   10.042  1.00 34.46 ? 124  LEU A CB  1 
ATOM   785  C  CG  . LEU A 1 120 ? -10.290 6.171   10.728  1.00 35.08 ? 124  LEU A CG  1 
ATOM   786  C  CD1 . LEU A 1 120 ? -11.239 5.405   11.662  1.00 36.94 ? 124  LEU A CD1 1 
ATOM   787  C  CD2 . LEU A 1 120 ? -9.595  5.204   9.772   1.00 31.65 ? 124  LEU A CD2 1 
ATOM   788  N  N   . GLU A 1 121 ? -11.554 9.525   7.093   1.00 21.80 ? 125  GLU A N   1 
ATOM   789  C  CA  . GLU A 1 121 ? -12.608 10.108  6.270   1.00 24.52 ? 125  GLU A CA  1 
ATOM   790  C  C   . GLU A 1 121 ? -12.723 9.484   4.878   1.00 23.98 ? 125  GLU A C   1 
ATOM   791  O  O   . GLU A 1 121 ? -13.635 9.863   4.118   1.00 23.20 ? 125  GLU A O   1 
ATOM   792  C  CB  . GLU A 1 121 ? -12.428 11.637  6.215   1.00 27.80 ? 125  GLU A CB  1 
ATOM   793  C  CG  . GLU A 1 121 ? -11.591 12.317  5.128   1.00 30.76 ? 125  GLU A CG  1 
ATOM   794  C  CD  . GLU A 1 121 ? -10.074 12.119  5.219   1.00 30.13 ? 125  GLU A CD  1 
ATOM   795  O  OE1 . GLU A 1 121 ? -9.266  13.010  4.878   1.00 29.97 ? 125  GLU A OE1 1 
ATOM   796  O  OE2 . GLU A 1 121 ? -9.685  11.038  5.651   1.00 29.11 ? 125  GLU A OE2 1 
ATOM   797  N  N   . ALA A 1 122 ? -11.733 8.664   4.485   1.00 21.67 ? 126  ALA A N   1 
ATOM   798  C  CA  . ALA A 1 122 ? -11.876 7.889   3.245   1.00 18.54 ? 126  ALA A CA  1 
ATOM   799  C  C   . ALA A 1 122 ? -12.221 6.381   3.369   1.00 24.60 ? 126  ALA A C   1 
ATOM   800  O  O   . ALA A 1 122 ? -11.940 5.554   2.472   1.00 21.15 ? 126  ALA A O   1 
ATOM   801  C  CB  . ALA A 1 122 ? -10.636 8.086   2.325   1.00 23.45 ? 126  ALA A CB  1 
ATOM   802  N  N   . LEU A 1 123 ? -12.878 5.986   4.456   1.00 21.49 ? 127  LEU A N   1 
ATOM   803  C  CA  . LEU A 1 123 ? -13.166 4.555   4.679   1.00 26.33 ? 127  LEU A CA  1 
ATOM   804  C  C   . LEU A 1 123 ? -14.192 3.922   3.723   1.00 22.38 ? 127  LEU A C   1 
ATOM   805  O  O   . LEU A 1 123 ? -14.182 2.701   3.512   1.00 23.50 ? 127  LEU A O   1 
ATOM   806  C  CB  . LEU A 1 123 ? -13.630 4.357   6.124   1.00 26.23 ? 127  LEU A CB  1 
ATOM   807  C  CG  . LEU A 1 123 ? -13.000 3.267   6.998   1.00 38.56 ? 127  LEU A CG  1 
ATOM   808  C  CD1 . LEU A 1 123 ? -11.463 3.284   6.886   1.00 38.55 ? 127  LEU A CD1 1 
ATOM   809  C  CD2 . LEU A 1 123 ? -13.451 3.400   8.478   1.00 38.36 ? 127  LEU A CD2 1 
ATOM   810  N  N   . GLU A 1 124 ? -15.130 4.712   3.168   1.00 21.04 ? 128  GLU A N   1 
ATOM   811  C  CA  . GLU A 1 124 ? -16.131 4.172   2.248   1.00 25.78 ? 128  GLU A CA  1 
ATOM   812  C  C   . GLU A 1 124 ? -15.437 3.508   1.037   1.00 22.39 ? 128  GLU A C   1 
ATOM   813  O  O   . GLU A 1 124 ? -15.741 2.394   0.644   1.00 21.58 ? 128  GLU A O   1 
ATOM   814  C  CB  . GLU A 1 124 ? -17.074 5.265   1.721   1.00 28.03 ? 128  GLU A CB  1 
ATOM   815  C  CG  . GLU A 1 124 ? -18.196 4.681   0.863   1.00 36.11 ? 128  GLU A CG  1 
ATOM   816  C  CD  . GLU A 1 124 ? -19.280 5.682   0.445   1.00 40.84 ? 128  GLU A CD  1 
ATOM   817  O  OE1 . GLU A 1 124 ? -19.358 6.795   1.017   1.00 46.10 ? 128  GLU A OE1 1 
ATOM   818  O  OE2 . GLU A 1 124 ? -20.062 5.353   -0.487  1.00 46.44 ? 128  GLU A OE2 1 
ATOM   819  N  N   . ASP A 1 125 ? -14.476 4.208   0.465   1.00 19.87 ? 129  ASP A N   1 
ATOM   820  C  CA  . ASP A 1 125 ? -13.710 3.649   -0.655  1.00 23.71 ? 129  ASP A CA  1 
ATOM   821  C  C   . ASP A 1 125 ? -12.881 2.417   -0.318  1.00 21.04 ? 129  ASP A C   1 
ATOM   822  O  O   . ASP A 1 125 ? -12.800 1.526   -1.163  1.00 22.40 ? 129  ASP A O   1 
ATOM   823  C  CB  . ASP A 1 125 ? -12.725 4.663   -1.207  1.00 24.26 ? 129  ASP A CB  1 
ATOM   824  C  CG  . ASP A 1 125 ? -13.422 5.746   -2.030  1.00 29.46 ? 129  ASP A CG  1 
ATOM   825  O  OD1 . ASP A 1 125 ? -14.531 5.513   -2.513  1.00 26.45 ? 129  ASP A OD1 1 
ATOM   826  O  OD2 . ASP A 1 125 ? -12.908 6.828   -2.272  1.00 28.92 ? 129  ASP A OD2 1 
ATOM   827  N  N   . PHE A 1 126 ? -12.277 2.410   0.861   1.00 21.25 ? 130  PHE A N   1 
ATOM   828  C  CA  . PHE A 1 126 ? -11.622 1.182   1.383   1.00 13.85 ? 130  PHE A CA  1 
ATOM   829  C  C   . PHE A 1 126 ? -12.637 0.047   1.403   1.00 20.81 ? 130  PHE A C   1 
ATOM   830  O  O   . PHE A 1 126 ? -12.364 -1.046  0.908   1.00 19.20 ? 130  PHE A O   1 
ATOM   831  C  CB  . PHE A 1 126 ? -11.020 1.493   2.753   1.00 19.92 ? 130  PHE A CB  1 
ATOM   832  C  CG  . PHE A 1 126 ? -10.466 0.268   3.458   1.00 18.54 ? 130  PHE A CG  1 
ATOM   833  C  CD1 . PHE A 1 126 ? -9.194  -0.194  3.111   1.00 18.96 ? 130  PHE A CD1 1 
ATOM   834  C  CD2 . PHE A 1 126 ? -11.180 -0.349  4.482   1.00 20.40 ? 130  PHE A CD2 1 
ATOM   835  C  CE1 . PHE A 1 126 ? -8.635  -1.301  3.769   1.00 18.53 ? 130  PHE A CE1 1 
ATOM   836  C  CE2 . PHE A 1 126 ? -10.642 -1.470  5.128   1.00 24.71 ? 130  PHE A CE2 1 
ATOM   837  C  CZ  . PHE A 1 126 ? -9.375  -1.950  4.749   1.00 21.40 ? 130  PHE A CZ  1 
ATOM   838  N  N   . GLU A 1 127 ? -13.807 0.280   1.993   1.00 19.87 ? 131  GLU A N   1 
ATOM   839  C  CA  . GLU A 1 127 ? -14.817 -0.785  2.120   1.00 23.43 ? 131  GLU A CA  1 
ATOM   840  C  C   . GLU A 1 127 ? -15.313 -1.371  0.786   1.00 18.13 ? 131  GLU A C   1 
ATOM   841  O  O   . GLU A 1 127 ? -15.413 -2.609  0.631   1.00 21.12 ? 131  GLU A O   1 
ATOM   842  C  CB  . GLU A 1 127 ? -15.962 -0.246  2.991   1.00 25.82 ? 131  GLU A CB  1 
ATOM   843  C  CG  . GLU A 1 127 ? -15.502 -0.185  4.446   1.00 29.98 ? 131  GLU A CG  1 
ATOM   844  C  CD  . GLU A 1 127 ? -16.518 0.483   5.351   1.00 38.02 ? 131  GLU A CD  1 
ATOM   845  O  OE1 . GLU A 1 127 ? -17.606 0.864   4.868   1.00 38.69 ? 131  GLU A OE1 1 
ATOM   846  O  OE2 . GLU A 1 127 ? -16.193 0.644   6.540   1.00 42.80 ? 131  GLU A OE2 1 
ATOM   847  N  N   . LYS A 1 128 ? -15.549 -0.485  -0.161  1.00 21.31 ? 132  LYS A N   1 
ATOM   848  C  CA  . LYS A 1 128 ? -15.946 -0.773  -1.543  1.00 22.72 ? 132  LYS A CA  1 
ATOM   849  C  C   . LYS A 1 128 ? -14.840 -1.550  -2.288  1.00 22.21 ? 132  LYS A C   1 
ATOM   850  O  O   . LYS A 1 128 ? -15.113 -2.541  -2.974  1.00 22.22 ? 132  LYS A O   1 
ATOM   851  C  CB  . LYS A 1 128 ? -16.155 0.562   -2.256  1.00 29.26 ? 132  LYS A CB  1 
ATOM   852  C  CG  . LYS A 1 128 ? -16.523 0.480   -3.729  1.00 39.60 ? 132  LYS A CG  1 
ATOM   853  C  CD  . LYS A 1 128 ? -15.738 1.558   -4.489  1.00 44.92 ? 132  LYS A CD  1 
ATOM   854  C  CE  . LYS A 1 128 ? -14.250 1.160   -4.530  1.00 47.48 ? 132  LYS A CE  1 
ATOM   855  N  NZ  . LYS A 1 128 ? -13.290 2.304   -4.478  1.00 44.86 ? 132  LYS A NZ  1 
ATOM   856  N  N   . ALA A 1 129 ? -13.605 -1.089  -2.186  1.00 21.18 ? 133  ALA A N   1 
ATOM   857  C  CA  . ALA A 1 129 ? -12.499 -1.844  -2.829  1.00 18.33 ? 133  ALA A CA  1 
ATOM   858  C  C   . ALA A 1 129 ? -12.386 -3.258  -2.309  1.00 22.31 ? 133  ALA A C   1 
ATOM   859  O  O   . ALA A 1 129 ? -12.167 -4.171  -3.090  1.00 20.66 ? 133  ALA A O   1 
ATOM   860  C  CB  . ALA A 1 129 ? -11.214 -1.115  -2.641  1.00 19.37 ? 133  ALA A CB  1 
ATOM   861  N  N   . ALA A 1 130 ? -12.485 -3.450  -0.989  1.00 16.55 ? 134  ALA A N   1 
ATOM   862  C  CA  . ALA A 1 130 ? -12.423 -4.752  -0.372  1.00 20.49 ? 134  ALA A CA  1 
ATOM   863  C  C   . ALA A 1 130 ? -13.598 -5.620  -0.826  1.00 18.09 ? 134  ALA A C   1 
ATOM   864  O  O   . ALA A 1 130 ? -13.410 -6.773  -1.158  1.00 21.49 ? 134  ALA A O   1 
ATOM   865  C  CB  . ALA A 1 130 ? -12.416 -4.601  1.179   1.00 20.96 ? 134  ALA A CB  1 
ATOM   866  N  N   . GLY A 1 131 ? -14.818 -5.084  -0.815  1.00 20.57 ? 135  GLY A N   1 
ATOM   867  C  CA  . GLY A 1 131 ? -15.981 -5.911  -1.171  1.00 26.15 ? 135  GLY A CA  1 
ATOM   868  C  C   . GLY A 1 131 ? -15.922 -6.291  -2.647  1.00 28.73 ? 135  GLY A C   1 
ATOM   869  O  O   . GLY A 1 131 ? -16.296 -7.400  -3.027  1.00 33.63 ? 135  GLY A O   1 
ATOM   870  N  N   . ALA A 1 132 ? -15.444 -5.386  -3.492  1.00 25.37 ? 136  ALA A N   1 
ATOM   871  C  CA  . ALA A 1 132 ? -15.263 -5.710  -4.921  1.00 23.39 ? 136  ALA A CA  1 
ATOM   872  C  C   . ALA A 1 132 ? -14.317 -6.865  -5.160  1.00 25.43 ? 136  ALA A C   1 
ATOM   873  O  O   . ALA A 1 132 ? -14.333 -7.498  -6.230  1.00 28.30 ? 136  ALA A O   1 
ATOM   874  C  CB  . ALA A 1 132 ? -14.692 -4.526  -5.656  1.00 20.95 ? 136  ALA A CB  1 
ATOM   875  N  N   . ARG A 1 133 ? -13.451 -7.119  -4.190  1.00 21.11 ? 137  ARG A N   1 
ATOM   876  C  CA  . ARG A 1 133 ? -12.459 -8.172  -4.350  1.00 19.26 ? 137  ARG A CA  1 
ATOM   877  C  C   . ARG A 1 133 ? -12.630 -9.376  -3.417  1.00 18.68 ? 137  ARG A C   1 
ATOM   878  O  O   . ARG A 1 133 ? -11.691 -10.109 -3.181  1.00 21.34 ? 137  ARG A O   1 
ATOM   879  C  CB  . ARG A 1 133 ? -11.082 -7.516  -4.244  1.00 20.34 ? 137  ARG A CB  1 
ATOM   880  C  CG  . ARG A 1 133 ? -10.832 -6.492  -5.383  1.00 15.74 ? 137  ARG A CG  1 
ATOM   881  C  CD  . ARG A 1 133 ? -9.546  -5.680  -5.161  1.00 18.13 ? 137  ARG A CD  1 
ATOM   882  N  NE  . ARG A 1 133 ? -9.396  -4.737  -6.304  1.00 18.10 ? 137  ARG A NE  1 
ATOM   883  C  CZ  . ARG A 1 133 ? -10.147 -3.647  -6.516  1.00 22.40 ? 137  ARG A CZ  1 
ATOM   884  N  NH1 . ARG A 1 133 ? -11.115 -3.201  -5.679  1.00 21.56 ? 137  ARG A NH1 1 
ATOM   885  N  NH2 . ARG A 1 133 ? -9.914  -2.955  -7.634  1.00 23.23 ? 137  ARG A NH2 1 
ATOM   886  N  N   . GLY A 1 134 ? -13.810 -9.535  -2.838  1.00 19.31 ? 138  GLY A N   1 
ATOM   887  C  CA  . GLY A 1 134 ? -14.091 -10.757 -2.089  1.00 19.76 ? 138  GLY A CA  1 
ATOM   888  C  C   . GLY A 1 134 ? -13.460 -10.685 -0.686  1.00 25.92 ? 138  GLY A C   1 
ATOM   889  O  O   . GLY A 1 134 ? -13.204 -11.726 -0.091  1.00 26.06 ? 138  GLY A O   1 
ATOM   890  N  N   . LEU A 1 135 ? -13.223 -9.497  -0.132  1.00 20.85 ? 139  LEU A N   1 
ATOM   891  C  CA  . LEU A 1 135 ? -12.530 -9.363  1.184   1.00 21.10 ? 139  LEU A CA  1 
ATOM   892  C  C   . LEU A 1 135 ? -13.500 -8.692  2.172   1.00 23.45 ? 139  LEU A C   1 
ATOM   893  O  O   . LEU A 1 135 ? -13.053 -8.076  3.158   1.00 24.84 ? 139  LEU A O   1 
ATOM   894  C  CB  . LEU A 1 135 ? -11.253 -8.490  1.072   1.00 18.90 ? 139  LEU A CB  1 
ATOM   895  C  CG  . LEU A 1 135 ? -10.195 -9.241  0.250   1.00 17.35 ? 139  LEU A CG  1 
ATOM   896  C  CD1 . LEU A 1 135 ? -9.110  -8.158  -0.191  1.00 20.53 ? 139  LEU A CD1 1 
ATOM   897  C  CD2 . LEU A 1 135 ? -9.595  -10.481 0.950   1.00 26.41 ? 139  LEU A CD2 1 
ATOM   898  N  N   . SER A 1 136 ? -14.802 -8.787  1.933   1.00 24.48 ? 140  SER A N   1 
ATOM   899  C  CA  . SER A 1 136 ? -15.758 -8.007  2.749   1.00 30.43 ? 140  SER A CA  1 
ATOM   900  C  C   . SER A 1 136 ? -15.921 -8.531  4.189   1.00 30.15 ? 140  SER A C   1 
ATOM   901  O  O   . SER A 1 136 ? -16.413 -7.810  5.069   1.00 33.60 ? 140  SER A O   1 
ATOM   902  C  CB  . SER A 1 136 ? -17.140 -7.904  2.102   1.00 31.78 ? 140  SER A CB  1 
ATOM   903  O  OG  . SER A 1 136 ? -17.713 -9.202  2.019   1.00 37.50 ? 140  SER A OG  1 
ATOM   904  N  N   . THR A 1 137 ? -15.520 -9.767  4.434   1.00 27.48 ? 141  THR A N   1 
ATOM   905  C  CA  . THR A 1 137 ? -15.582 -10.249 5.811   1.00 34.70 ? 141  THR A CA  1 
ATOM   906  C  C   . THR A 1 137 ? -14.248 -10.305 6.571   1.00 32.38 ? 141  THR A C   1 
ATOM   907  O  O   . THR A 1 137 ? -14.231 -10.761 7.727   1.00 29.70 ? 141  THR A O   1 
ATOM   908  C  CB  . THR A 1 137 ? -16.305 -11.611 5.885   1.00 37.53 ? 141  THR A CB  1 
ATOM   909  O  OG1 . THR A 1 137 ? -15.514 -12.624 5.242   1.00 42.05 ? 141  THR A OG1 1 
ATOM   910  C  CG2 . THR A 1 137 ? -17.582 -11.564 5.047   1.00 36.34 ? 141  THR A CG2 1 
ATOM   911  N  N   . GLU A 1 138 ? -13.122 -9.870  5.982   1.00 23.79 ? 142  GLU A N   1 
ATOM   912  C  CA  . GLU A 1 138 ? -11.851 -9.887  6.720   1.00 22.63 ? 142  GLU A CA  1 
ATOM   913  C  C   . GLU A 1 138 ? -11.848 -8.785  7.803   1.00 19.88 ? 142  GLU A C   1 
ATOM   914  O  O   . GLU A 1 138 ? -12.560 -7.786  7.660   1.00 22.91 ? 142  GLU A O   1 
ATOM   915  C  CB  . GLU A 1 138 ? -10.617 -9.671  5.846   1.00 25.68 ? 142  GLU A CB  1 
ATOM   916  C  CG  . GLU A 1 138 ? -10.518 -10.606 4.644   1.00 37.96 ? 142  GLU A CG  1 
ATOM   917  C  CD  . GLU A 1 138 ? -10.762 -12.048 5.029   1.00 43.18 ? 142  GLU A CD  1 
ATOM   918  O  OE1 . GLU A 1 138 ? -10.170 -12.482 6.036   1.00 48.25 ? 142  GLU A OE1 1 
ATOM   919  O  OE2 . GLU A 1 138 ? -11.561 -12.736 4.350   1.00 46.14 ? 142  GLU A OE2 1 
ATOM   920  N  N   . SER A 1 139 ? -11.060 -8.991  8.862   1.00 23.66 ? 143  SER A N   1 
ATOM   921  C  CA  . SER A 1 139 ? -10.945 -7.979  9.944   1.00 20.94 ? 143  SER A CA  1 
ATOM   922  C  C   . SER A 1 139 ? -10.207 -6.731  9.439   1.00 25.36 ? 143  SER A C   1 
ATOM   923  O  O   . SER A 1 139 ? -9.477  -6.844  8.442   1.00 23.31 ? 143  SER A O   1 
ATOM   924  C  CB  . SER A 1 139 ? -10.181 -8.618  11.104  1.00 26.56 ? 143  SER A CB  1 
ATOM   925  O  OG  . SER A 1 139 ? -10.941 -9.728  11.549  1.00 29.71 ? 143  SER A OG  1 
ATOM   926  N  N   . ILE A 1 140 ? -10.388 -5.555  10.054  1.00 21.33 ? 144  ILE A N   1 
ATOM   927  C  CA  . ILE A 1 140 ? -9.586  -4.406  9.628   1.00 18.00 ? 144  ILE A CA  1 
ATOM   928  C  C   . ILE A 1 140 ? -8.684  -3.896  10.732  1.00 23.19 ? 144  ILE A C   1 
ATOM   929  O  O   . ILE A 1 140 ? -9.119  -3.948  11.891  1.00 21.53 ? 144  ILE A O   1 
ATOM   930  C  CB  . ILE A 1 140 ? -10.433 -3.349  8.933   1.00 23.77 ? 144  ILE A CB  1 
ATOM   931  C  CG1 . ILE A 1 140 ? -10.076 -1.871  9.150   1.00 24.14 ? 144  ILE A CG1 1 
ATOM   932  C  CG2 . ILE A 1 140 ? -11.844 -3.856  8.552   1.00 28.11 ? 144  ILE A CG2 1 
ATOM   933  C  CD1 . ILE A 1 140 ? -11.148 -0.969  8.645   1.00 31.28 ? 144  ILE A CD1 1 
ATOM   934  N  N   . LEU A 1 141 ? -7.451  -3.566  10.370  1.00 19.65 ? 145  LEU A N   1 
ATOM   935  C  CA  . LEU A 1 141 ? -6.500  -2.991  11.338  1.00 18.23 ? 145  LEU A CA  1 
ATOM   936  C  C   . LEU A 1 141 ? -6.407  -1.498  11.056  1.00 21.89 ? 145  LEU A C   1 
ATOM   937  O  O   . LEU A 1 141 ? -6.203  -1.123  9.904   1.00 18.40 ? 145  LEU A O   1 
ATOM   938  C  CB  . LEU A 1 141 ? -5.157  -3.673  11.150  1.00 18.52 ? 145  LEU A CB  1 
ATOM   939  C  CG  . LEU A 1 141 ? -3.987  -3.160  12.013  1.00 22.87 ? 145  LEU A CG  1 
ATOM   940  C  CD1 . LEU A 1 141 ? -4.207  -3.747  13.373  1.00 26.29 ? 145  LEU A CD1 1 
ATOM   941  C  CD2 . LEU A 1 141 ? -2.555  -3.469  11.426  1.00 28.06 ? 145  LEU A CD2 1 
ATOM   942  N  N   . ILE A 1 142 ? -6.590  -0.653  12.081  1.00 19.77 ? 146  ILE A N   1 
ATOM   943  C  CA  . ILE A 1 142 ? -6.510  0.786   11.986  1.00 21.71 ? 146  ILE A CA  1 
ATOM   944  C  C   . ILE A 1 142 ? -5.340  1.304   12.868  1.00 27.37 ? 146  ILE A C   1 
ATOM   945  O  O   . ILE A 1 142 ? -5.427  1.215   14.105  1.00 22.65 ? 146  ILE A O   1 
ATOM   946  C  CB  . ILE A 1 142 ? -7.883  1.371   12.413  1.00 25.94 ? 146  ILE A CB  1 
ATOM   947  C  CG1 . ILE A 1 142 ? -8.943  1.094   11.325  1.00 28.15 ? 146  ILE A CG1 1 
ATOM   948  C  CG2 . ILE A 1 142 ? -7.774  2.871   12.605  1.00 26.12 ? 146  ILE A CG2 1 
ATOM   949  C  CD1 . ILE A 1 142 ? -10.340 0.963   11.867  1.00 34.22 ? 146  ILE A CD1 1 
ATOM   950  N  N   . PRO A 1 143 ? -4.231  1.760   12.270  1.00 29.62 ? 147  PRO A N   1 
ATOM   951  C  CA  . PRO A 1 143 ? -3.168  2.437   13.042  1.00 29.74 ? 147  PRO A CA  1 
ATOM   952  C  C   . PRO A 1 143 ? -3.569  3.805   13.605  1.00 25.94 ? 147  PRO A C   1 
ATOM   953  O  O   . PRO A 1 143 ? -4.381  4.567   13.047  1.00 25.30 ? 147  PRO A O   1 
ATOM   954  C  CB  . PRO A 1 143 ? -1.999  2.602   12.050  1.00 28.98 ? 147  PRO A CB  1 
ATOM   955  C  CG  . PRO A 1 143 ? -2.367  1.829   10.729  1.00 30.35 ? 147  PRO A CG  1 
ATOM   956  C  CD  . PRO A 1 143 ? -3.880  1.645   10.828  1.00 29.01 ? 147  PRO A CD  1 
ATOM   957  N  N   . ARG A 1 144 ? -3.019  4.128   14.775  1.00 31.81 ? 148  ARG A N   1 
ATOM   958  C  CA  . ARG A 1 144 ? -3.353  5.419   15.398  1.00 35.77 ? 148  ARG A CA  1 
ATOM   959  C  C   . ARG A 1 144 ? -2.062  6.237   15.291  1.00 41.33 ? 148  ARG A C   1 
ATOM   960  O  O   . ARG A 1 144 ? -2.118  7.464   15.116  1.00 43.46 ? 148  ARG A O   1 
ATOM   961  C  CB  . ARG A 1 144 ? -3.826  5.308   16.863  1.00 35.83 ? 148  ARG A CB  1 
ATOM   962  C  CG  . ARG A 1 144 ? -5.301  4.938   17.204  1.00 43.34 ? 148  ARG A CG  1 
ATOM   963  C  CD  . ARG A 1 144 ? -5.384  4.070   18.497  1.00 44.00 ? 148  ARG A CD  1 
ATOM   964  N  NE  . ARG A 1 144 ? -6.509  4.238   19.419  1.00 46.95 ? 148  ARG A NE  1 
ATOM   965  C  CZ  . ARG A 1 144 ? -6.644  3.528   20.539  1.00 49.07 ? 148  ARG A CZ  1 
ATOM   966  N  NH1 . ARG A 1 144 ? -5.713  2.633   20.844  1.00 40.02 ? 148  ARG A NH1 1 
ATOM   967  N  NH2 . ARG A 1 144 ? -7.693  3.697   21.342  1.00 47.86 ? 148  ARG A NH2 1 
ATOM   968  N  N   . GLN A 1 145 ? -0.922  5.544   15.362  1.00 38.41 ? 149  GLN A N   1 
ATOM   969  C  CA  . GLN A 1 145 ? 0.420   6.157   15.332  1.00 50.40 ? 149  GLN A CA  1 
ATOM   970  C  C   . GLN A 1 145 ? 1.387   5.463   14.372  1.00 49.27 ? 149  GLN A C   1 
ATOM   971  O  O   . GLN A 1 145 ? 1.209   4.293   14.052  1.00 53.40 ? 149  GLN A O   1 
ATOM   972  C  CB  . GLN A 1 145 ? 1.092   6.092   16.709  1.00 52.20 ? 149  GLN A CB  1 
ATOM   973  C  CG  . GLN A 1 145 ? 1.672   4.695   17.012  1.00 53.21 ? 149  GLN A CG  1 
ATOM   974  C  CD  . GLN A 1 145 ? 2.786   4.666   18.052  1.00 54.36 ? 149  GLN A CD  1 
ATOM   975  O  OE1 . GLN A 1 145 ? 3.162   5.696   18.620  1.00 57.13 ? 149  GLN A OE1 1 
ATOM   976  N  NE2 . GLN A 1 145 ? 3.326   3.474   18.291  1.00 54.42 ? 149  GLN A NE2 1 
ATOM   977  N  N   . SER A 1 146 ? 2.428   6.166   13.933  1.00 50.20 ? 150  SER A N   1 
ATOM   978  C  CA  . SER A 1 146 ? 3.468   5.552   13.099  1.00 51.52 ? 150  SER A CA  1 
ATOM   979  C  C   . SER A 1 146 ? 4.429   4.748   13.955  1.00 54.96 ? 150  SER A C   1 
ATOM   980  O  O   . SER A 1 146 ? 5.401   5.320   14.440  1.00 55.61 ? 150  SER A O   1 
ATOM   981  C  CB  . SER A 1 146 ? 4.324   6.588   12.369  1.00 52.23 ? 150  SER A CB  1 
ATOM   982  O  OG  . SER A 1 146 ? 3.547   7.503   11.617  1.00 49.35 ? 150  SER A OG  1 
HETATM 983  ZN ZN  . ZN  B 2 .   ? -2.700  -7.966  -15.241 1.00 24.06 ? 1001 ZN  A ZN  1 
HETATM 984  ZN ZN  . ZN  C 2 .   ? -7.964  10.025  5.414   1.00 24.13 ? 1002 ZN  A ZN  1 
HETATM 985  ZN ZN  . ZN  D 2 .   ? -15.946 6.959   -2.972  1.00 35.19 ? 1003 ZN  A ZN  1 
HETATM 986  CL CL  . CL  E 3 .   ? -8.610  7.978   5.901   1.00 24.94 ? 1004 CL  A CL  1 
HETATM 987  CL CL  . CL  F 3 .   ? -6.393  10.888  6.784   1.00 29.13 ? 1005 CL  A CL  1 
HETATM 988  O  O   . HOH G 4 .   ? 9.562   11.021  -6.725  1.00 33.00 ? 1006 HOH A O   1 
HETATM 989  O  O   . HOH G 4 .   ? -7.685  5.947   23.105  1.00 36.84 ? 1007 HOH A O   1 
HETATM 990  O  O   . HOH G 4 .   ? -4.045  9.512   14.207  1.00 39.13 ? 1008 HOH A O   1 
HETATM 991  O  O   . HOH G 4 .   ? 5.077   4.825   -12.661 1.00 41.12 ? 1009 HOH A O   1 
HETATM 992  O  O   . HOH G 4 .   ? -16.122 7.094   -8.918  1.00 35.87 ? 1010 HOH A O   1 
HETATM 993  O  O   . HOH G 4 .   ? 15.861  1.894   -5.757  1.00 41.09 ? 1011 HOH A O   1 
HETATM 994  O  O   . HOH G 4 .   ? 17.582  5.234   -3.496  1.00 34.22 ? 1012 HOH A O   1 
HETATM 995  O  O   . HOH G 4 .   ? 3.236   12.981  0.357   1.00 32.13 ? 1013 HOH A O   1 
HETATM 996  O  O   . HOH G 4 .   ? -19.593 1.891   5.200   1.00 40.61 ? 1014 HOH A O   1 
HETATM 997  O  O   . HOH G 4 .   ? -17.776 1.193   7.828   1.00 36.20 ? 1015 HOH A O   1 
HETATM 998  O  O   . HOH G 4 .   ? -0.585  5.996   10.172  1.00 38.84 ? 1016 HOH A O   1 
HETATM 999  O  O   . HOH G 4 .   ? -2.711  16.819  -3.843  1.00 43.32 ? 1017 HOH A O   1 
HETATM 1000 O  O   . HOH G 4 .   ? -7.501  17.921  11.083  1.00 46.16 ? 1018 HOH A O   1 
HETATM 1001 O  O   . HOH G 4 .   ? -17.474 -4.091  11.409  1.00 43.75 ? 1019 HOH A O   1 
HETATM 1002 O  O   . HOH G 4 .   ? -10.042 -8.922  -7.900  1.00 36.01 ? 1020 HOH A O   1 
HETATM 1003 O  O   . HOH G 4 .   ? 1.925   9.487   12.301  1.00 42.95 ? 1021 HOH A O   1 
HETATM 1004 O  O   . HOH G 4 .   ? 11.522  6.075   -2.051  1.00 26.37 ? 1022 HOH A O   1 
HETATM 1005 O  O   . HOH G 4 .   ? -8.773  -15.275 -4.888  1.00 34.72 ? 1023 HOH A O   1 
HETATM 1006 O  O   . HOH G 4 .   ? -6.640  8.729   -5.525  1.00 25.37 ? 1024 HOH A O   1 
HETATM 1007 O  O   . HOH G 4 .   ? -12.586 -0.889  -6.361  1.00 33.44 ? 1025 HOH A O   1 
HETATM 1008 O  O   . HOH G 4 .   ? -13.516 -10.278 10.519  1.00 34.70 ? 1026 HOH A O   1 
HETATM 1009 O  O   . HOH G 4 .   ? -14.675 7.492   6.288   1.00 36.07 ? 1027 HOH A O   1 
HETATM 1010 O  O   . HOH G 4 .   ? 2.887   12.818  3.338   1.00 36.11 ? 1028 HOH A O   1 
HETATM 1011 O  O   . HOH G 4 .   ? -4.716  16.901  9.688   1.00 51.27 ? 1029 HOH A O   1 
HETATM 1012 O  O   . HOH G 4 .   ? 11.804  -11.630 -1.541  1.00 27.10 ? 1030 HOH A O   1 
HETATM 1013 O  O   . HOH G 4 .   ? -8.114  -5.987  -8.434  1.00 24.27 ? 1031 HOH A O   1 
HETATM 1014 O  O   . HOH G 4 .   ? -8.109  -3.420  -9.881  1.00 36.25 ? 1032 HOH A O   1 
HETATM 1015 O  O   . HOH G 4 .   ? -9.894  15.916  3.043   1.00 28.96 ? 1033 HOH A O   1 
HETATM 1016 O  O   . HOH G 4 .   ? -6.291  -9.317  3.755   1.00 29.86 ? 1034 HOH A O   1 
HETATM 1017 O  O   . HOH G 4 .   ? -6.837  -4.796  -9.283  1.00 34.75 ? 1035 HOH A O   1 
HETATM 1018 O  O   . HOH G 4 .   ? -2.169  8.078   9.666   1.00 33.84 ? 1036 HOH A O   1 
HETATM 1019 O  O   . HOH G 4 .   ? 0.889   -13.055 -7.349  1.00 61.98 ? 1037 HOH A O   1 
HETATM 1020 O  O   . HOH G 4 .   ? 2.487   -6.273  1.345   1.00 46.02 ? 1038 HOH A O   1 
HETATM 1021 O  O   . HOH G 4 .   ? 0.393   3.281   -14.189 1.00 38.44 ? 1039 HOH A O   1 
HETATM 1022 O  O   . HOH G 4 .   ? -11.232 -9.238  -10.039 1.00 52.10 ? 1040 HOH A O   1 
HETATM 1023 O  O   . HOH G 4 .   ? -14.155 7.145   0.546   1.00 28.92 ? 1041 HOH A O   1 
HETATM 1024 O  O   . HOH G 4 .   ? 16.374  -11.310 3.160   1.00 43.62 ? 1042 HOH A O   1 
HETATM 1025 O  O   . HOH G 4 .   ? 0.470   -10.661 -13.174 1.00 41.92 ? 1043 HOH A O   1 
HETATM 1026 O  O   . HOH G 4 .   ? 15.561  7.146   -1.935  1.00 49.80 ? 1044 HOH A O   1 
HETATM 1027 O  O   . HOH G 4 .   ? 1.980   1.428   3.292   1.00 42.95 ? 1045 HOH A O   1 
HETATM 1028 O  O   . HOH G 4 .   ? -15.162 0.597   10.231  1.00 63.44 ? 1046 HOH A O   1 
HETATM 1029 O  O   . HOH G 4 .   ? -8.455  3.434   -9.987  1.00 33.00 ? 1047 HOH A O   1 
HETATM 1030 O  O   . HOH G 4 .   ? 5.859   -11.321 -2.121  1.00 47.80 ? 1048 HOH A O   1 
HETATM 1031 O  O   . HOH G 4 .   ? 6.696   -3.834  -21.759 1.00 65.43 ? 1049 HOH A O   1 
HETATM 1032 O  O   . HOH G 4 .   ? 6.746   -7.040  -1.942  1.00 31.59 ? 1050 HOH A O   1 
HETATM 1033 O  O   . HOH G 4 .   ? -16.963 9.190   -9.446  1.00 50.99 ? 1051 HOH A O   1 
HETATM 1034 O  O   . HOH G 4 .   ? 16.375  -8.598  3.179   1.00 52.48 ? 1052 HOH A O   1 
HETATM 1035 O  O   . HOH G 4 .   ? -11.326 -0.489  -8.525  1.00 38.54 ? 1053 HOH A O   1 
HETATM 1036 O  O   . HOH G 4 .   ? 8.464   -5.575  -2.144  1.00 62.54 ? 1054 HOH A O   1 
HETATM 1037 O  O   . HOH G 4 .   ? -9.830  15.368  5.776   1.00 40.91 ? 1055 HOH A O   1 
HETATM 1038 O  O   . HOH G 4 .   ? 9.680   -1.427  1.047   1.00 52.08 ? 1056 HOH A O   1 
HETATM 1039 O  O   . HOH G 4 .   ? 11.216  -2.510  0.950   1.00 49.44 ? 1057 HOH A O   1 
HETATM 1040 O  O   . HOH G 4 .   ? -4.427  10.145  26.282  1.00 61.70 ? 1058 HOH A O   1 
HETATM 1041 O  O   . HOH G 4 .   ? -18.010 5.788   -3.372  1.00 35.48 ? 1059 HOH A O   1 
HETATM 1042 O  O   . HOH G 4 .   ? -4.283  -7.964  -13.727 1.00 16.38 ? 1060 HOH A O   1 
HETATM 1043 O  O   . HOH G 4 .   ? -15.817 7.967   -1.499  1.00 29.34 ? 1061 HOH A O   1 
HETATM 1044 O  O   . HOH G 4 .   ? 8.782   3.889   7.823   1.00 28.20 ? 1062 HOH A O   1 
HETATM 1045 O  O   . HOH G 4 .   ? 9.899   6.469   4.935   1.00 48.95 ? 1063 HOH A O   1 
HETATM 1046 O  O   . HOH G 4 .   ? 4.016   -4.484  1.159   1.00 38.09 ? 1064 HOH A O   1 
HETATM 1047 O  O   . HOH G 4 .   ? -12.746 -9.904  -11.752 1.00 31.59 ? 1065 HOH A O   1 
HETATM 1048 O  O   . HOH G 4 .   ? -16.661 -9.664  -0.375  1.00 46.64 ? 1066 HOH A O   1 
HETATM 1049 O  O   . HOH G 4 .   ? -10.146 -14.677 -0.057  1.00 35.31 ? 1067 HOH A O   1 
HETATM 1050 O  O   . HOH G 4 .   ? 0.485   4.317   -11.653 1.00 38.91 ? 1068 HOH A O   1 
HETATM 1051 O  O   . HOH G 4 .   ? -18.297 4.229   4.653   1.00 52.35 ? 1069 HOH A O   1 
HETATM 1052 O  O   . HOH G 4 .   ? -17.720 -2.924  -4.130  1.00 49.05 ? 1070 HOH A O   1 
HETATM 1053 O  O   . HOH G 4 .   ? 14.550  0.989   -12.179 1.00 41.77 ? 1071 HOH A O   1 
HETATM 1054 O  O   . HOH G 4 .   ? -4.288  4.143   -13.273 1.00 53.02 ? 1072 HOH A O   1 
HETATM 1055 O  O   . HOH G 4 .   ? -8.383  9.003   25.279  1.00 60.51 ? 1073 HOH A O   1 
HETATM 1056 O  O   . HOH G 4 .   ? 4.505   -9.933  -1.351  1.00 45.65 ? 1074 HOH A O   1 
HETATM 1057 O  O   . HOH G 4 .   ? -15.768 1.725   -8.349  1.00 70.42 ? 1075 HOH A O   1 
HETATM 1058 O  O   . HOH G 4 .   ? 12.954  10.673  -12.412 1.00 76.48 ? 1076 HOH A O   1 
HETATM 1059 O  O   . HOH G 4 .   ? 1.385   -10.580 4.998   1.00 56.82 ? 1077 HOH A O   1 
HETATM 1060 O  O   . HOH G 4 .   ? -1.450  16.401  4.364   1.00 49.42 ? 1078 HOH A O   1 
HETATM 1061 O  O   . HOH G 4 .   ? -7.366  -15.173 -0.523  1.00 60.39 ? 1079 HOH A O   1 
HETATM 1062 O  O   . HOH G 4 .   ? 2.206   -4.038  -1.741  1.00 55.41 ? 1080 HOH A O   1 
HETATM 1063 O  O   . HOH G 4 .   ? 7.544   11.817  -10.573 1.00 59.83 ? 1081 HOH A O   1 
HETATM 1064 O  O   . HOH G 4 .   ? -1.637  17.008  9.981   1.00 58.18 ? 1082 HOH A O   1 
HETATM 1065 O  O   . HOH G 4 .   ? 9.182   8.861   8.101   1.00 59.68 ? 1083 HOH A O   1 
HETATM 1066 O  O   . HOH G 4 .   ? 12.984  -14.564 -6.202  1.00 52.01 ? 1084 HOH A O   1 
HETATM 1067 O  O   . HOH G 4 .   ? -15.305 -18.179 5.128   1.00 76.75 ? 1085 HOH A O   1 
HETATM 1068 O  O   . HOH G 4 .   ? -9.266  5.195   15.667  1.00 59.62 ? 1086 HOH A O   1 
HETATM 1069 O  O   . HOH G 4 .   ? 9.206   -7.788  -10.152 1.00 35.41 ? 1087 HOH A O   1 
HETATM 1070 O  O   . HOH G 4 .   ? -12.207 4.038   -4.834  1.00 43.99 ? 1088 HOH A O   1 
HETATM 1071 O  O   . HOH G 4 .   ? -4.289  11.974  4.409   1.00 31.56 ? 1089 HOH A O   1 
HETATM 1072 O  O   . HOH G 4 .   ? -9.522  -15.030 5.662   1.00 46.45 ? 1090 HOH A O   1 
HETATM 1073 O  O   . HOH G 4 .   ? -14.803 12.639  2.915   1.00 46.09 ? 1091 HOH A O   1 
HETATM 1074 O  O   . HOH G 4 .   ? -12.752 -9.317  -8.095  1.00 36.83 ? 1092 HOH A O   1 
HETATM 1075 O  O   . HOH G 4 .   ? -4.977  -13.494 2.202   1.00 38.88 ? 1093 HOH A O   1 
HETATM 1076 O  O   . HOH G 4 .   ? -4.241  4.004   -11.040 1.00 50.63 ? 1094 HOH A O   1 
HETATM 1077 O  O   . HOH G 4 .   ? -14.295 -12.089 2.856   1.00 39.93 ? 1095 HOH A O   1 
HETATM 1078 O  O   . HOH G 4 .   ? -7.353  -13.139 2.316   1.00 52.61 ? 1096 HOH A O   1 
HETATM 1079 O  O   . HOH G 4 .   ? 5.184   13.745  4.911   1.00 40.60 ? 1097 HOH A O   1 
HETATM 1080 O  O   . HOH G 4 .   ? -10.835 15.495  7.884   1.00 46.15 ? 1098 HOH A O   1 
HETATM 1081 O  O   . HOH G 4 .   ? 15.844  7.737   -4.416  1.00 62.24 ? 1099 HOH A O   1 
HETATM 1082 O  O   . HOH G 4 .   ? 17.665  7.346   0.858   1.00 48.85 ? 1100 HOH A O   1 
HETATM 1083 O  O   . HOH G 4 .   ? -8.994  19.297  5.818   1.00 45.34 ? 1101 HOH A O   1 
HETATM 1084 O  O   . HOH G 4 .   ? -6.716  9.309   27.132  1.00 58.48 ? 1102 HOH A O   1 
HETATM 1085 O  O   . HOH G 4 .   ? -2.270  -5.571  1.861   1.00 47.36 ? 1103 HOH A O   1 
HETATM 1086 O  O   . HOH G 4 .   ? 14.173  -4.152  12.424  1.00 54.67 ? 1104 HOH A O   1 
HETATM 1087 O  O   . HOH G 4 .   ? -4.020  -14.526 -4.255  1.00 57.90 ? 1105 HOH A O   1 
HETATM 1088 O  O   . HOH G 4 .   ? -12.820 -13.288 2.615   1.00 55.13 ? 1106 HOH A O   1 
HETATM 1089 O  O   . HOH G 4 .   ? 14.059  -9.733  7.705   1.00 49.78 ? 1107 HOH A O   1 
HETATM 1090 O  O   . HOH G 4 .   ? 7.080   -4.276  -19.336 1.00 62.41 ? 1108 HOH A O   1 
HETATM 1091 O  O   . HOH G 4 .   ? -16.841 -1.469  -7.251  1.00 60.62 ? 1109 HOH A O   1 
HETATM 1092 O  O   . HOH G 4 .   ? 8.212   3.494   10.410  1.00 44.10 ? 1110 HOH A O   1 
HETATM 1093 O  O   . HOH G 4 .   ? 6.286   0.559   -18.406 1.00 63.59 ? 1111 HOH A O   1 
HETATM 1094 O  O   . HOH G 4 .   ? 10.417  -0.854  -17.290 1.00 54.30 ? 1112 HOH A O   1 
HETATM 1095 O  O   . HOH G 4 .   ? 5.562   -14.969 -12.776 1.00 54.18 ? 1113 HOH A O   1 
HETATM 1096 O  O   . HOH G 4 .   ? -19.830 -8.846  -5.362  1.00 63.47 ? 1114 HOH A O   1 
HETATM 1097 O  O   . HOH G 4 .   ? 10.797  -1.466  -20.659 1.00 76.29 ? 1115 HOH A O   1 
HETATM 1098 O  O   . HOH G 4 .   ? -16.889 8.981   6.678   1.00 74.42 ? 1116 HOH A O   1 
HETATM 1099 O  O   . HOH G 4 .   ? -2.026  -3.817  -0.182  1.00 28.12 ? 1117 HOH A O   1 
HETATM 1100 O  O   . HOH G 4 .   ? -9.262  12.277  13.716  1.00 59.74 ? 1118 HOH A O   1 
HETATM 1101 O  O   . HOH G 4 .   ? -5.076  -0.413  -10.987 1.00 40.22 ? 1119 HOH A O   1 
HETATM 1102 O  O   . HOH G 4 .   ? -8.673  18.827  3.543   1.00 41.39 ? 1120 HOH A O   1 
HETATM 1103 O  O   . HOH G 4 .   ? -8.244  15.622  1.729   1.00 54.71 ? 1121 HOH A O   1 
HETATM 1104 O  O   . HOH G 4 .   ? -2.650  5.333   -10.435 1.00 56.75 ? 1122 HOH A O   1 
HETATM 1105 O  O   . HOH G 4 .   ? 10.694  4.671   14.955  1.00 63.15 ? 1123 HOH A O   1 
HETATM 1106 O  O   . HOH G 4 .   ? -18.095 8.196   3.125   1.00 35.59 ? 1124 HOH A O   1 
HETATM 1107 O  O   . HOH G 4 .   ? 1.614   1.417   -18.624 1.00 52.40 ? 1125 HOH A O   1 
HETATM 1108 O  O   . HOH G 4 .   ? 5.445   14.697  -1.856  1.00 59.97 ? 1126 HOH A O   1 
HETATM 1109 O  O   . HOH G 4 .   ? 11.153  -9.889  15.906  1.00 76.55 ? 1127 HOH A O   1 
HETATM 1110 O  O   . HOH G 4 .   ? 0.504   14.820  13.024  1.00 53.74 ? 1128 HOH A O   1 
HETATM 1111 O  O   . HOH G 4 .   ? -16.710 -6.691  -8.624  1.00 63.95 ? 1129 HOH A O   1 
HETATM 1112 O  O   . HOH G 4 .   ? 10.927  -5.559  16.108  1.00 64.67 ? 1130 HOH A O   1 
HETATM 1113 O  O   . HOH G 4 .   ? 12.462  -11.346 6.818   1.00 71.60 ? 1131 HOH A O   1 
HETATM 1114 O  O   . HOH G 4 .   ? -15.320 7.700   3.364   1.00 29.21 ? 1132 HOH A O   1 
HETATM 1115 O  O   . HOH G 4 .   ? 21.380  -5.490  11.505  1.00 48.46 ? 1133 HOH A O   1 
HETATM 1116 O  O   . HOH G 4 .   ? 8.722   -16.622 0.325   1.00 55.89 ? 1134 HOH A O   1 
HETATM 1117 O  O   . HOH G 4 .   ? -9.237  -17.447 -4.196  1.00 44.12 ? 1135 HOH A O   1 
HETATM 1118 O  O   . HOH G 4 .   ? -12.547 -12.784 13.168  1.00 57.42 ? 1136 HOH A O   1 
HETATM 1119 O  O   . HOH G 4 .   ? -7.160  18.181  5.504   1.00 46.22 ? 1137 HOH A O   1 
HETATM 1120 O  O   . HOH G 4 .   ? -19.600 8.139   -4.108  1.00 49.75 ? 1138 HOH A O   1 
HETATM 1121 O  O   . HOH G 4 .   ? 5.794   -6.862  0.464   1.00 58.45 ? 1139 HOH A O   1 
HETATM 1122 O  O   . HOH G 4 .   ? -17.335 -10.389 -3.008  1.00 60.77 ? 1140 HOH A O   1 
HETATM 1123 O  O   . HOH G 4 .   ? -11.444 -11.936 14.988  1.00 52.46 ? 1141 HOH A O   1 
HETATM 1124 O  O   . HOH G 4 .   ? -6.290  -14.044 6.752   1.00 63.49 ? 1142 HOH A O   1 
HETATM 1125 O  O   . HOH G 4 .   ? 19.553  5.367   2.187   1.00 57.89 ? 1143 HOH A O   1 
HETATM 1126 O  O   . HOH G 4 .   ? 16.988  -3.276  11.700  1.00 57.98 ? 1144 HOH A O   1 
HETATM 1127 O  O   . HOH G 4 .   ? 9.849   -5.615  -15.539 1.00 65.73 ? 1145 HOH A O   1 
HETATM 1128 O  O   . HOH G 4 .   ? -12.884 -4.882  -9.179  1.00 59.73 ? 1146 HOH A O   1 
HETATM 1129 O  O   . HOH G 4 .   ? -19.055 -7.762  6.903   1.00 54.90 ? 1147 HOH A O   1 
HETATM 1130 O  O   . HOH G 4 .   ? 7.173   -1.430  -22.904 1.00 75.77 ? 1148 HOH A O   1 
HETATM 1131 O  O   . HOH G 4 .   ? 3.497   -13.783 3.639   1.00 66.61 ? 1149 HOH A O   1 
HETATM 1132 O  O   . HOH G 4 .   ? 16.023  -10.761 8.358   1.00 70.01 ? 1150 HOH A O   1 
HETATM 1133 O  O   . HOH G 4 .   ? 16.371  5.952   -12.372 1.00 61.34 ? 1151 HOH A O   1 
# 
